data_2J1A
# 
_entry.id   2J1A 
# 
_audit_conform.dict_name       mmcif_pdbx.dic 
_audit_conform.dict_version    5.391 
_audit_conform.dict_location   http://mmcif.pdb.org/dictionaries/ascii/mmcif_pdbx.dic 
# 
loop_
_database_2.database_id 
_database_2.database_code 
_database_2.pdbx_database_accession 
_database_2.pdbx_DOI 
PDB   2J1A         pdb_00002j1a 10.2210/pdb2j1a/pdb 
PDBE  EBI-29646    ?            ?                   
WWPDB D_1290029646 ?            ?                   
# 
loop_
_pdbx_audit_revision_history.ordinal 
_pdbx_audit_revision_history.data_content_type 
_pdbx_audit_revision_history.major_revision 
_pdbx_audit_revision_history.minor_revision 
_pdbx_audit_revision_history.revision_date 
1 'Structure model' 1 0 2006-08-22 
2 'Structure model' 1 1 2011-05-08 
3 'Structure model' 1 2 2011-07-13 
4 'Structure model' 1 3 2020-07-29 
5 'Structure model' 1 4 2024-05-08 
# 
loop_
_pdbx_audit_revision_details.ordinal 
_pdbx_audit_revision_details.revision_ordinal 
_pdbx_audit_revision_details.data_content_type 
_pdbx_audit_revision_details.provider 
_pdbx_audit_revision_details.type 
_pdbx_audit_revision_details.description 
_pdbx_audit_revision_details.details 
1 1 'Structure model' repository 'Initial release' ?                          ? 
2 4 'Structure model' repository Remediation       'Carbohydrate remediation' ? 
# 
loop_
_pdbx_audit_revision_group.ordinal 
_pdbx_audit_revision_group.revision_ordinal 
_pdbx_audit_revision_group.data_content_type 
_pdbx_audit_revision_group.group 
1 2 'Structure model' 'Version format compliance' 
2 3 'Structure model' 'Version format compliance' 
3 4 'Structure model' 'Data collection'           
4 4 'Structure model' 'Derived calculations'      
5 4 'Structure model' Other                       
6 4 'Structure model' 'Structure summary'         
7 5 'Structure model' 'Data collection'           
8 5 'Structure model' 'Database references'       
9 5 'Structure model' 'Structure summary'         
# 
loop_
_pdbx_audit_revision_category.ordinal 
_pdbx_audit_revision_category.revision_ordinal 
_pdbx_audit_revision_category.data_content_type 
_pdbx_audit_revision_category.category 
1  4 'Structure model' chem_comp                 
2  4 'Structure model' entity                    
3  4 'Structure model' pdbx_chem_comp_identifier 
4  4 'Structure model' pdbx_database_status      
5  4 'Structure model' pdbx_entity_nonpoly       
6  4 'Structure model' pdbx_struct_conn_angle    
7  4 'Structure model' struct_conn               
8  4 'Structure model' struct_site               
9  4 'Structure model' struct_site_gen           
10 5 'Structure model' chem_comp                 
11 5 'Structure model' chem_comp_atom            
12 5 'Structure model' chem_comp_bond            
13 5 'Structure model' database_2                
# 
loop_
_pdbx_audit_revision_item.ordinal 
_pdbx_audit_revision_item.revision_ordinal 
_pdbx_audit_revision_item.data_content_type 
_pdbx_audit_revision_item.item 
1  4 'Structure model' '_chem_comp.name'                             
2  4 'Structure model' '_chem_comp.type'                             
3  4 'Structure model' '_entity.pdbx_description'                    
4  4 'Structure model' '_pdbx_database_status.status_code_sf'        
5  4 'Structure model' '_pdbx_entity_nonpoly.name'                   
6  4 'Structure model' '_pdbx_struct_conn_angle.ptnr1_auth_comp_id'  
7  4 'Structure model' '_pdbx_struct_conn_angle.ptnr1_auth_seq_id'   
8  4 'Structure model' '_pdbx_struct_conn_angle.ptnr1_label_atom_id' 
9  4 'Structure model' '_pdbx_struct_conn_angle.ptnr1_label_comp_id' 
10 4 'Structure model' '_pdbx_struct_conn_angle.ptnr1_label_seq_id'  
11 4 'Structure model' '_pdbx_struct_conn_angle.ptnr3_auth_comp_id'  
12 4 'Structure model' '_pdbx_struct_conn_angle.ptnr3_auth_seq_id'   
13 4 'Structure model' '_pdbx_struct_conn_angle.ptnr3_label_atom_id' 
14 4 'Structure model' '_pdbx_struct_conn_angle.ptnr3_label_comp_id' 
15 4 'Structure model' '_pdbx_struct_conn_angle.ptnr3_label_seq_id'  
16 4 'Structure model' '_pdbx_struct_conn_angle.value'               
17 4 'Structure model' '_struct_conn.pdbx_dist_value'                
18 4 'Structure model' '_struct_conn.ptnr1_auth_comp_id'             
19 4 'Structure model' '_struct_conn.ptnr1_auth_seq_id'              
20 4 'Structure model' '_struct_conn.ptnr1_label_asym_id'            
21 4 'Structure model' '_struct_conn.ptnr1_label_atom_id'            
22 4 'Structure model' '_struct_conn.ptnr1_label_comp_id'            
23 4 'Structure model' '_struct_conn.ptnr1_label_seq_id'             
24 4 'Structure model' '_struct_conn.ptnr2_auth_comp_id'             
25 4 'Structure model' '_struct_conn.ptnr2_auth_seq_id'              
26 4 'Structure model' '_struct_conn.ptnr2_label_asym_id'            
27 4 'Structure model' '_struct_conn.ptnr2_label_atom_id'            
28 4 'Structure model' '_struct_conn.ptnr2_label_comp_id'            
29 4 'Structure model' '_struct_conn.ptnr2_label_seq_id'             
30 5 'Structure model' '_chem_comp.pdbx_synonyms'                    
31 5 'Structure model' '_database_2.pdbx_DOI'                        
32 5 'Structure model' '_database_2.pdbx_database_accession'         
# 
_pdbx_database_status.status_code                     REL 
_pdbx_database_status.entry_id                        2J1A 
_pdbx_database_status.deposit_site                    PDBE 
_pdbx_database_status.process_site                    PDBE 
_pdbx_database_status.SG_entry                        . 
_pdbx_database_status.recvd_initial_deposition_date   2006-08-09 
_pdbx_database_status.pdb_format_compatible           Y 
_pdbx_database_status.status_code_sf                  REL 
_pdbx_database_status.status_code_mr                  ? 
_pdbx_database_status.status_code_cs                  ? 
_pdbx_database_status.methods_development_category    ? 
_pdbx_database_status.status_code_nmr_data            ? 
# 
loop_
_pdbx_database_related.db_name 
_pdbx_database_related.db_id 
_pdbx_database_related.content_type 
_pdbx_database_related.details 
PDB 2CBI unspecified 
'STRUCTURE OF THE CLOSTRIDIUM PERFRINGENS NAGJ FAMILY 84 GLYCOSIDE HYDROLASE, A HOMOLOGUE OF HUMAN O-GLCNACASE' 
PDB 2CBJ unspecified 
;STRUCTURE OF THE CLOSTRIDIUM PERFRINGENS NAGJ FAMILY 84 GLYCOSIDE HYDROLASE, A HOMOLOGUE OF HUMAN O-GLCNACASE IN COMPLEX WITH PUGNAC
;
PDB 2J1E unspecified 'HIGH RESOLUTION CRYSTAL STRUCTURE OF CBM32 FROM A N-ACETYL-BETA-HEXOSAMINIDASE IN COMPLEX WITH LACNAC' 
PDB 2J1F unspecified 
'HIGH RESOLUTION CRYSTAL STRUCTURE OF CBM32 FROM A N-ACETYL-BETA-HEXOSAMINIDASE IN COMPLEX WITH THE H-TRISACCHARIDE' 
# 
loop_
_audit_author.name 
_audit_author.pdbx_ordinal 
'Ficko-Blean, E.' 1 
'Boraston, A.B.'  2 
# 
_citation.id                        primary 
_citation.title                     
;The Interaction of a Carbohydrate-Binding Module from a Clostridium Perfringens N-Acetyl-Beta-Hexosaminidase with its Carbohydrate Receptor
;
_citation.journal_abbrev            J.Biol.Chem. 
_citation.journal_volume            281 
_citation.page_first                37748 
_citation.page_last                 ? 
_citation.year                      2006 
_citation.journal_id_ASTM           JBCHA3 
_citation.country                   US 
_citation.journal_id_ISSN           0021-9258 
_citation.journal_id_CSD            0071 
_citation.book_publisher            ? 
_citation.pdbx_database_id_PubMed   16990278 
_citation.pdbx_database_id_DOI      10.1074/JBC.M606126200 
# 
loop_
_citation_author.citation_id 
_citation_author.name 
_citation_author.ordinal 
_citation_author.identifier_ORCID 
primary 'Ficko-Blean, E.' 1 ? 
primary 'Boraston, A.B.'  2 ? 
# 
loop_
_entity.id 
_entity.type 
_entity.src_method 
_entity.pdbx_description 
_entity.formula_weight 
_entity.pdbx_number_of_molecules 
_entity.pdbx_ec 
_entity.pdbx_mutation 
_entity.pdbx_fragment 
_entity.details 
1 polymer     man HYALURONIDASE          16414.889 1   ? ? 'CARBOHYDRATE BINDING MODULE, RESIDUES 625-767' 
'IN COMPLEX WITH GALACTOSE' 
2 non-polymer man beta-D-galactopyranose 180.156   1   ? ? ?                                               ? 
3 non-polymer syn 'CALCIUM ION'          40.078    1   ? ? ?                                               ? 
4 water       nat water                  18.015    179 ? ? ?                                               ? 
# 
_entity_name_com.entity_id   1 
_entity_name_com.name        CBM32 
# 
_entity_poly.entity_id                      1 
_entity_poly.type                           'polypeptide(L)' 
_entity_poly.nstd_linkage                   no 
_entity_poly.nstd_monomer                   no 
_entity_poly.pdbx_seq_one_letter_code       
;KGIDPFTNPRTVKITASSEETSGENAPASFASDGDMNTFWHSKWSSPAHEGPHHLTLELDNVYEINKVKYAPRQDSKNGR
ITGYKVSVSLDGENFTEVKTGTLEDNAAIKFIEFDSVDAKYVRLDVTDSVSDQANGRGKFATAAEVNVHG
;
_entity_poly.pdbx_seq_one_letter_code_can   
;KGIDPFTNPRTVKITASSEETSGENAPASFASDGDMNTFWHSKWSSPAHEGPHHLTLELDNVYEINKVKYAPRQDSKNGR
ITGYKVSVSLDGENFTEVKTGTLEDNAAIKFIEFDSVDAKYVRLDVTDSVSDQANGRGKFATAAEVNVHG
;
_entity_poly.pdbx_strand_id                 A 
_entity_poly.pdbx_target_identifier         ? 
# 
loop_
_pdbx_entity_nonpoly.entity_id 
_pdbx_entity_nonpoly.name 
_pdbx_entity_nonpoly.comp_id 
2 beta-D-galactopyranose GAL 
3 'CALCIUM ION'          CA  
4 water                  HOH 
# 
loop_
_entity_poly_seq.entity_id 
_entity_poly_seq.num 
_entity_poly_seq.mon_id 
_entity_poly_seq.hetero 
1 1   LYS n 
1 2   GLY n 
1 3   ILE n 
1 4   ASP n 
1 5   PRO n 
1 6   PHE n 
1 7   THR n 
1 8   ASN n 
1 9   PRO n 
1 10  ARG n 
1 11  THR n 
1 12  VAL n 
1 13  LYS n 
1 14  ILE n 
1 15  THR n 
1 16  ALA n 
1 17  SER n 
1 18  SER n 
1 19  GLU n 
1 20  GLU n 
1 21  THR n 
1 22  SER n 
1 23  GLY n 
1 24  GLU n 
1 25  ASN n 
1 26  ALA n 
1 27  PRO n 
1 28  ALA n 
1 29  SER n 
1 30  PHE n 
1 31  ALA n 
1 32  SER n 
1 33  ASP n 
1 34  GLY n 
1 35  ASP n 
1 36  MET n 
1 37  ASN n 
1 38  THR n 
1 39  PHE n 
1 40  TRP n 
1 41  HIS n 
1 42  SER n 
1 43  LYS n 
1 44  TRP n 
1 45  SER n 
1 46  SER n 
1 47  PRO n 
1 48  ALA n 
1 49  HIS n 
1 50  GLU n 
1 51  GLY n 
1 52  PRO n 
1 53  HIS n 
1 54  HIS n 
1 55  LEU n 
1 56  THR n 
1 57  LEU n 
1 58  GLU n 
1 59  LEU n 
1 60  ASP n 
1 61  ASN n 
1 62  VAL n 
1 63  TYR n 
1 64  GLU n 
1 65  ILE n 
1 66  ASN n 
1 67  LYS n 
1 68  VAL n 
1 69  LYS n 
1 70  TYR n 
1 71  ALA n 
1 72  PRO n 
1 73  ARG n 
1 74  GLN n 
1 75  ASP n 
1 76  SER n 
1 77  LYS n 
1 78  ASN n 
1 79  GLY n 
1 80  ARG n 
1 81  ILE n 
1 82  THR n 
1 83  GLY n 
1 84  TYR n 
1 85  LYS n 
1 86  VAL n 
1 87  SER n 
1 88  VAL n 
1 89  SER n 
1 90  LEU n 
1 91  ASP n 
1 92  GLY n 
1 93  GLU n 
1 94  ASN n 
1 95  PHE n 
1 96  THR n 
1 97  GLU n 
1 98  VAL n 
1 99  LYS n 
1 100 THR n 
1 101 GLY n 
1 102 THR n 
1 103 LEU n 
1 104 GLU n 
1 105 ASP n 
1 106 ASN n 
1 107 ALA n 
1 108 ALA n 
1 109 ILE n 
1 110 LYS n 
1 111 PHE n 
1 112 ILE n 
1 113 GLU n 
1 114 PHE n 
1 115 ASP n 
1 116 SER n 
1 117 VAL n 
1 118 ASP n 
1 119 ALA n 
1 120 LYS n 
1 121 TYR n 
1 122 VAL n 
1 123 ARG n 
1 124 LEU n 
1 125 ASP n 
1 126 VAL n 
1 127 THR n 
1 128 ASP n 
1 129 SER n 
1 130 VAL n 
1 131 SER n 
1 132 ASP n 
1 133 GLN n 
1 134 ALA n 
1 135 ASN n 
1 136 GLY n 
1 137 ARG n 
1 138 GLY n 
1 139 LYS n 
1 140 PHE n 
1 141 ALA n 
1 142 THR n 
1 143 ALA n 
1 144 ALA n 
1 145 GLU n 
1 146 VAL n 
1 147 ASN n 
1 148 VAL n 
1 149 HIS n 
1 150 GLY n 
# 
_entity_src_gen.entity_id                          1 
_entity_src_gen.pdbx_src_id                        1 
_entity_src_gen.pdbx_alt_source_flag               sample 
_entity_src_gen.pdbx_seq_type                      ? 
_entity_src_gen.pdbx_beg_seq_num                   ? 
_entity_src_gen.pdbx_end_seq_num                   ? 
_entity_src_gen.gene_src_common_name               ? 
_entity_src_gen.gene_src_genus                     ? 
_entity_src_gen.pdbx_gene_src_gene                 ? 
_entity_src_gen.gene_src_species                   ? 
_entity_src_gen.gene_src_strain                    ? 
_entity_src_gen.gene_src_tissue                    ? 
_entity_src_gen.gene_src_tissue_fraction           ? 
_entity_src_gen.gene_src_details                   ? 
_entity_src_gen.pdbx_gene_src_fragment             ? 
_entity_src_gen.pdbx_gene_src_scientific_name      'CLOSTRIDIUM PERFRINGENS' 
_entity_src_gen.pdbx_gene_src_ncbi_taxonomy_id     195103 
_entity_src_gen.pdbx_gene_src_variant              ? 
_entity_src_gen.pdbx_gene_src_cell_line            ? 
_entity_src_gen.pdbx_gene_src_atcc                 13124 
_entity_src_gen.pdbx_gene_src_organ                ? 
_entity_src_gen.pdbx_gene_src_organelle            ? 
_entity_src_gen.pdbx_gene_src_cell                 ? 
_entity_src_gen.pdbx_gene_src_cellular_location    ? 
_entity_src_gen.host_org_common_name               ? 
_entity_src_gen.pdbx_host_org_scientific_name      'ESCHERICHIA COLI' 
_entity_src_gen.pdbx_host_org_ncbi_taxonomy_id     562 
_entity_src_gen.host_org_genus                     ? 
_entity_src_gen.pdbx_host_org_gene                 ? 
_entity_src_gen.pdbx_host_org_organ                ? 
_entity_src_gen.host_org_species                   ? 
_entity_src_gen.pdbx_host_org_tissue               ? 
_entity_src_gen.pdbx_host_org_tissue_fraction      ? 
_entity_src_gen.pdbx_host_org_strain               ? 
_entity_src_gen.pdbx_host_org_variant              ? 
_entity_src_gen.pdbx_host_org_cell_line            ? 
_entity_src_gen.pdbx_host_org_atcc                 ? 
_entity_src_gen.pdbx_host_org_culture_collection   ? 
_entity_src_gen.pdbx_host_org_cell                 ? 
_entity_src_gen.pdbx_host_org_organelle            ? 
_entity_src_gen.pdbx_host_org_cellular_location    ? 
_entity_src_gen.pdbx_host_org_vector_type          ? 
_entity_src_gen.pdbx_host_org_vector               ? 
_entity_src_gen.host_org_details                   ? 
_entity_src_gen.expression_system_id               ? 
_entity_src_gen.plasmid_name                       ? 
_entity_src_gen.plasmid_details                    ? 
_entity_src_gen.pdbx_description                   ? 
# 
loop_
_chem_comp.id 
_chem_comp.type 
_chem_comp.mon_nstd_flag 
_chem_comp.name 
_chem_comp.pdbx_synonyms 
_chem_comp.formula 
_chem_comp.formula_weight 
ALA 'L-peptide linking'          y ALANINE                ?                                          'C3 H7 N O2'     89.093  
ARG 'L-peptide linking'          y ARGININE               ?                                          'C6 H15 N4 O2 1' 175.209 
ASN 'L-peptide linking'          y ASPARAGINE             ?                                          'C4 H8 N2 O3'    132.118 
ASP 'L-peptide linking'          y 'ASPARTIC ACID'        ?                                          'C4 H7 N O4'     133.103 
CA  non-polymer                  . 'CALCIUM ION'          ?                                          'Ca 2'           40.078  
GAL 'D-saccharide, beta linking' . beta-D-galactopyranose 'beta-D-galactose; D-galactose; galactose' 'C6 H12 O6'      180.156 
GLN 'L-peptide linking'          y GLUTAMINE              ?                                          'C5 H10 N2 O3'   146.144 
GLU 'L-peptide linking'          y 'GLUTAMIC ACID'        ?                                          'C5 H9 N O4'     147.129 
GLY 'peptide linking'            y GLYCINE                ?                                          'C2 H5 N O2'     75.067  
HIS 'L-peptide linking'          y HISTIDINE              ?                                          'C6 H10 N3 O2 1' 156.162 
HOH non-polymer                  . WATER                  ?                                          'H2 O'           18.015  
ILE 'L-peptide linking'          y ISOLEUCINE             ?                                          'C6 H13 N O2'    131.173 
LEU 'L-peptide linking'          y LEUCINE                ?                                          'C6 H13 N O2'    131.173 
LYS 'L-peptide linking'          y LYSINE                 ?                                          'C6 H15 N2 O2 1' 147.195 
MET 'L-peptide linking'          y METHIONINE             ?                                          'C5 H11 N O2 S'  149.211 
PHE 'L-peptide linking'          y PHENYLALANINE          ?                                          'C9 H11 N O2'    165.189 
PRO 'L-peptide linking'          y PROLINE                ?                                          'C5 H9 N O2'     115.130 
SER 'L-peptide linking'          y SERINE                 ?                                          'C3 H7 N O3'     105.093 
THR 'L-peptide linking'          y THREONINE              ?                                          'C4 H9 N O3'     119.119 
TRP 'L-peptide linking'          y TRYPTOPHAN             ?                                          'C11 H12 N2 O2'  204.225 
TYR 'L-peptide linking'          y TYROSINE               ?                                          'C9 H11 N O3'    181.189 
VAL 'L-peptide linking'          y VALINE                 ?                                          'C5 H11 N O2'    117.146 
# 
loop_
_pdbx_chem_comp_identifier.comp_id 
_pdbx_chem_comp_identifier.type 
_pdbx_chem_comp_identifier.program 
_pdbx_chem_comp_identifier.program_version 
_pdbx_chem_comp_identifier.identifier 
GAL 'CONDENSED IUPAC CARBOHYDRATE SYMBOL' GMML     1.0 DGalpb              
GAL 'COMMON NAME'                         GMML     1.0 b-D-galactopyranose 
GAL 'IUPAC CARBOHYDRATE SYMBOL'           PDB-CARE 1.0 b-D-Galp            
GAL 'SNFG CARBOHYDRATE SYMBOL'            GMML     1.0 Gal                 
# 
loop_
_pdbx_poly_seq_scheme.asym_id 
_pdbx_poly_seq_scheme.entity_id 
_pdbx_poly_seq_scheme.seq_id 
_pdbx_poly_seq_scheme.mon_id 
_pdbx_poly_seq_scheme.ndb_seq_num 
_pdbx_poly_seq_scheme.pdb_seq_num 
_pdbx_poly_seq_scheme.auth_seq_num 
_pdbx_poly_seq_scheme.pdb_mon_id 
_pdbx_poly_seq_scheme.auth_mon_id 
_pdbx_poly_seq_scheme.pdb_strand_id 
_pdbx_poly_seq_scheme.pdb_ins_code 
_pdbx_poly_seq_scheme.hetero 
A 1 1   LYS 1   618 ?   ?   ?   A . n 
A 1 2   GLY 2   619 ?   ?   ?   A . n 
A 1 3   ILE 3   620 ?   ?   ?   A . n 
A 1 4   ASP 4   621 ?   ?   ?   A . n 
A 1 5   PRO 5   622 ?   ?   ?   A . n 
A 1 6   PHE 6   623 ?   ?   ?   A . n 
A 1 7   THR 7   624 ?   ?   ?   A . n 
A 1 8   ASN 8   625 625 ASN ASN A . n 
A 1 9   PRO 9   626 626 PRO PRO A . n 
A 1 10  ARG 10  627 627 ARG ARG A . n 
A 1 11  THR 11  628 628 THR THR A . n 
A 1 12  VAL 12  629 629 VAL VAL A . n 
A 1 13  LYS 13  630 630 LYS LYS A . n 
A 1 14  ILE 14  631 631 ILE ILE A . n 
A 1 15  THR 15  632 632 THR THR A . n 
A 1 16  ALA 16  633 633 ALA ALA A . n 
A 1 17  SER 17  634 634 SER SER A . n 
A 1 18  SER 18  635 635 SER SER A . n 
A 1 19  GLU 19  636 636 GLU GLU A . n 
A 1 20  GLU 20  637 637 GLU GLU A . n 
A 1 21  THR 21  638 638 THR THR A . n 
A 1 22  SER 22  639 639 SER SER A . n 
A 1 23  GLY 23  640 640 GLY GLY A . n 
A 1 24  GLU 24  641 641 GLU GLU A . n 
A 1 25  ASN 25  642 642 ASN ASN A . n 
A 1 26  ALA 26  643 643 ALA ALA A . n 
A 1 27  PRO 27  644 644 PRO PRO A . n 
A 1 28  ALA 28  645 645 ALA ALA A . n 
A 1 29  SER 29  646 646 SER SER A . n 
A 1 30  PHE 30  647 647 PHE PHE A . n 
A 1 31  ALA 31  648 648 ALA ALA A . n 
A 1 32  SER 32  649 649 SER SER A . n 
A 1 33  ASP 33  650 650 ASP ASP A . n 
A 1 34  GLY 34  651 651 GLY GLY A . n 
A 1 35  ASP 35  652 652 ASP ASP A . n 
A 1 36  MET 36  653 653 MET MET A . n 
A 1 37  ASN 37  654 654 ASN ASN A . n 
A 1 38  THR 38  655 655 THR THR A . n 
A 1 39  PHE 39  656 656 PHE PHE A . n 
A 1 40  TRP 40  657 657 TRP TRP A . n 
A 1 41  HIS 41  658 658 HIS HIS A . n 
A 1 42  SER 42  659 659 SER SER A . n 
A 1 43  LYS 43  660 660 LYS LYS A . n 
A 1 44  TRP 44  661 661 TRP TRP A . n 
A 1 45  SER 45  662 662 SER SER A . n 
A 1 46  SER 46  663 663 SER SER A . n 
A 1 47  PRO 47  664 664 PRO PRO A . n 
A 1 48  ALA 48  665 665 ALA ALA A . n 
A 1 49  HIS 49  666 666 HIS HIS A . n 
A 1 50  GLU 50  667 667 GLU GLU A . n 
A 1 51  GLY 51  668 668 GLY GLY A . n 
A 1 52  PRO 52  669 669 PRO PRO A . n 
A 1 53  HIS 53  670 670 HIS HIS A . n 
A 1 54  HIS 54  671 671 HIS HIS A . n 
A 1 55  LEU 55  672 672 LEU LEU A . n 
A 1 56  THR 56  673 673 THR THR A . n 
A 1 57  LEU 57  674 674 LEU LEU A . n 
A 1 58  GLU 58  675 675 GLU GLU A . n 
A 1 59  LEU 59  676 676 LEU LEU A . n 
A 1 60  ASP 60  677 677 ASP ASP A . n 
A 1 61  ASN 61  678 678 ASN ASN A . n 
A 1 62  VAL 62  679 679 VAL VAL A . n 
A 1 63  TYR 63  680 680 TYR TYR A . n 
A 1 64  GLU 64  681 681 GLU GLU A . n 
A 1 65  ILE 65  682 682 ILE ILE A . n 
A 1 66  ASN 66  683 683 ASN ASN A . n 
A 1 67  LYS 67  684 684 LYS LYS A . n 
A 1 68  VAL 68  685 685 VAL VAL A . n 
A 1 69  LYS 69  686 686 LYS LYS A . n 
A 1 70  TYR 70  687 687 TYR TYR A . n 
A 1 71  ALA 71  688 688 ALA ALA A . n 
A 1 72  PRO 72  689 689 PRO PRO A . n 
A 1 73  ARG 73  690 690 ARG ARG A . n 
A 1 74  GLN 74  691 691 GLN GLN A . n 
A 1 75  ASP 75  692 692 ASP ASP A . n 
A 1 76  SER 76  693 693 SER SER A . n 
A 1 77  LYS 77  694 694 LYS LYS A . n 
A 1 78  ASN 78  695 695 ASN ASN A . n 
A 1 79  GLY 79  696 696 GLY GLY A . n 
A 1 80  ARG 80  697 697 ARG ARG A . n 
A 1 81  ILE 81  698 698 ILE ILE A . n 
A 1 82  THR 82  699 699 THR THR A . n 
A 1 83  GLY 83  700 700 GLY GLY A . n 
A 1 84  TYR 84  701 701 TYR TYR A . n 
A 1 85  LYS 85  702 702 LYS LYS A . n 
A 1 86  VAL 86  703 703 VAL VAL A . n 
A 1 87  SER 87  704 704 SER SER A . n 
A 1 88  VAL 88  705 705 VAL VAL A . n 
A 1 89  SER 89  706 706 SER SER A . n 
A 1 90  LEU 90  707 707 LEU LEU A . n 
A 1 91  ASP 91  708 708 ASP ASP A . n 
A 1 92  GLY 92  709 709 GLY GLY A . n 
A 1 93  GLU 93  710 710 GLU GLU A . n 
A 1 94  ASN 94  711 711 ASN ASN A . n 
A 1 95  PHE 95  712 712 PHE PHE A . n 
A 1 96  THR 96  713 713 THR THR A . n 
A 1 97  GLU 97  714 714 GLU GLU A . n 
A 1 98  VAL 98  715 715 VAL VAL A . n 
A 1 99  LYS 99  716 716 LYS LYS A . n 
A 1 100 THR 100 717 717 THR THR A . n 
A 1 101 GLY 101 718 718 GLY GLY A . n 
A 1 102 THR 102 719 719 THR THR A . n 
A 1 103 LEU 103 720 720 LEU LEU A . n 
A 1 104 GLU 104 721 721 GLU GLU A . n 
A 1 105 ASP 105 722 722 ASP ASP A . n 
A 1 106 ASN 106 723 723 ASN ASN A . n 
A 1 107 ALA 107 724 724 ALA ALA A . n 
A 1 108 ALA 108 725 725 ALA ALA A . n 
A 1 109 ILE 109 726 726 ILE ILE A . n 
A 1 110 LYS 110 727 727 LYS LYS A . n 
A 1 111 PHE 111 728 728 PHE PHE A . n 
A 1 112 ILE 112 729 729 ILE ILE A . n 
A 1 113 GLU 113 730 730 GLU GLU A . n 
A 1 114 PHE 114 731 731 PHE PHE A . n 
A 1 115 ASP 115 732 732 ASP ASP A . n 
A 1 116 SER 116 733 733 SER SER A . n 
A 1 117 VAL 117 734 734 VAL VAL A . n 
A 1 118 ASP 118 735 735 ASP ASP A . n 
A 1 119 ALA 119 736 736 ALA ALA A . n 
A 1 120 LYS 120 737 737 LYS LYS A . n 
A 1 121 TYR 121 738 738 TYR TYR A . n 
A 1 122 VAL 122 739 739 VAL VAL A . n 
A 1 123 ARG 123 740 740 ARG ARG A . n 
A 1 124 LEU 124 741 741 LEU LEU A . n 
A 1 125 ASP 125 742 742 ASP ASP A . n 
A 1 126 VAL 126 743 743 VAL VAL A . n 
A 1 127 THR 127 744 744 THR THR A . n 
A 1 128 ASP 128 745 745 ASP ASP A . n 
A 1 129 SER 129 746 746 SER SER A . n 
A 1 130 VAL 130 747 747 VAL VAL A . n 
A 1 131 SER 131 748 748 SER SER A . n 
A 1 132 ASP 132 749 749 ASP ASP A . n 
A 1 133 GLN 133 750 750 GLN GLN A . n 
A 1 134 ALA 134 751 ?   ?   ?   A . n 
A 1 135 ASN 135 752 ?   ?   ?   A . n 
A 1 136 GLY 136 753 753 GLY GLY A . n 
A 1 137 ARG 137 754 754 ARG ARG A . n 
A 1 138 GLY 138 755 755 GLY GLY A . n 
A 1 139 LYS 139 756 756 LYS LYS A . n 
A 1 140 PHE 140 757 757 PHE PHE A . n 
A 1 141 ALA 141 758 758 ALA ALA A . n 
A 1 142 THR 142 759 759 THR THR A . n 
A 1 143 ALA 143 760 760 ALA ALA A . n 
A 1 144 ALA 144 761 761 ALA ALA A . n 
A 1 145 GLU 145 762 762 GLU GLU A . n 
A 1 146 VAL 146 763 763 VAL VAL A . n 
A 1 147 ASN 147 764 764 ASN ASN A . n 
A 1 148 VAL 148 765 765 VAL VAL A . n 
A 1 149 HIS 149 766 766 HIS HIS A . n 
A 1 150 GLY 150 767 767 GLY GLY A . n 
# 
loop_
_pdbx_nonpoly_scheme.asym_id 
_pdbx_nonpoly_scheme.entity_id 
_pdbx_nonpoly_scheme.mon_id 
_pdbx_nonpoly_scheme.ndb_seq_num 
_pdbx_nonpoly_scheme.pdb_seq_num 
_pdbx_nonpoly_scheme.auth_seq_num 
_pdbx_nonpoly_scheme.pdb_mon_id 
_pdbx_nonpoly_scheme.auth_mon_id 
_pdbx_nonpoly_scheme.pdb_strand_id 
_pdbx_nonpoly_scheme.pdb_ins_code 
B 2 GAL 1   1768 1768 GAL GAL A . 
C 3 CA  1   1769 1769 CA  CA  A . 
D 4 HOH 1   2001 2001 HOH HOH A . 
D 4 HOH 2   2002 2002 HOH HOH A . 
D 4 HOH 3   2003 2003 HOH HOH A . 
D 4 HOH 4   2004 2004 HOH HOH A . 
D 4 HOH 5   2005 2005 HOH HOH A . 
D 4 HOH 6   2006 2006 HOH HOH A . 
D 4 HOH 7   2007 2007 HOH HOH A . 
D 4 HOH 8   2008 2008 HOH HOH A . 
D 4 HOH 9   2009 2009 HOH HOH A . 
D 4 HOH 10  2010 2010 HOH HOH A . 
D 4 HOH 11  2011 2011 HOH HOH A . 
D 4 HOH 12  2012 2012 HOH HOH A . 
D 4 HOH 13  2013 2013 HOH HOH A . 
D 4 HOH 14  2014 2014 HOH HOH A . 
D 4 HOH 15  2015 2015 HOH HOH A . 
D 4 HOH 16  2016 2016 HOH HOH A . 
D 4 HOH 17  2017 2017 HOH HOH A . 
D 4 HOH 18  2018 2018 HOH HOH A . 
D 4 HOH 19  2019 2019 HOH HOH A . 
D 4 HOH 20  2020 2020 HOH HOH A . 
D 4 HOH 21  2021 2021 HOH HOH A . 
D 4 HOH 22  2022 2022 HOH HOH A . 
D 4 HOH 23  2023 2023 HOH HOH A . 
D 4 HOH 24  2024 2024 HOH HOH A . 
D 4 HOH 25  2025 2025 HOH HOH A . 
D 4 HOH 26  2026 2026 HOH HOH A . 
D 4 HOH 27  2027 2027 HOH HOH A . 
D 4 HOH 28  2028 2028 HOH HOH A . 
D 4 HOH 29  2029 2029 HOH HOH A . 
D 4 HOH 30  2030 2030 HOH HOH A . 
D 4 HOH 31  2031 2031 HOH HOH A . 
D 4 HOH 32  2032 2032 HOH HOH A . 
D 4 HOH 33  2033 2033 HOH HOH A . 
D 4 HOH 34  2034 2034 HOH HOH A . 
D 4 HOH 35  2035 2035 HOH HOH A . 
D 4 HOH 36  2036 2036 HOH HOH A . 
D 4 HOH 37  2037 2037 HOH HOH A . 
D 4 HOH 38  2038 2038 HOH HOH A . 
D 4 HOH 39  2039 2039 HOH HOH A . 
D 4 HOH 40  2040 2040 HOH HOH A . 
D 4 HOH 41  2041 2041 HOH HOH A . 
D 4 HOH 42  2042 2042 HOH HOH A . 
D 4 HOH 43  2043 2043 HOH HOH A . 
D 4 HOH 44  2044 2044 HOH HOH A . 
D 4 HOH 45  2045 2045 HOH HOH A . 
D 4 HOH 46  2046 2046 HOH HOH A . 
D 4 HOH 47  2047 2047 HOH HOH A . 
D 4 HOH 48  2048 2048 HOH HOH A . 
D 4 HOH 49  2049 2049 HOH HOH A . 
D 4 HOH 50  2050 2050 HOH HOH A . 
D 4 HOH 51  2051 2051 HOH HOH A . 
D 4 HOH 52  2052 2052 HOH HOH A . 
D 4 HOH 53  2053 2053 HOH HOH A . 
D 4 HOH 54  2054 2054 HOH HOH A . 
D 4 HOH 55  2055 2055 HOH HOH A . 
D 4 HOH 56  2056 2056 HOH HOH A . 
D 4 HOH 57  2057 2057 HOH HOH A . 
D 4 HOH 58  2058 2058 HOH HOH A . 
D 4 HOH 59  2059 2059 HOH HOH A . 
D 4 HOH 60  2060 2060 HOH HOH A . 
D 4 HOH 61  2061 2061 HOH HOH A . 
D 4 HOH 62  2062 2062 HOH HOH A . 
D 4 HOH 63  2063 2063 HOH HOH A . 
D 4 HOH 64  2064 2064 HOH HOH A . 
D 4 HOH 65  2065 2065 HOH HOH A . 
D 4 HOH 66  2066 2066 HOH HOH A . 
D 4 HOH 67  2067 2067 HOH HOH A . 
D 4 HOH 68  2068 2068 HOH HOH A . 
D 4 HOH 69  2069 2069 HOH HOH A . 
D 4 HOH 70  2070 2070 HOH HOH A . 
D 4 HOH 71  2071 2071 HOH HOH A . 
D 4 HOH 72  2072 2072 HOH HOH A . 
D 4 HOH 73  2073 2073 HOH HOH A . 
D 4 HOH 74  2074 2074 HOH HOH A . 
D 4 HOH 75  2075 2075 HOH HOH A . 
D 4 HOH 76  2076 2076 HOH HOH A . 
D 4 HOH 77  2077 2077 HOH HOH A . 
D 4 HOH 78  2078 2078 HOH HOH A . 
D 4 HOH 79  2079 2079 HOH HOH A . 
D 4 HOH 80  2080 2080 HOH HOH A . 
D 4 HOH 81  2081 2081 HOH HOH A . 
D 4 HOH 82  2082 2082 HOH HOH A . 
D 4 HOH 83  2083 2083 HOH HOH A . 
D 4 HOH 84  2084 2084 HOH HOH A . 
D 4 HOH 85  2085 2085 HOH HOH A . 
D 4 HOH 86  2086 2086 HOH HOH A . 
D 4 HOH 87  2087 2087 HOH HOH A . 
D 4 HOH 88  2088 2088 HOH HOH A . 
D 4 HOH 89  2089 2089 HOH HOH A . 
D 4 HOH 90  2090 2090 HOH HOH A . 
D 4 HOH 91  2091 2091 HOH HOH A . 
D 4 HOH 92  2092 2092 HOH HOH A . 
D 4 HOH 93  2093 2093 HOH HOH A . 
D 4 HOH 94  2094 2094 HOH HOH A . 
D 4 HOH 95  2095 2095 HOH HOH A . 
D 4 HOH 96  2096 2096 HOH HOH A . 
D 4 HOH 97  2097 2097 HOH HOH A . 
D 4 HOH 98  2098 2098 HOH HOH A . 
D 4 HOH 99  2099 2099 HOH HOH A . 
D 4 HOH 100 2100 2100 HOH HOH A . 
D 4 HOH 101 2101 2101 HOH HOH A . 
D 4 HOH 102 2102 2102 HOH HOH A . 
D 4 HOH 103 2103 2103 HOH HOH A . 
D 4 HOH 104 2104 2104 HOH HOH A . 
D 4 HOH 105 2105 2105 HOH HOH A . 
D 4 HOH 106 2106 2106 HOH HOH A . 
D 4 HOH 107 2107 2107 HOH HOH A . 
D 4 HOH 108 2108 2108 HOH HOH A . 
D 4 HOH 109 2109 2109 HOH HOH A . 
D 4 HOH 110 2110 2110 HOH HOH A . 
D 4 HOH 111 2111 2111 HOH HOH A . 
D 4 HOH 112 2112 2112 HOH HOH A . 
D 4 HOH 113 2113 2113 HOH HOH A . 
D 4 HOH 114 2114 2114 HOH HOH A . 
D 4 HOH 115 2115 2115 HOH HOH A . 
D 4 HOH 116 2116 2116 HOH HOH A . 
D 4 HOH 117 2117 2117 HOH HOH A . 
D 4 HOH 118 2118 2118 HOH HOH A . 
D 4 HOH 119 2119 2119 HOH HOH A . 
D 4 HOH 120 2120 2120 HOH HOH A . 
D 4 HOH 121 2121 2121 HOH HOH A . 
D 4 HOH 122 2122 2122 HOH HOH A . 
D 4 HOH 123 2123 2123 HOH HOH A . 
D 4 HOH 124 2124 2124 HOH HOH A . 
D 4 HOH 125 2125 2125 HOH HOH A . 
D 4 HOH 126 2126 2126 HOH HOH A . 
D 4 HOH 127 2127 2127 HOH HOH A . 
D 4 HOH 128 2128 2128 HOH HOH A . 
D 4 HOH 129 2129 2129 HOH HOH A . 
D 4 HOH 130 2130 2130 HOH HOH A . 
D 4 HOH 131 2131 2131 HOH HOH A . 
D 4 HOH 132 2132 2132 HOH HOH A . 
D 4 HOH 133 2133 2133 HOH HOH A . 
D 4 HOH 134 2134 2134 HOH HOH A . 
D 4 HOH 135 2135 2135 HOH HOH A . 
D 4 HOH 136 2136 2136 HOH HOH A . 
D 4 HOH 137 2137 2137 HOH HOH A . 
D 4 HOH 138 2138 2138 HOH HOH A . 
D 4 HOH 139 2139 2139 HOH HOH A . 
D 4 HOH 140 2140 2140 HOH HOH A . 
D 4 HOH 141 2141 2141 HOH HOH A . 
D 4 HOH 142 2142 2142 HOH HOH A . 
D 4 HOH 143 2143 2143 HOH HOH A . 
D 4 HOH 144 2144 2144 HOH HOH A . 
D 4 HOH 145 2145 2145 HOH HOH A . 
D 4 HOH 146 2146 2146 HOH HOH A . 
D 4 HOH 147 2147 2147 HOH HOH A . 
D 4 HOH 148 2148 2148 HOH HOH A . 
D 4 HOH 149 2149 2149 HOH HOH A . 
D 4 HOH 150 2150 2150 HOH HOH A . 
D 4 HOH 151 2151 2151 HOH HOH A . 
D 4 HOH 152 2152 2152 HOH HOH A . 
D 4 HOH 153 2153 2153 HOH HOH A . 
D 4 HOH 154 2154 2154 HOH HOH A . 
D 4 HOH 155 2155 2155 HOH HOH A . 
D 4 HOH 156 2156 2156 HOH HOH A . 
D 4 HOH 157 2157 2157 HOH HOH A . 
D 4 HOH 158 2158 2158 HOH HOH A . 
D 4 HOH 159 2159 2159 HOH HOH A . 
D 4 HOH 160 2160 2160 HOH HOH A . 
D 4 HOH 161 2161 2161 HOH HOH A . 
D 4 HOH 162 2162 2162 HOH HOH A . 
D 4 HOH 163 2163 2163 HOH HOH A . 
D 4 HOH 164 2164 2164 HOH HOH A . 
D 4 HOH 165 2165 2165 HOH HOH A . 
D 4 HOH 166 2166 2166 HOH HOH A . 
D 4 HOH 167 2167 2167 HOH HOH A . 
D 4 HOH 168 2168 2168 HOH HOH A . 
D 4 HOH 169 2169 2169 HOH HOH A . 
D 4 HOH 170 2170 2170 HOH HOH A . 
D 4 HOH 171 2171 2171 HOH HOH A . 
D 4 HOH 172 2172 2172 HOH HOH A . 
D 4 HOH 173 2173 2173 HOH HOH A . 
D 4 HOH 174 2174 2174 HOH HOH A . 
D 4 HOH 175 2175 2175 HOH HOH A . 
D 4 HOH 176 2176 2176 HOH HOH A . 
D 4 HOH 177 2177 2177 HOH HOH A . 
D 4 HOH 178 2178 2178 HOH HOH A . 
D 4 HOH 179 2179 2179 HOH HOH A . 
# 
_software.name             REFMAC 
_software.classification   refinement 
_software.version          5.2.0019 
_software.citation_id      ? 
_software.pdbx_ordinal     1 
# 
_cell.entry_id           2J1A 
_cell.length_a           43.861 
_cell.length_b           43.861 
_cell.length_c           139.475 
_cell.angle_alpha        90.00 
_cell.angle_beta         90.00 
_cell.angle_gamma        120.00 
_cell.Z_PDB              6 
_cell.pdbx_unique_axis   ? 
# 
_symmetry.entry_id                         2J1A 
_symmetry.space_group_name_H-M             'P 32 2 1' 
_symmetry.pdbx_full_space_group_name_H-M   ? 
_symmetry.cell_setting                     ? 
_symmetry.Int_Tables_number                154 
# 
_exptl.entry_id          2J1A 
_exptl.method            'X-RAY DIFFRACTION' 
_exptl.crystals_number   ? 
# 
_exptl_crystal.id                    1 
_exptl_crystal.density_meas          ? 
_exptl_crystal.density_Matthews      2.15 
_exptl_crystal.density_percent_sol   42.28 
_exptl_crystal.description           ? 
# 
_diffrn.id                     1 
_diffrn.ambient_temp           113.0 
_diffrn.ambient_temp_details   ? 
_diffrn.crystal_id             1 
# 
_diffrn_radiation.diffrn_id                        1 
_diffrn_radiation.wavelength_id                    1 
_diffrn_radiation.pdbx_monochromatic_or_laue_m_l   M 
_diffrn_radiation.monochromator                    ? 
_diffrn_radiation.pdbx_diffrn_protocol             'SINGLE WAVELENGTH' 
_diffrn_radiation.pdbx_scattering_type             x-ray 
# 
_diffrn_radiation_wavelength.id           1 
_diffrn_radiation_wavelength.wavelength   1.5418 
_diffrn_radiation_wavelength.wt           1.0 
# 
_diffrn_source.diffrn_id                   1 
_diffrn_source.source                      'ROTATING ANODE' 
_diffrn_source.type                        ? 
_diffrn_source.pdbx_synchrotron_site       ? 
_diffrn_source.pdbx_synchrotron_beamline   ? 
_diffrn_source.pdbx_wavelength             1.5418 
_diffrn_source.pdbx_wavelength_list        ? 
# 
_reflns.pdbx_diffrn_id               1 
_reflns.pdbx_ordinal                 1 
_reflns.entry_id                     2J1A 
_reflns.observed_criterion_sigma_I   2.000 
_reflns.observed_criterion_sigma_F   ? 
_reflns.d_resolution_low             46.600 
_reflns.d_resolution_high            1.490 
_reflns.number_obs                   23619 
_reflns.number_all                   ? 
_reflns.percent_possible_obs         89.6 
_reflns.pdbx_Rmerge_I_obs            0.03000 
_reflns.pdbx_Rsym_value              ? 
_reflns.pdbx_netI_over_sigmaI        21.6000 
_reflns.B_iso_Wilson_estimate        ? 
_reflns.pdbx_redundancy              6.700 
# 
_refine.pdbx_refine_id                           'X-RAY DIFFRACTION' 
_refine.entry_id                                 2J1A 
_refine.pdbx_diffrn_id                           1 
_refine.pdbx_TLS_residual_ADP_flag               ? 
_refine.ls_number_reflns_obs                     22377 
_refine.ls_number_reflns_all                     ? 
_refine.pdbx_ls_sigma_I                          ? 
_refine.pdbx_ls_sigma_F                          ? 
_refine.pdbx_data_cutoff_high_absF               ? 
_refine.pdbx_data_cutoff_low_absF                ? 
_refine.pdbx_data_cutoff_high_rms_absF           ? 
_refine.ls_d_res_low                             20.00 
_refine.ls_d_res_high                            1.49 
_refine.ls_percent_reflns_obs                    89.7 
_refine.ls_R_factor_obs                          0.203 
_refine.ls_R_factor_all                          ? 
_refine.ls_R_factor_R_work                       0.201 
_refine.ls_R_factor_R_free                       0.226 
_refine.ls_R_factor_R_free_error                 ? 
_refine.ls_R_factor_R_free_error_details         ? 
_refine.ls_percent_reflns_R_free                 5.100 
_refine.ls_number_reflns_R_free                  1208 
_refine.ls_number_parameters                     ? 
_refine.ls_number_restraints                     ? 
_refine.occupancy_min                            ? 
_refine.occupancy_max                            ? 
_refine.correlation_coeff_Fo_to_Fc               0.966 
_refine.correlation_coeff_Fo_to_Fc_free          0.959 
_refine.B_iso_mean                               22.49 
_refine.aniso_B[1][1]                            0.81000 
_refine.aniso_B[2][2]                            0.81000 
_refine.aniso_B[3][3]                            -1.22000 
_refine.aniso_B[1][2]                            0.41000 
_refine.aniso_B[1][3]                            0.00000 
_refine.aniso_B[2][3]                            0.00000 
_refine.solvent_model_details                    MASK 
_refine.solvent_model_param_ksol                 ? 
_refine.solvent_model_param_bsol                 ? 
_refine.pdbx_solvent_vdw_probe_radii             1.40 
_refine.pdbx_solvent_ion_probe_radii             0.80 
_refine.pdbx_solvent_shrinkage_radii             0.80 
_refine.pdbx_ls_cross_valid_method               THROUGHOUT 
_refine.details                                  
'HYDROGENS HAVE BEEN ADDED IN THE RIDING POSITIONS. RESIDUES 751 AND 752 ARE DISORDERED' 
_refine.pdbx_starting_model                      ? 
_refine.pdbx_method_to_determine_struct          OTHER 
_refine.pdbx_isotropic_thermal_model             ? 
_refine.pdbx_stereochemistry_target_values       'MAXIMUM LIKELIHOOD' 
_refine.pdbx_stereochem_target_val_spec_case     ? 
_refine.pdbx_R_Free_selection_details            RANDOM 
_refine.pdbx_overall_ESU_R                       0.087 
_refine.pdbx_overall_ESU_R_Free                  0.086 
_refine.overall_SU_ML                            0.064 
_refine.pdbx_overall_phase_error                 ? 
_refine.overall_SU_B                             1.762 
_refine.overall_SU_R_Cruickshank_DPI             ? 
_refine.pdbx_overall_SU_R_free_Cruickshank_DPI   ? 
_refine.pdbx_overall_SU_R_Blow_DPI               ? 
_refine.pdbx_overall_SU_R_free_Blow_DPI          ? 
# 
_refine_hist.pdbx_refine_id                   'X-RAY DIFFRACTION' 
_refine_hist.cycle_id                         LAST 
_refine_hist.pdbx_number_atoms_protein        1090 
_refine_hist.pdbx_number_atoms_nucleic_acid   0 
_refine_hist.pdbx_number_atoms_ligand         13 
_refine_hist.number_atoms_solvent             179 
_refine_hist.number_atoms_total               1282 
_refine_hist.d_res_high                       1.49 
_refine_hist.d_res_low                        20.00 
# 
loop_
_refine_ls_restr.type 
_refine_ls_restr.dev_ideal 
_refine_ls_restr.dev_ideal_target 
_refine_ls_restr.weight 
_refine_ls_restr.number 
_refine_ls_restr.pdbx_refine_id 
_refine_ls_restr.pdbx_restraint_function 
r_bond_refined_d             0.016  0.021  ? 1132 'X-RAY DIFFRACTION' ? 
r_bond_other_d               ?      ?      ? ?    'X-RAY DIFFRACTION' ? 
r_angle_refined_deg          1.525  1.939  ? 1537 'X-RAY DIFFRACTION' ? 
r_angle_other_deg            ?      ?      ? ?    'X-RAY DIFFRACTION' ? 
r_dihedral_angle_1_deg       6.079  5.000  ? 143  'X-RAY DIFFRACTION' ? 
r_dihedral_angle_2_deg       35.415 25.091 ? 55   'X-RAY DIFFRACTION' ? 
r_dihedral_angle_3_deg       13.065 15.000 ? 182  'X-RAY DIFFRACTION' ? 
r_dihedral_angle_4_deg       24.061 15.000 ? 5    'X-RAY DIFFRACTION' ? 
r_chiral_restr               0.106  0.200  ? 172  'X-RAY DIFFRACTION' ? 
r_gen_planes_refined         0.007  0.020  ? 865  'X-RAY DIFFRACTION' ? 
r_gen_planes_other           ?      ?      ? ?    'X-RAY DIFFRACTION' ? 
r_nbd_refined                0.205  0.200  ? 512  'X-RAY DIFFRACTION' ? 
r_nbd_other                  ?      ?      ? ?    'X-RAY DIFFRACTION' ? 
r_nbtor_refined              0.300  0.200  ? 774  'X-RAY DIFFRACTION' ? 
r_nbtor_other                ?      ?      ? ?    'X-RAY DIFFRACTION' ? 
r_xyhbond_nbd_refined        0.164  0.200  ? 154  'X-RAY DIFFRACTION' ? 
r_xyhbond_nbd_other          ?      ?      ? ?    'X-RAY DIFFRACTION' ? 
r_metal_ion_refined          ?      ?      ? ?    'X-RAY DIFFRACTION' ? 
r_metal_ion_other            ?      ?      ? ?    'X-RAY DIFFRACTION' ? 
r_symmetry_vdw_refined       0.247  0.200  ? 29   'X-RAY DIFFRACTION' ? 
r_symmetry_vdw_other         ?      ?      ? ?    'X-RAY DIFFRACTION' ? 
r_symmetry_hbond_refined     0.217  0.200  ? 21   'X-RAY DIFFRACTION' ? 
r_symmetry_hbond_other       ?      ?      ? ?    'X-RAY DIFFRACTION' ? 
r_symmetry_metal_ion_refined ?      ?      ? ?    'X-RAY DIFFRACTION' ? 
r_symmetry_metal_ion_other   ?      ?      ? ?    'X-RAY DIFFRACTION' ? 
r_mcbond_it                  1.053  1.500  ? 723  'X-RAY DIFFRACTION' ? 
r_mcbond_other               ?      ?      ? ?    'X-RAY DIFFRACTION' ? 
r_mcangle_it                 1.588  2.000  ? 1135 'X-RAY DIFFRACTION' ? 
r_mcangle_other              ?      ?      ? ?    'X-RAY DIFFRACTION' ? 
r_scbond_it                  2.533  3.000  ? 463  'X-RAY DIFFRACTION' ? 
r_scbond_other               ?      ?      ? ?    'X-RAY DIFFRACTION' ? 
r_scangle_it                 3.936  4.500  ? 400  'X-RAY DIFFRACTION' ? 
r_scangle_other              ?      ?      ? ?    'X-RAY DIFFRACTION' ? 
r_long_range_B_refined       ?      ?      ? ?    'X-RAY DIFFRACTION' ? 
r_long_range_B_other         ?      ?      ? ?    'X-RAY DIFFRACTION' ? 
r_rigid_bond_restr           ?      ?      ? ?    'X-RAY DIFFRACTION' ? 
r_sphericity_free            ?      ?      ? ?    'X-RAY DIFFRACTION' ? 
r_sphericity_bonded          ?      ?      ? ?    'X-RAY DIFFRACTION' ? 
# 
_refine_ls_shell.pdbx_refine_id                   'X-RAY DIFFRACTION' 
_refine_ls_shell.pdbx_total_number_of_bins_used   20 
_refine_ls_shell.d_res_high                       1.49 
_refine_ls_shell.d_res_low                        1.53 
_refine_ls_shell.number_reflns_R_work             866 
_refine_ls_shell.R_factor_R_work                  0.4130 
_refine_ls_shell.percent_reflns_obs               ? 
_refine_ls_shell.R_factor_R_free                  0.5720 
_refine_ls_shell.R_factor_R_free_error            ? 
_refine_ls_shell.percent_reflns_R_free            ? 
_refine_ls_shell.number_reflns_R_free             42 
_refine_ls_shell.number_reflns_all                ? 
_refine_ls_shell.R_factor_all                     ? 
# 
_struct.entry_id                  2J1A 
_struct.title                     
'Structure of CBM32 from Clostridium perfringens beta-N- acetylhexosaminidase GH84C in complex with galactose' 
_struct.pdbx_model_details        ? 
_struct.pdbx_CASP_flag            ? 
_struct.pdbx_model_type_details   ? 
# 
_struct_keywords.entry_id        2J1A 
_struct_keywords.pdbx_keywords   HYDROLASE 
_struct_keywords.text            'PROTEIN-CARBOHYDRATE INTERACTION, GLYCOSIDE HYDROLASE, CBM32, GH84C, HYDROLASE' 
# 
loop_
_struct_asym.id 
_struct_asym.pdbx_blank_PDB_chainid_flag 
_struct_asym.pdbx_modified 
_struct_asym.entity_id 
_struct_asym.details 
A N N 1 ? 
B N N 2 ? 
C N N 3 ? 
D N N 4 ? 
# 
loop_
_struct_ref.id 
_struct_ref.db_name 
_struct_ref.db_code 
_struct_ref.entity_id 
_struct_ref.pdbx_seq_one_letter_code 
_struct_ref.pdbx_align_begin 
_struct_ref.pdbx_db_accession 
_struct_ref.pdbx_db_isoform 
1 PDB 2J1A         1 ? ? 2J1A   ? 
2 UNP Q8XL08_CLOPE 1 ? ? Q8XL08 ? 
# 
loop_
_struct_ref_seq.align_id 
_struct_ref_seq.ref_id 
_struct_ref_seq.pdbx_PDB_id_code 
_struct_ref_seq.pdbx_strand_id 
_struct_ref_seq.seq_align_beg 
_struct_ref_seq.pdbx_seq_align_beg_ins_code 
_struct_ref_seq.seq_align_end 
_struct_ref_seq.pdbx_seq_align_end_ins_code 
_struct_ref_seq.pdbx_db_accession 
_struct_ref_seq.db_align_beg 
_struct_ref_seq.pdbx_db_align_beg_ins_code 
_struct_ref_seq.db_align_end 
_struct_ref_seq.pdbx_db_align_end_ins_code 
_struct_ref_seq.pdbx_auth_seq_align_beg 
_struct_ref_seq.pdbx_auth_seq_align_end 
1 1 2J1A A 1 ? 7   ? 2J1A   618 ? 624 ? 618 624 
2 2 2J1A A 8 ? 150 ? Q8XL08 625 ? 767 ? 625 767 
# 
_pdbx_struct_assembly.id                   1 
_pdbx_struct_assembly.details              author_and_software_defined_assembly 
_pdbx_struct_assembly.method_details       PQS 
_pdbx_struct_assembly.oligomeric_details   monomeric 
_pdbx_struct_assembly.oligomeric_count     1 
# 
_pdbx_struct_assembly_gen.assembly_id       1 
_pdbx_struct_assembly_gen.oper_expression   1 
_pdbx_struct_assembly_gen.asym_id_list      A,B,C,D 
# 
_pdbx_struct_oper_list.id                   1 
_pdbx_struct_oper_list.type                 'identity operation' 
_pdbx_struct_oper_list.name                 1_555 
_pdbx_struct_oper_list.symmetry_operation   x,y,z 
_pdbx_struct_oper_list.matrix[1][1]         1.0000000000 
_pdbx_struct_oper_list.matrix[1][2]         0.0000000000 
_pdbx_struct_oper_list.matrix[1][3]         0.0000000000 
_pdbx_struct_oper_list.vector[1]            0.0000000000 
_pdbx_struct_oper_list.matrix[2][1]         0.0000000000 
_pdbx_struct_oper_list.matrix[2][2]         1.0000000000 
_pdbx_struct_oper_list.matrix[2][3]         0.0000000000 
_pdbx_struct_oper_list.vector[2]            0.0000000000 
_pdbx_struct_oper_list.matrix[3][1]         0.0000000000 
_pdbx_struct_oper_list.matrix[3][2]         0.0000000000 
_pdbx_struct_oper_list.matrix[3][3]         1.0000000000 
_pdbx_struct_oper_list.vector[3]            0.0000000000 
# 
_struct_biol.id   1 
# 
_struct_conf.conf_type_id            HELX_P 
_struct_conf.id                      HELX_P1 
_struct_conf.pdbx_PDB_helix_id       1 
_struct_conf.beg_label_comp_id       PRO 
_struct_conf.beg_label_asym_id       A 
_struct_conf.beg_label_seq_id        27 
_struct_conf.pdbx_beg_PDB_ins_code   ? 
_struct_conf.end_label_comp_id       SER 
_struct_conf.end_label_asym_id       A 
_struct_conf.end_label_seq_id        32 
_struct_conf.pdbx_end_PDB_ins_code   ? 
_struct_conf.beg_auth_comp_id        PRO 
_struct_conf.beg_auth_asym_id        A 
_struct_conf.beg_auth_seq_id         644 
_struct_conf.end_auth_comp_id        SER 
_struct_conf.end_auth_asym_id        A 
_struct_conf.end_auth_seq_id         649 
_struct_conf.pdbx_PDB_helix_class    5 
_struct_conf.details                 ? 
_struct_conf.pdbx_PDB_helix_length   6 
# 
_struct_conf_type.id          HELX_P 
_struct_conf_type.criteria    ? 
_struct_conf_type.reference   ? 
# 
loop_
_struct_conn.id 
_struct_conn.conn_type_id 
_struct_conn.pdbx_leaving_atom_flag 
_struct_conn.pdbx_PDB_id 
_struct_conn.ptnr1_label_asym_id 
_struct_conn.ptnr1_label_comp_id 
_struct_conn.ptnr1_label_seq_id 
_struct_conn.ptnr1_label_atom_id 
_struct_conn.pdbx_ptnr1_label_alt_id 
_struct_conn.pdbx_ptnr1_PDB_ins_code 
_struct_conn.pdbx_ptnr1_standard_comp_id 
_struct_conn.ptnr1_symmetry 
_struct_conn.ptnr2_label_asym_id 
_struct_conn.ptnr2_label_comp_id 
_struct_conn.ptnr2_label_seq_id 
_struct_conn.ptnr2_label_atom_id 
_struct_conn.pdbx_ptnr2_label_alt_id 
_struct_conn.pdbx_ptnr2_PDB_ins_code 
_struct_conn.ptnr1_auth_asym_id 
_struct_conn.ptnr1_auth_comp_id 
_struct_conn.ptnr1_auth_seq_id 
_struct_conn.ptnr2_auth_asym_id 
_struct_conn.ptnr2_auth_comp_id 
_struct_conn.ptnr2_auth_seq_id 
_struct_conn.ptnr2_symmetry 
_struct_conn.pdbx_ptnr3_label_atom_id 
_struct_conn.pdbx_ptnr3_label_seq_id 
_struct_conn.pdbx_ptnr3_label_comp_id 
_struct_conn.pdbx_ptnr3_label_asym_id 
_struct_conn.pdbx_ptnr3_label_alt_id 
_struct_conn.pdbx_ptnr3_PDB_ins_code 
_struct_conn.details 
_struct_conn.pdbx_dist_value 
_struct_conn.pdbx_value_order 
_struct_conn.pdbx_role 
metalc1 metalc ? ? A PHE 30  O   ? ? ? 1_555 C CA . CA ? ? A PHE 647 A CA 1769 1_555 ? ? ? ? ? ? ? 2.342 ? ? 
metalc2 metalc ? ? A ASP 33  OD2 ? ? ? 1_555 C CA . CA ? ? A ASP 650 A CA 1769 1_555 ? ? ? ? ? ? ? 2.568 ? ? 
metalc3 metalc ? ? A ASP 35  O   ? ? ? 1_555 C CA . CA ? ? A ASP 652 A CA 1769 1_555 ? ? ? ? ? ? ? 2.346 ? ? 
metalc4 metalc ? ? A THR 38  O   ? ? ? 1_555 C CA . CA ? ? A THR 655 A CA 1769 1_555 ? ? ? ? ? ? ? 2.430 ? ? 
metalc5 metalc ? ? A THR 38  OG1 ? ? ? 1_555 C CA . CA ? ? A THR 655 A CA 1769 1_555 ? ? ? ? ? ? ? 2.576 ? ? 
metalc6 metalc ? ? A ALA 144 O   ? ? ? 1_555 C CA . CA ? ? A ALA 761 A CA 1769 1_555 ? ? ? ? ? ? ? 2.437 ? ? 
metalc7 metalc ? ? A GLU 145 OE1 ? ? ? 1_555 C CA . CA ? ? A GLU 762 A CA 1769 1_555 ? ? ? ? ? ? ? 2.376 ? ? 
# 
_struct_conn_type.id          metalc 
_struct_conn_type.criteria    ? 
_struct_conn_type.reference   ? 
# 
loop_
_pdbx_struct_conn_angle.id 
_pdbx_struct_conn_angle.ptnr1_label_atom_id 
_pdbx_struct_conn_angle.ptnr1_label_alt_id 
_pdbx_struct_conn_angle.ptnr1_label_asym_id 
_pdbx_struct_conn_angle.ptnr1_label_comp_id 
_pdbx_struct_conn_angle.ptnr1_label_seq_id 
_pdbx_struct_conn_angle.ptnr1_auth_atom_id 
_pdbx_struct_conn_angle.ptnr1_auth_asym_id 
_pdbx_struct_conn_angle.ptnr1_auth_comp_id 
_pdbx_struct_conn_angle.ptnr1_auth_seq_id 
_pdbx_struct_conn_angle.ptnr1_PDB_ins_code 
_pdbx_struct_conn_angle.ptnr1_symmetry 
_pdbx_struct_conn_angle.ptnr2_label_atom_id 
_pdbx_struct_conn_angle.ptnr2_label_alt_id 
_pdbx_struct_conn_angle.ptnr2_label_asym_id 
_pdbx_struct_conn_angle.ptnr2_label_comp_id 
_pdbx_struct_conn_angle.ptnr2_label_seq_id 
_pdbx_struct_conn_angle.ptnr2_auth_atom_id 
_pdbx_struct_conn_angle.ptnr2_auth_asym_id 
_pdbx_struct_conn_angle.ptnr2_auth_comp_id 
_pdbx_struct_conn_angle.ptnr2_auth_seq_id 
_pdbx_struct_conn_angle.ptnr2_PDB_ins_code 
_pdbx_struct_conn_angle.ptnr2_symmetry 
_pdbx_struct_conn_angle.ptnr3_label_atom_id 
_pdbx_struct_conn_angle.ptnr3_label_alt_id 
_pdbx_struct_conn_angle.ptnr3_label_asym_id 
_pdbx_struct_conn_angle.ptnr3_label_comp_id 
_pdbx_struct_conn_angle.ptnr3_label_seq_id 
_pdbx_struct_conn_angle.ptnr3_auth_atom_id 
_pdbx_struct_conn_angle.ptnr3_auth_asym_id 
_pdbx_struct_conn_angle.ptnr3_auth_comp_id 
_pdbx_struct_conn_angle.ptnr3_auth_seq_id 
_pdbx_struct_conn_angle.ptnr3_PDB_ins_code 
_pdbx_struct_conn_angle.ptnr3_symmetry 
_pdbx_struct_conn_angle.value 
_pdbx_struct_conn_angle.value_esd 
1  O   ? A PHE 30  ? A PHE 647 ? 1_555 CA ? C CA . ? A CA 1769 ? 1_555 OD2 ? A ASP 33  ? A ASP 650 ? 1_555 81.9  ? 
2  O   ? A PHE 30  ? A PHE 647 ? 1_555 CA ? C CA . ? A CA 1769 ? 1_555 O   ? A ASP 35  ? A ASP 652 ? 1_555 168.1 ? 
3  OD2 ? A ASP 33  ? A ASP 650 ? 1_555 CA ? C CA . ? A CA 1769 ? 1_555 O   ? A ASP 35  ? A ASP 652 ? 1_555 92.3  ? 
4  O   ? A PHE 30  ? A PHE 647 ? 1_555 CA ? C CA . ? A CA 1769 ? 1_555 O   ? A THR 38  ? A THR 655 ? 1_555 91.3  ? 
5  OD2 ? A ASP 33  ? A ASP 650 ? 1_555 CA ? C CA . ? A CA 1769 ? 1_555 O   ? A THR 38  ? A THR 655 ? 1_555 139.4 ? 
6  O   ? A ASP 35  ? A ASP 652 ? 1_555 CA ? C CA . ? A CA 1769 ? 1_555 O   ? A THR 38  ? A THR 655 ? 1_555 86.4  ? 
7  O   ? A PHE 30  ? A PHE 647 ? 1_555 CA ? C CA . ? A CA 1769 ? 1_555 OG1 ? A THR 38  ? A THR 655 ? 1_555 87.1  ? 
8  OD2 ? A ASP 33  ? A ASP 650 ? 1_555 CA ? C CA . ? A CA 1769 ? 1_555 OG1 ? A THR 38  ? A THR 655 ? 1_555 67.8  ? 
9  O   ? A ASP 35  ? A ASP 652 ? 1_555 CA ? C CA . ? A CA 1769 ? 1_555 OG1 ? A THR 38  ? A THR 655 ? 1_555 81.1  ? 
10 O   ? A THR 38  ? A THR 655 ? 1_555 CA ? C CA . ? A CA 1769 ? 1_555 OG1 ? A THR 38  ? A THR 655 ? 1_555 72.0  ? 
11 O   ? A PHE 30  ? A PHE 647 ? 1_555 CA ? C CA . ? A CA 1769 ? 1_555 O   ? A ALA 144 ? A ALA 761 ? 1_555 82.2  ? 
12 OD2 ? A ASP 33  ? A ASP 650 ? 1_555 CA ? C CA . ? A CA 1769 ? 1_555 O   ? A ALA 144 ? A ALA 761 ? 1_555 140.4 ? 
13 O   ? A ASP 35  ? A ASP 652 ? 1_555 CA ? C CA . ? A CA 1769 ? 1_555 O   ? A ALA 144 ? A ALA 761 ? 1_555 108.6 ? 
14 O   ? A THR 38  ? A THR 655 ? 1_555 CA ? C CA . ? A CA 1769 ? 1_555 O   ? A ALA 144 ? A ALA 761 ? 1_555 76.9  ? 
15 OG1 ? A THR 38  ? A THR 655 ? 1_555 CA ? C CA . ? A CA 1769 ? 1_555 O   ? A ALA 144 ? A ALA 761 ? 1_555 146.7 ? 
16 O   ? A PHE 30  ? A PHE 647 ? 1_555 CA ? C CA . ? A CA 1769 ? 1_555 OE1 ? A GLU 145 ? A GLU 762 ? 1_555 98.9  ? 
17 OD2 ? A ASP 33  ? A ASP 650 ? 1_555 CA ? C CA . ? A CA 1769 ? 1_555 OE1 ? A GLU 145 ? A GLU 762 ? 1_555 71.8  ? 
18 O   ? A ASP 35  ? A ASP 652 ? 1_555 CA ? C CA . ? A CA 1769 ? 1_555 OE1 ? A GLU 145 ? A GLU 762 ? 1_555 89.1  ? 
19 O   ? A THR 38  ? A THR 655 ? 1_555 CA ? C CA . ? A CA 1769 ? 1_555 OE1 ? A GLU 145 ? A GLU 762 ? 1_555 148.5 ? 
20 OG1 ? A THR 38  ? A THR 655 ? 1_555 CA ? C CA . ? A CA 1769 ? 1_555 OE1 ? A GLU 145 ? A GLU 762 ? 1_555 137.9 ? 
21 O   ? A ALA 144 ? A ALA 761 ? 1_555 CA ? C CA . ? A CA 1769 ? 1_555 OE1 ? A GLU 145 ? A GLU 762 ? 1_555 75.1  ? 
# 
loop_
_struct_mon_prot_cis.pdbx_id 
_struct_mon_prot_cis.label_comp_id 
_struct_mon_prot_cis.label_seq_id 
_struct_mon_prot_cis.label_asym_id 
_struct_mon_prot_cis.label_alt_id 
_struct_mon_prot_cis.pdbx_PDB_ins_code 
_struct_mon_prot_cis.auth_comp_id 
_struct_mon_prot_cis.auth_seq_id 
_struct_mon_prot_cis.auth_asym_id 
_struct_mon_prot_cis.pdbx_label_comp_id_2 
_struct_mon_prot_cis.pdbx_label_seq_id_2 
_struct_mon_prot_cis.pdbx_label_asym_id_2 
_struct_mon_prot_cis.pdbx_PDB_ins_code_2 
_struct_mon_prot_cis.pdbx_auth_comp_id_2 
_struct_mon_prot_cis.pdbx_auth_seq_id_2 
_struct_mon_prot_cis.pdbx_auth_asym_id_2 
_struct_mon_prot_cis.pdbx_PDB_model_num 
_struct_mon_prot_cis.pdbx_omega_angle 
1 SER 46 A . ? SER 663 A PRO 47 A ? PRO 664 A 1 -1.52 
2 GLY 51 A . ? GLY 668 A PRO 52 A ? PRO 669 A 1 4.25  
# 
loop_
_struct_sheet.id 
_struct_sheet.type 
_struct_sheet.number_strands 
_struct_sheet.details 
AA ? 5 ? 
AB ? 3 ? 
AC ? 2 ? 
# 
loop_
_struct_sheet_order.sheet_id 
_struct_sheet_order.range_id_1 
_struct_sheet_order.range_id_2 
_struct_sheet_order.offset 
_struct_sheet_order.sense 
AA 1 2 ? anti-parallel 
AA 2 3 ? anti-parallel 
AA 3 4 ? anti-parallel 
AA 4 5 ? anti-parallel 
AB 1 2 ? anti-parallel 
AB 2 3 ? anti-parallel 
AC 1 2 ? anti-parallel 
# 
loop_
_struct_sheet_range.sheet_id 
_struct_sheet_range.id 
_struct_sheet_range.beg_label_comp_id 
_struct_sheet_range.beg_label_asym_id 
_struct_sheet_range.beg_label_seq_id 
_struct_sheet_range.pdbx_beg_PDB_ins_code 
_struct_sheet_range.end_label_comp_id 
_struct_sheet_range.end_label_asym_id 
_struct_sheet_range.end_label_seq_id 
_struct_sheet_range.pdbx_end_PDB_ins_code 
_struct_sheet_range.beg_auth_comp_id 
_struct_sheet_range.beg_auth_asym_id 
_struct_sheet_range.beg_auth_seq_id 
_struct_sheet_range.end_auth_comp_id 
_struct_sheet_range.end_auth_asym_id 
_struct_sheet_range.end_auth_seq_id 
AA 1 THR A 11  ? ALA A 16  ? THR A 628 ALA A 633 
AA 2 HIS A 54  ? ALA A 71  ? HIS A 671 ALA A 688 
AA 3 LYS A 110 ? VAL A 130 ? LYS A 727 VAL A 747 
AA 4 ARG A 80  ? SER A 89  ? ARG A 697 SER A 706 
AA 5 PHE A 95  ? THR A 102 ? PHE A 712 THR A 719 
AB 1 THR A 11  ? ALA A 16  ? THR A 628 ALA A 633 
AB 2 HIS A 54  ? ALA A 71  ? HIS A 671 ALA A 688 
AB 3 GLU A 145 ? HIS A 149 ? GLU A 762 HIS A 766 
AC 1 TRP A 40  ? HIS A 41  ? TRP A 657 HIS A 658 
AC 2 THR A 142 ? ALA A 143 ? THR A 759 ALA A 760 
# 
loop_
_pdbx_struct_sheet_hbond.sheet_id 
_pdbx_struct_sheet_hbond.range_id_1 
_pdbx_struct_sheet_hbond.range_id_2 
_pdbx_struct_sheet_hbond.range_1_label_atom_id 
_pdbx_struct_sheet_hbond.range_1_label_comp_id 
_pdbx_struct_sheet_hbond.range_1_label_asym_id 
_pdbx_struct_sheet_hbond.range_1_label_seq_id 
_pdbx_struct_sheet_hbond.range_1_PDB_ins_code 
_pdbx_struct_sheet_hbond.range_1_auth_atom_id 
_pdbx_struct_sheet_hbond.range_1_auth_comp_id 
_pdbx_struct_sheet_hbond.range_1_auth_asym_id 
_pdbx_struct_sheet_hbond.range_1_auth_seq_id 
_pdbx_struct_sheet_hbond.range_2_label_atom_id 
_pdbx_struct_sheet_hbond.range_2_label_comp_id 
_pdbx_struct_sheet_hbond.range_2_label_asym_id 
_pdbx_struct_sheet_hbond.range_2_label_seq_id 
_pdbx_struct_sheet_hbond.range_2_PDB_ins_code 
_pdbx_struct_sheet_hbond.range_2_auth_atom_id 
_pdbx_struct_sheet_hbond.range_2_auth_comp_id 
_pdbx_struct_sheet_hbond.range_2_auth_asym_id 
_pdbx_struct_sheet_hbond.range_2_auth_seq_id 
AA 1 2 N THR A 15  ? N THR A 632 O THR A 56  ? O THR A 673 
AA 2 3 N TYR A 70  ? N TYR A 687 O LYS A 110 ? O LYS A 727 
AA 3 4 N VAL A 130 ? N VAL A 747 O ARG A 80  ? O ARG A 697 
AA 4 5 N VAL A 88  ? N VAL A 705 O THR A 96  ? O THR A 713 
AB 1 2 N THR A 15  ? N THR A 632 O THR A 56  ? O THR A 673 
AB 2 3 N ALA A 71  ? N ALA A 688 O GLU A 145 ? O GLU A 762 
AC 1 2 N TRP A 40  ? N TRP A 657 O ALA A 143 ? O ALA A 760 
# 
_pdbx_validate_close_contact.id               1 
_pdbx_validate_close_contact.PDB_model_num    1 
_pdbx_validate_close_contact.auth_atom_id_1   NE2 
_pdbx_validate_close_contact.auth_asym_id_1   A 
_pdbx_validate_close_contact.auth_comp_id_1   HIS 
_pdbx_validate_close_contact.auth_seq_id_1    671 
_pdbx_validate_close_contact.PDB_ins_code_1   ? 
_pdbx_validate_close_contact.label_alt_id_1   ? 
_pdbx_validate_close_contact.auth_atom_id_2   O 
_pdbx_validate_close_contact.auth_asym_id_2   A 
_pdbx_validate_close_contact.auth_comp_id_2   HOH 
_pdbx_validate_close_contact.auth_seq_id_2    2072 
_pdbx_validate_close_contact.PDB_ins_code_2   ? 
_pdbx_validate_close_contact.label_alt_id_2   ? 
_pdbx_validate_close_contact.dist             1.99 
# 
_pdbx_validate_torsion.id              1 
_pdbx_validate_torsion.PDB_model_num   1 
_pdbx_validate_torsion.auth_comp_id    SER 
_pdbx_validate_torsion.auth_asym_id    A 
_pdbx_validate_torsion.auth_seq_id     659 
_pdbx_validate_torsion.PDB_ins_code    ? 
_pdbx_validate_torsion.label_alt_id    ? 
_pdbx_validate_torsion.phi             -47.46 
_pdbx_validate_torsion.psi             152.45 
# 
_pdbx_struct_special_symmetry.id              1 
_pdbx_struct_special_symmetry.PDB_model_num   1 
_pdbx_struct_special_symmetry.auth_asym_id    A 
_pdbx_struct_special_symmetry.auth_comp_id    HOH 
_pdbx_struct_special_symmetry.auth_seq_id     2137 
_pdbx_struct_special_symmetry.PDB_ins_code    ? 
_pdbx_struct_special_symmetry.label_asym_id   D 
_pdbx_struct_special_symmetry.label_comp_id   HOH 
_pdbx_struct_special_symmetry.label_seq_id    . 
# 
_pdbx_database_remark.id     700 
_pdbx_database_remark.text   
;
SHEET
THE SHEET STRUCTURE OF THIS MOLECULE IS BIFURCATED. IN
ORDER TO REPRESENT THIS FEATURE IN THE SHEET RECORDS BELOW,
TWO SHEETS ARE DEFINED.
;
# 
loop_
_pdbx_unobs_or_zero_occ_residues.id 
_pdbx_unobs_or_zero_occ_residues.PDB_model_num 
_pdbx_unobs_or_zero_occ_residues.polymer_flag 
_pdbx_unobs_or_zero_occ_residues.occupancy_flag 
_pdbx_unobs_or_zero_occ_residues.auth_asym_id 
_pdbx_unobs_or_zero_occ_residues.auth_comp_id 
_pdbx_unobs_or_zero_occ_residues.auth_seq_id 
_pdbx_unobs_or_zero_occ_residues.PDB_ins_code 
_pdbx_unobs_or_zero_occ_residues.label_asym_id 
_pdbx_unobs_or_zero_occ_residues.label_comp_id 
_pdbx_unobs_or_zero_occ_residues.label_seq_id 
1 1 Y 1 A LYS 618 ? A LYS 1   
2 1 Y 1 A GLY 619 ? A GLY 2   
3 1 Y 1 A ILE 620 ? A ILE 3   
4 1 Y 1 A ASP 621 ? A ASP 4   
5 1 Y 1 A PRO 622 ? A PRO 5   
6 1 Y 1 A PHE 623 ? A PHE 6   
7 1 Y 1 A THR 624 ? A THR 7   
8 1 Y 1 A ALA 751 ? A ALA 134 
9 1 Y 1 A ASN 752 ? A ASN 135 
# 
loop_
_chem_comp_atom.comp_id 
_chem_comp_atom.atom_id 
_chem_comp_atom.type_symbol 
_chem_comp_atom.pdbx_aromatic_flag 
_chem_comp_atom.pdbx_stereo_config 
_chem_comp_atom.pdbx_ordinal 
ALA N    N  N N 1   
ALA CA   C  N S 2   
ALA C    C  N N 3   
ALA O    O  N N 4   
ALA CB   C  N N 5   
ALA OXT  O  N N 6   
ALA H    H  N N 7   
ALA H2   H  N N 8   
ALA HA   H  N N 9   
ALA HB1  H  N N 10  
ALA HB2  H  N N 11  
ALA HB3  H  N N 12  
ALA HXT  H  N N 13  
ARG N    N  N N 14  
ARG CA   C  N S 15  
ARG C    C  N N 16  
ARG O    O  N N 17  
ARG CB   C  N N 18  
ARG CG   C  N N 19  
ARG CD   C  N N 20  
ARG NE   N  N N 21  
ARG CZ   C  N N 22  
ARG NH1  N  N N 23  
ARG NH2  N  N N 24  
ARG OXT  O  N N 25  
ARG H    H  N N 26  
ARG H2   H  N N 27  
ARG HA   H  N N 28  
ARG HB2  H  N N 29  
ARG HB3  H  N N 30  
ARG HG2  H  N N 31  
ARG HG3  H  N N 32  
ARG HD2  H  N N 33  
ARG HD3  H  N N 34  
ARG HE   H  N N 35  
ARG HH11 H  N N 36  
ARG HH12 H  N N 37  
ARG HH21 H  N N 38  
ARG HH22 H  N N 39  
ARG HXT  H  N N 40  
ASN N    N  N N 41  
ASN CA   C  N S 42  
ASN C    C  N N 43  
ASN O    O  N N 44  
ASN CB   C  N N 45  
ASN CG   C  N N 46  
ASN OD1  O  N N 47  
ASN ND2  N  N N 48  
ASN OXT  O  N N 49  
ASN H    H  N N 50  
ASN H2   H  N N 51  
ASN HA   H  N N 52  
ASN HB2  H  N N 53  
ASN HB3  H  N N 54  
ASN HD21 H  N N 55  
ASN HD22 H  N N 56  
ASN HXT  H  N N 57  
ASP N    N  N N 58  
ASP CA   C  N S 59  
ASP C    C  N N 60  
ASP O    O  N N 61  
ASP CB   C  N N 62  
ASP CG   C  N N 63  
ASP OD1  O  N N 64  
ASP OD2  O  N N 65  
ASP OXT  O  N N 66  
ASP H    H  N N 67  
ASP H2   H  N N 68  
ASP HA   H  N N 69  
ASP HB2  H  N N 70  
ASP HB3  H  N N 71  
ASP HD2  H  N N 72  
ASP HXT  H  N N 73  
CA  CA   CA N N 74  
GAL C1   C  N R 75  
GAL C2   C  N R 76  
GAL C3   C  N S 77  
GAL C4   C  N R 78  
GAL C5   C  N R 79  
GAL C6   C  N N 80  
GAL O1   O  N N 81  
GAL O2   O  N N 82  
GAL O3   O  N N 83  
GAL O4   O  N N 84  
GAL O5   O  N N 85  
GAL O6   O  N N 86  
GAL H1   H  N N 87  
GAL H2   H  N N 88  
GAL H3   H  N N 89  
GAL H4   H  N N 90  
GAL H5   H  N N 91  
GAL H61  H  N N 92  
GAL H62  H  N N 93  
GAL HO1  H  N N 94  
GAL HO2  H  N N 95  
GAL HO3  H  N N 96  
GAL HO4  H  N N 97  
GAL HO6  H  N N 98  
GLN N    N  N N 99  
GLN CA   C  N S 100 
GLN C    C  N N 101 
GLN O    O  N N 102 
GLN CB   C  N N 103 
GLN CG   C  N N 104 
GLN CD   C  N N 105 
GLN OE1  O  N N 106 
GLN NE2  N  N N 107 
GLN OXT  O  N N 108 
GLN H    H  N N 109 
GLN H2   H  N N 110 
GLN HA   H  N N 111 
GLN HB2  H  N N 112 
GLN HB3  H  N N 113 
GLN HG2  H  N N 114 
GLN HG3  H  N N 115 
GLN HE21 H  N N 116 
GLN HE22 H  N N 117 
GLN HXT  H  N N 118 
GLU N    N  N N 119 
GLU CA   C  N S 120 
GLU C    C  N N 121 
GLU O    O  N N 122 
GLU CB   C  N N 123 
GLU CG   C  N N 124 
GLU CD   C  N N 125 
GLU OE1  O  N N 126 
GLU OE2  O  N N 127 
GLU OXT  O  N N 128 
GLU H    H  N N 129 
GLU H2   H  N N 130 
GLU HA   H  N N 131 
GLU HB2  H  N N 132 
GLU HB3  H  N N 133 
GLU HG2  H  N N 134 
GLU HG3  H  N N 135 
GLU HE2  H  N N 136 
GLU HXT  H  N N 137 
GLY N    N  N N 138 
GLY CA   C  N N 139 
GLY C    C  N N 140 
GLY O    O  N N 141 
GLY OXT  O  N N 142 
GLY H    H  N N 143 
GLY H2   H  N N 144 
GLY HA2  H  N N 145 
GLY HA3  H  N N 146 
GLY HXT  H  N N 147 
HIS N    N  N N 148 
HIS CA   C  N S 149 
HIS C    C  N N 150 
HIS O    O  N N 151 
HIS CB   C  N N 152 
HIS CG   C  Y N 153 
HIS ND1  N  Y N 154 
HIS CD2  C  Y N 155 
HIS CE1  C  Y N 156 
HIS NE2  N  Y N 157 
HIS OXT  O  N N 158 
HIS H    H  N N 159 
HIS H2   H  N N 160 
HIS HA   H  N N 161 
HIS HB2  H  N N 162 
HIS HB3  H  N N 163 
HIS HD1  H  N N 164 
HIS HD2  H  N N 165 
HIS HE1  H  N N 166 
HIS HE2  H  N N 167 
HIS HXT  H  N N 168 
HOH O    O  N N 169 
HOH H1   H  N N 170 
HOH H2   H  N N 171 
ILE N    N  N N 172 
ILE CA   C  N S 173 
ILE C    C  N N 174 
ILE O    O  N N 175 
ILE CB   C  N S 176 
ILE CG1  C  N N 177 
ILE CG2  C  N N 178 
ILE CD1  C  N N 179 
ILE OXT  O  N N 180 
ILE H    H  N N 181 
ILE H2   H  N N 182 
ILE HA   H  N N 183 
ILE HB   H  N N 184 
ILE HG12 H  N N 185 
ILE HG13 H  N N 186 
ILE HG21 H  N N 187 
ILE HG22 H  N N 188 
ILE HG23 H  N N 189 
ILE HD11 H  N N 190 
ILE HD12 H  N N 191 
ILE HD13 H  N N 192 
ILE HXT  H  N N 193 
LEU N    N  N N 194 
LEU CA   C  N S 195 
LEU C    C  N N 196 
LEU O    O  N N 197 
LEU CB   C  N N 198 
LEU CG   C  N N 199 
LEU CD1  C  N N 200 
LEU CD2  C  N N 201 
LEU OXT  O  N N 202 
LEU H    H  N N 203 
LEU H2   H  N N 204 
LEU HA   H  N N 205 
LEU HB2  H  N N 206 
LEU HB3  H  N N 207 
LEU HG   H  N N 208 
LEU HD11 H  N N 209 
LEU HD12 H  N N 210 
LEU HD13 H  N N 211 
LEU HD21 H  N N 212 
LEU HD22 H  N N 213 
LEU HD23 H  N N 214 
LEU HXT  H  N N 215 
LYS N    N  N N 216 
LYS CA   C  N S 217 
LYS C    C  N N 218 
LYS O    O  N N 219 
LYS CB   C  N N 220 
LYS CG   C  N N 221 
LYS CD   C  N N 222 
LYS CE   C  N N 223 
LYS NZ   N  N N 224 
LYS OXT  O  N N 225 
LYS H    H  N N 226 
LYS H2   H  N N 227 
LYS HA   H  N N 228 
LYS HB2  H  N N 229 
LYS HB3  H  N N 230 
LYS HG2  H  N N 231 
LYS HG3  H  N N 232 
LYS HD2  H  N N 233 
LYS HD3  H  N N 234 
LYS HE2  H  N N 235 
LYS HE3  H  N N 236 
LYS HZ1  H  N N 237 
LYS HZ2  H  N N 238 
LYS HZ3  H  N N 239 
LYS HXT  H  N N 240 
MET N    N  N N 241 
MET CA   C  N S 242 
MET C    C  N N 243 
MET O    O  N N 244 
MET CB   C  N N 245 
MET CG   C  N N 246 
MET SD   S  N N 247 
MET CE   C  N N 248 
MET OXT  O  N N 249 
MET H    H  N N 250 
MET H2   H  N N 251 
MET HA   H  N N 252 
MET HB2  H  N N 253 
MET HB3  H  N N 254 
MET HG2  H  N N 255 
MET HG3  H  N N 256 
MET HE1  H  N N 257 
MET HE2  H  N N 258 
MET HE3  H  N N 259 
MET HXT  H  N N 260 
PHE N    N  N N 261 
PHE CA   C  N S 262 
PHE C    C  N N 263 
PHE O    O  N N 264 
PHE CB   C  N N 265 
PHE CG   C  Y N 266 
PHE CD1  C  Y N 267 
PHE CD2  C  Y N 268 
PHE CE1  C  Y N 269 
PHE CE2  C  Y N 270 
PHE CZ   C  Y N 271 
PHE OXT  O  N N 272 
PHE H    H  N N 273 
PHE H2   H  N N 274 
PHE HA   H  N N 275 
PHE HB2  H  N N 276 
PHE HB3  H  N N 277 
PHE HD1  H  N N 278 
PHE HD2  H  N N 279 
PHE HE1  H  N N 280 
PHE HE2  H  N N 281 
PHE HZ   H  N N 282 
PHE HXT  H  N N 283 
PRO N    N  N N 284 
PRO CA   C  N S 285 
PRO C    C  N N 286 
PRO O    O  N N 287 
PRO CB   C  N N 288 
PRO CG   C  N N 289 
PRO CD   C  N N 290 
PRO OXT  O  N N 291 
PRO H    H  N N 292 
PRO HA   H  N N 293 
PRO HB2  H  N N 294 
PRO HB3  H  N N 295 
PRO HG2  H  N N 296 
PRO HG3  H  N N 297 
PRO HD2  H  N N 298 
PRO HD3  H  N N 299 
PRO HXT  H  N N 300 
SER N    N  N N 301 
SER CA   C  N S 302 
SER C    C  N N 303 
SER O    O  N N 304 
SER CB   C  N N 305 
SER OG   O  N N 306 
SER OXT  O  N N 307 
SER H    H  N N 308 
SER H2   H  N N 309 
SER HA   H  N N 310 
SER HB2  H  N N 311 
SER HB3  H  N N 312 
SER HG   H  N N 313 
SER HXT  H  N N 314 
THR N    N  N N 315 
THR CA   C  N S 316 
THR C    C  N N 317 
THR O    O  N N 318 
THR CB   C  N R 319 
THR OG1  O  N N 320 
THR CG2  C  N N 321 
THR OXT  O  N N 322 
THR H    H  N N 323 
THR H2   H  N N 324 
THR HA   H  N N 325 
THR HB   H  N N 326 
THR HG1  H  N N 327 
THR HG21 H  N N 328 
THR HG22 H  N N 329 
THR HG23 H  N N 330 
THR HXT  H  N N 331 
TRP N    N  N N 332 
TRP CA   C  N S 333 
TRP C    C  N N 334 
TRP O    O  N N 335 
TRP CB   C  N N 336 
TRP CG   C  Y N 337 
TRP CD1  C  Y N 338 
TRP CD2  C  Y N 339 
TRP NE1  N  Y N 340 
TRP CE2  C  Y N 341 
TRP CE3  C  Y N 342 
TRP CZ2  C  Y N 343 
TRP CZ3  C  Y N 344 
TRP CH2  C  Y N 345 
TRP OXT  O  N N 346 
TRP H    H  N N 347 
TRP H2   H  N N 348 
TRP HA   H  N N 349 
TRP HB2  H  N N 350 
TRP HB3  H  N N 351 
TRP HD1  H  N N 352 
TRP HE1  H  N N 353 
TRP HE3  H  N N 354 
TRP HZ2  H  N N 355 
TRP HZ3  H  N N 356 
TRP HH2  H  N N 357 
TRP HXT  H  N N 358 
TYR N    N  N N 359 
TYR CA   C  N S 360 
TYR C    C  N N 361 
TYR O    O  N N 362 
TYR CB   C  N N 363 
TYR CG   C  Y N 364 
TYR CD1  C  Y N 365 
TYR CD2  C  Y N 366 
TYR CE1  C  Y N 367 
TYR CE2  C  Y N 368 
TYR CZ   C  Y N 369 
TYR OH   O  N N 370 
TYR OXT  O  N N 371 
TYR H    H  N N 372 
TYR H2   H  N N 373 
TYR HA   H  N N 374 
TYR HB2  H  N N 375 
TYR HB3  H  N N 376 
TYR HD1  H  N N 377 
TYR HD2  H  N N 378 
TYR HE1  H  N N 379 
TYR HE2  H  N N 380 
TYR HH   H  N N 381 
TYR HXT  H  N N 382 
VAL N    N  N N 383 
VAL CA   C  N S 384 
VAL C    C  N N 385 
VAL O    O  N N 386 
VAL CB   C  N N 387 
VAL CG1  C  N N 388 
VAL CG2  C  N N 389 
VAL OXT  O  N N 390 
VAL H    H  N N 391 
VAL H2   H  N N 392 
VAL HA   H  N N 393 
VAL HB   H  N N 394 
VAL HG11 H  N N 395 
VAL HG12 H  N N 396 
VAL HG13 H  N N 397 
VAL HG21 H  N N 398 
VAL HG22 H  N N 399 
VAL HG23 H  N N 400 
VAL HXT  H  N N 401 
# 
loop_
_chem_comp_bond.comp_id 
_chem_comp_bond.atom_id_1 
_chem_comp_bond.atom_id_2 
_chem_comp_bond.value_order 
_chem_comp_bond.pdbx_aromatic_flag 
_chem_comp_bond.pdbx_stereo_config 
_chem_comp_bond.pdbx_ordinal 
ALA N   CA   sing N N 1   
ALA N   H    sing N N 2   
ALA N   H2   sing N N 3   
ALA CA  C    sing N N 4   
ALA CA  CB   sing N N 5   
ALA CA  HA   sing N N 6   
ALA C   O    doub N N 7   
ALA C   OXT  sing N N 8   
ALA CB  HB1  sing N N 9   
ALA CB  HB2  sing N N 10  
ALA CB  HB3  sing N N 11  
ALA OXT HXT  sing N N 12  
ARG N   CA   sing N N 13  
ARG N   H    sing N N 14  
ARG N   H2   sing N N 15  
ARG CA  C    sing N N 16  
ARG CA  CB   sing N N 17  
ARG CA  HA   sing N N 18  
ARG C   O    doub N N 19  
ARG C   OXT  sing N N 20  
ARG CB  CG   sing N N 21  
ARG CB  HB2  sing N N 22  
ARG CB  HB3  sing N N 23  
ARG CG  CD   sing N N 24  
ARG CG  HG2  sing N N 25  
ARG CG  HG3  sing N N 26  
ARG CD  NE   sing N N 27  
ARG CD  HD2  sing N N 28  
ARG CD  HD3  sing N N 29  
ARG NE  CZ   sing N N 30  
ARG NE  HE   sing N N 31  
ARG CZ  NH1  sing N N 32  
ARG CZ  NH2  doub N N 33  
ARG NH1 HH11 sing N N 34  
ARG NH1 HH12 sing N N 35  
ARG NH2 HH21 sing N N 36  
ARG NH2 HH22 sing N N 37  
ARG OXT HXT  sing N N 38  
ASN N   CA   sing N N 39  
ASN N   H    sing N N 40  
ASN N   H2   sing N N 41  
ASN CA  C    sing N N 42  
ASN CA  CB   sing N N 43  
ASN CA  HA   sing N N 44  
ASN C   O    doub N N 45  
ASN C   OXT  sing N N 46  
ASN CB  CG   sing N N 47  
ASN CB  HB2  sing N N 48  
ASN CB  HB3  sing N N 49  
ASN CG  OD1  doub N N 50  
ASN CG  ND2  sing N N 51  
ASN ND2 HD21 sing N N 52  
ASN ND2 HD22 sing N N 53  
ASN OXT HXT  sing N N 54  
ASP N   CA   sing N N 55  
ASP N   H    sing N N 56  
ASP N   H2   sing N N 57  
ASP CA  C    sing N N 58  
ASP CA  CB   sing N N 59  
ASP CA  HA   sing N N 60  
ASP C   O    doub N N 61  
ASP C   OXT  sing N N 62  
ASP CB  CG   sing N N 63  
ASP CB  HB2  sing N N 64  
ASP CB  HB3  sing N N 65  
ASP CG  OD1  doub N N 66  
ASP CG  OD2  sing N N 67  
ASP OD2 HD2  sing N N 68  
ASP OXT HXT  sing N N 69  
GAL C1  C2   sing N N 70  
GAL C1  O1   sing N N 71  
GAL C1  O5   sing N N 72  
GAL C1  H1   sing N N 73  
GAL C2  C3   sing N N 74  
GAL C2  O2   sing N N 75  
GAL C2  H2   sing N N 76  
GAL C3  C4   sing N N 77  
GAL C3  O3   sing N N 78  
GAL C3  H3   sing N N 79  
GAL C4  C5   sing N N 80  
GAL C4  O4   sing N N 81  
GAL C4  H4   sing N N 82  
GAL C5  C6   sing N N 83  
GAL C5  O5   sing N N 84  
GAL C5  H5   sing N N 85  
GAL C6  O6   sing N N 86  
GAL C6  H61  sing N N 87  
GAL C6  H62  sing N N 88  
GAL O1  HO1  sing N N 89  
GAL O2  HO2  sing N N 90  
GAL O3  HO3  sing N N 91  
GAL O4  HO4  sing N N 92  
GAL O6  HO6  sing N N 93  
GLN N   CA   sing N N 94  
GLN N   H    sing N N 95  
GLN N   H2   sing N N 96  
GLN CA  C    sing N N 97  
GLN CA  CB   sing N N 98  
GLN CA  HA   sing N N 99  
GLN C   O    doub N N 100 
GLN C   OXT  sing N N 101 
GLN CB  CG   sing N N 102 
GLN CB  HB2  sing N N 103 
GLN CB  HB3  sing N N 104 
GLN CG  CD   sing N N 105 
GLN CG  HG2  sing N N 106 
GLN CG  HG3  sing N N 107 
GLN CD  OE1  doub N N 108 
GLN CD  NE2  sing N N 109 
GLN NE2 HE21 sing N N 110 
GLN NE2 HE22 sing N N 111 
GLN OXT HXT  sing N N 112 
GLU N   CA   sing N N 113 
GLU N   H    sing N N 114 
GLU N   H2   sing N N 115 
GLU CA  C    sing N N 116 
GLU CA  CB   sing N N 117 
GLU CA  HA   sing N N 118 
GLU C   O    doub N N 119 
GLU C   OXT  sing N N 120 
GLU CB  CG   sing N N 121 
GLU CB  HB2  sing N N 122 
GLU CB  HB3  sing N N 123 
GLU CG  CD   sing N N 124 
GLU CG  HG2  sing N N 125 
GLU CG  HG3  sing N N 126 
GLU CD  OE1  doub N N 127 
GLU CD  OE2  sing N N 128 
GLU OE2 HE2  sing N N 129 
GLU OXT HXT  sing N N 130 
GLY N   CA   sing N N 131 
GLY N   H    sing N N 132 
GLY N   H2   sing N N 133 
GLY CA  C    sing N N 134 
GLY CA  HA2  sing N N 135 
GLY CA  HA3  sing N N 136 
GLY C   O    doub N N 137 
GLY C   OXT  sing N N 138 
GLY OXT HXT  sing N N 139 
HIS N   CA   sing N N 140 
HIS N   H    sing N N 141 
HIS N   H2   sing N N 142 
HIS CA  C    sing N N 143 
HIS CA  CB   sing N N 144 
HIS CA  HA   sing N N 145 
HIS C   O    doub N N 146 
HIS C   OXT  sing N N 147 
HIS CB  CG   sing N N 148 
HIS CB  HB2  sing N N 149 
HIS CB  HB3  sing N N 150 
HIS CG  ND1  sing Y N 151 
HIS CG  CD2  doub Y N 152 
HIS ND1 CE1  doub Y N 153 
HIS ND1 HD1  sing N N 154 
HIS CD2 NE2  sing Y N 155 
HIS CD2 HD2  sing N N 156 
HIS CE1 NE2  sing Y N 157 
HIS CE1 HE1  sing N N 158 
HIS NE2 HE2  sing N N 159 
HIS OXT HXT  sing N N 160 
HOH O   H1   sing N N 161 
HOH O   H2   sing N N 162 
ILE N   CA   sing N N 163 
ILE N   H    sing N N 164 
ILE N   H2   sing N N 165 
ILE CA  C    sing N N 166 
ILE CA  CB   sing N N 167 
ILE CA  HA   sing N N 168 
ILE C   O    doub N N 169 
ILE C   OXT  sing N N 170 
ILE CB  CG1  sing N N 171 
ILE CB  CG2  sing N N 172 
ILE CB  HB   sing N N 173 
ILE CG1 CD1  sing N N 174 
ILE CG1 HG12 sing N N 175 
ILE CG1 HG13 sing N N 176 
ILE CG2 HG21 sing N N 177 
ILE CG2 HG22 sing N N 178 
ILE CG2 HG23 sing N N 179 
ILE CD1 HD11 sing N N 180 
ILE CD1 HD12 sing N N 181 
ILE CD1 HD13 sing N N 182 
ILE OXT HXT  sing N N 183 
LEU N   CA   sing N N 184 
LEU N   H    sing N N 185 
LEU N   H2   sing N N 186 
LEU CA  C    sing N N 187 
LEU CA  CB   sing N N 188 
LEU CA  HA   sing N N 189 
LEU C   O    doub N N 190 
LEU C   OXT  sing N N 191 
LEU CB  CG   sing N N 192 
LEU CB  HB2  sing N N 193 
LEU CB  HB3  sing N N 194 
LEU CG  CD1  sing N N 195 
LEU CG  CD2  sing N N 196 
LEU CG  HG   sing N N 197 
LEU CD1 HD11 sing N N 198 
LEU CD1 HD12 sing N N 199 
LEU CD1 HD13 sing N N 200 
LEU CD2 HD21 sing N N 201 
LEU CD2 HD22 sing N N 202 
LEU CD2 HD23 sing N N 203 
LEU OXT HXT  sing N N 204 
LYS N   CA   sing N N 205 
LYS N   H    sing N N 206 
LYS N   H2   sing N N 207 
LYS CA  C    sing N N 208 
LYS CA  CB   sing N N 209 
LYS CA  HA   sing N N 210 
LYS C   O    doub N N 211 
LYS C   OXT  sing N N 212 
LYS CB  CG   sing N N 213 
LYS CB  HB2  sing N N 214 
LYS CB  HB3  sing N N 215 
LYS CG  CD   sing N N 216 
LYS CG  HG2  sing N N 217 
LYS CG  HG3  sing N N 218 
LYS CD  CE   sing N N 219 
LYS CD  HD2  sing N N 220 
LYS CD  HD3  sing N N 221 
LYS CE  NZ   sing N N 222 
LYS CE  HE2  sing N N 223 
LYS CE  HE3  sing N N 224 
LYS NZ  HZ1  sing N N 225 
LYS NZ  HZ2  sing N N 226 
LYS NZ  HZ3  sing N N 227 
LYS OXT HXT  sing N N 228 
MET N   CA   sing N N 229 
MET N   H    sing N N 230 
MET N   H2   sing N N 231 
MET CA  C    sing N N 232 
MET CA  CB   sing N N 233 
MET CA  HA   sing N N 234 
MET C   O    doub N N 235 
MET C   OXT  sing N N 236 
MET CB  CG   sing N N 237 
MET CB  HB2  sing N N 238 
MET CB  HB3  sing N N 239 
MET CG  SD   sing N N 240 
MET CG  HG2  sing N N 241 
MET CG  HG3  sing N N 242 
MET SD  CE   sing N N 243 
MET CE  HE1  sing N N 244 
MET CE  HE2  sing N N 245 
MET CE  HE3  sing N N 246 
MET OXT HXT  sing N N 247 
PHE N   CA   sing N N 248 
PHE N   H    sing N N 249 
PHE N   H2   sing N N 250 
PHE CA  C    sing N N 251 
PHE CA  CB   sing N N 252 
PHE CA  HA   sing N N 253 
PHE C   O    doub N N 254 
PHE C   OXT  sing N N 255 
PHE CB  CG   sing N N 256 
PHE CB  HB2  sing N N 257 
PHE CB  HB3  sing N N 258 
PHE CG  CD1  doub Y N 259 
PHE CG  CD2  sing Y N 260 
PHE CD1 CE1  sing Y N 261 
PHE CD1 HD1  sing N N 262 
PHE CD2 CE2  doub Y N 263 
PHE CD2 HD2  sing N N 264 
PHE CE1 CZ   doub Y N 265 
PHE CE1 HE1  sing N N 266 
PHE CE2 CZ   sing Y N 267 
PHE CE2 HE2  sing N N 268 
PHE CZ  HZ   sing N N 269 
PHE OXT HXT  sing N N 270 
PRO N   CA   sing N N 271 
PRO N   CD   sing N N 272 
PRO N   H    sing N N 273 
PRO CA  C    sing N N 274 
PRO CA  CB   sing N N 275 
PRO CA  HA   sing N N 276 
PRO C   O    doub N N 277 
PRO C   OXT  sing N N 278 
PRO CB  CG   sing N N 279 
PRO CB  HB2  sing N N 280 
PRO CB  HB3  sing N N 281 
PRO CG  CD   sing N N 282 
PRO CG  HG2  sing N N 283 
PRO CG  HG3  sing N N 284 
PRO CD  HD2  sing N N 285 
PRO CD  HD3  sing N N 286 
PRO OXT HXT  sing N N 287 
SER N   CA   sing N N 288 
SER N   H    sing N N 289 
SER N   H2   sing N N 290 
SER CA  C    sing N N 291 
SER CA  CB   sing N N 292 
SER CA  HA   sing N N 293 
SER C   O    doub N N 294 
SER C   OXT  sing N N 295 
SER CB  OG   sing N N 296 
SER CB  HB2  sing N N 297 
SER CB  HB3  sing N N 298 
SER OG  HG   sing N N 299 
SER OXT HXT  sing N N 300 
THR N   CA   sing N N 301 
THR N   H    sing N N 302 
THR N   H2   sing N N 303 
THR CA  C    sing N N 304 
THR CA  CB   sing N N 305 
THR CA  HA   sing N N 306 
THR C   O    doub N N 307 
THR C   OXT  sing N N 308 
THR CB  OG1  sing N N 309 
THR CB  CG2  sing N N 310 
THR CB  HB   sing N N 311 
THR OG1 HG1  sing N N 312 
THR CG2 HG21 sing N N 313 
THR CG2 HG22 sing N N 314 
THR CG2 HG23 sing N N 315 
THR OXT HXT  sing N N 316 
TRP N   CA   sing N N 317 
TRP N   H    sing N N 318 
TRP N   H2   sing N N 319 
TRP CA  C    sing N N 320 
TRP CA  CB   sing N N 321 
TRP CA  HA   sing N N 322 
TRP C   O    doub N N 323 
TRP C   OXT  sing N N 324 
TRP CB  CG   sing N N 325 
TRP CB  HB2  sing N N 326 
TRP CB  HB3  sing N N 327 
TRP CG  CD1  doub Y N 328 
TRP CG  CD2  sing Y N 329 
TRP CD1 NE1  sing Y N 330 
TRP CD1 HD1  sing N N 331 
TRP CD2 CE2  doub Y N 332 
TRP CD2 CE3  sing Y N 333 
TRP NE1 CE2  sing Y N 334 
TRP NE1 HE1  sing N N 335 
TRP CE2 CZ2  sing Y N 336 
TRP CE3 CZ3  doub Y N 337 
TRP CE3 HE3  sing N N 338 
TRP CZ2 CH2  doub Y N 339 
TRP CZ2 HZ2  sing N N 340 
TRP CZ3 CH2  sing Y N 341 
TRP CZ3 HZ3  sing N N 342 
TRP CH2 HH2  sing N N 343 
TRP OXT HXT  sing N N 344 
TYR N   CA   sing N N 345 
TYR N   H    sing N N 346 
TYR N   H2   sing N N 347 
TYR CA  C    sing N N 348 
TYR CA  CB   sing N N 349 
TYR CA  HA   sing N N 350 
TYR C   O    doub N N 351 
TYR C   OXT  sing N N 352 
TYR CB  CG   sing N N 353 
TYR CB  HB2  sing N N 354 
TYR CB  HB3  sing N N 355 
TYR CG  CD1  doub Y N 356 
TYR CG  CD2  sing Y N 357 
TYR CD1 CE1  sing Y N 358 
TYR CD1 HD1  sing N N 359 
TYR CD2 CE2  doub Y N 360 
TYR CD2 HD2  sing N N 361 
TYR CE1 CZ   doub Y N 362 
TYR CE1 HE1  sing N N 363 
TYR CE2 CZ   sing Y N 364 
TYR CE2 HE2  sing N N 365 
TYR CZ  OH   sing N N 366 
TYR OH  HH   sing N N 367 
TYR OXT HXT  sing N N 368 
VAL N   CA   sing N N 369 
VAL N   H    sing N N 370 
VAL N   H2   sing N N 371 
VAL CA  C    sing N N 372 
VAL CA  CB   sing N N 373 
VAL CA  HA   sing N N 374 
VAL C   O    doub N N 375 
VAL C   OXT  sing N N 376 
VAL CB  CG1  sing N N 377 
VAL CB  CG2  sing N N 378 
VAL CB  HB   sing N N 379 
VAL CG1 HG11 sing N N 380 
VAL CG1 HG12 sing N N 381 
VAL CG1 HG13 sing N N 382 
VAL CG2 HG21 sing N N 383 
VAL CG2 HG22 sing N N 384 
VAL CG2 HG23 sing N N 385 
VAL OXT HXT  sing N N 386 
# 
_atom_sites.entry_id                    2J1A 
_atom_sites.fract_transf_matrix[1][1]   0.02340333 
_atom_sites.fract_transf_matrix[1][2]   -0.00020867 
_atom_sites.fract_transf_matrix[1][3]   0.01205403 
_atom_sites.fract_transf_matrix[2][1]   0.02068733 
_atom_sites.fract_transf_matrix[2][2]   0.01180529 
_atom_sites.fract_transf_matrix[2][3]   -0.01121283 
_atom_sites.fract_transf_matrix[3][1]   -0.00167196 
_atom_sites.fract_transf_matrix[3][2]   0.00611371 
_atom_sites.fract_transf_matrix[3][3]   0.00335201 
_atom_sites.fract_transf_vector[1]      0.010256 
_atom_sites.fract_transf_vector[2]      0.491847 
_atom_sites.fract_transf_vector[3]      0.083705 
# 
loop_
_atom_type.symbol 
C  
CA 
N  
O  
S  
# 
loop_
_atom_site.group_PDB 
_atom_site.id 
_atom_site.type_symbol 
_atom_site.label_atom_id 
_atom_site.label_alt_id 
_atom_site.label_comp_id 
_atom_site.label_asym_id 
_atom_site.label_entity_id 
_atom_site.label_seq_id 
_atom_site.pdbx_PDB_ins_code 
_atom_site.Cartn_x 
_atom_site.Cartn_y 
_atom_site.Cartn_z 
_atom_site.occupancy 
_atom_site.B_iso_or_equiv 
_atom_site.pdbx_formal_charge 
_atom_site.auth_seq_id 
_atom_site.auth_comp_id 
_atom_site.auth_asym_id 
_atom_site.auth_atom_id 
_atom_site.pdbx_PDB_model_num 
ATOM   1    N  N   . ASN A 1 8   ? 13.539  0.585   11.494  1.00 37.94 ? 625  ASN A N   1 
ATOM   2    C  CA  . ASN A 1 8   ? 14.833  0.038   10.979  1.00 37.63 ? 625  ASN A CA  1 
ATOM   3    C  C   . ASN A 1 8   ? 14.750  -0.488  9.535   1.00 36.55 ? 625  ASN A C   1 
ATOM   4    O  O   . ASN A 1 8   ? 15.590  -0.105  8.703   1.00 36.50 ? 625  ASN A O   1 
ATOM   5    C  CB  . ASN A 1 8   ? 15.418  -1.003  11.926  1.00 38.12 ? 625  ASN A CB  1 
ATOM   6    C  CG  . ASN A 1 8   ? 16.876  -1.290  11.654  1.00 38.75 ? 625  ASN A CG  1 
ATOM   7    O  OD1 . ASN A 1 8   ? 17.704  -0.377  11.532  1.00 40.97 ? 625  ASN A OD1 1 
ATOM   8    N  ND2 . ASN A 1 8   ? 17.208  -2.574  11.585  1.00 40.65 ? 625  ASN A ND2 1 
ATOM   9    N  N   . PRO A 1 9   ? 13.734  -1.336  9.223   1.00 35.65 ? 626  PRO A N   1 
ATOM   10   C  CA  . PRO A 1 9   ? 13.545  -1.639  7.798   1.00 34.75 ? 626  PRO A CA  1 
ATOM   11   C  C   . PRO A 1 9   ? 13.338  -0.314  7.056   1.00 34.39 ? 626  PRO A C   1 
ATOM   12   O  O   . PRO A 1 9   ? 12.435  0.457   7.407   1.00 34.26 ? 626  PRO A O   1 
ATOM   13   C  CB  . PRO A 1 9   ? 12.255  -2.471  7.784   1.00 34.49 ? 626  PRO A CB  1 
ATOM   14   C  CG  . PRO A 1 9   ? 12.139  -3.024  9.155   1.00 35.47 ? 626  PRO A CG  1 
ATOM   15   C  CD  . PRO A 1 9   ? 12.721  -2.008  10.067  1.00 34.79 ? 626  PRO A CD  1 
ATOM   16   N  N   . ARG A 1 10  ? 14.203  -0.026  6.089   1.00 32.68 ? 627  ARG A N   1 
ATOM   17   C  CA  . ARG A 1 10  ? 14.136  1.222   5.344   1.00 31.82 ? 627  ARG A CA  1 
ATOM   18   C  C   . ARG A 1 10  ? 13.737  0.930   3.886   1.00 29.34 ? 627  ARG A C   1 
ATOM   19   O  O   . ARG A 1 10  ? 14.381  0.129   3.211   1.00 27.22 ? 627  ARG A O   1 
ATOM   20   C  CB  . ARG A 1 10  ? 15.477  1.973   5.428   1.00 31.51 ? 627  ARG A CB  1 
ATOM   21   C  CG  . ARG A 1 10  ? 15.633  3.094   4.412   1.00 34.34 ? 627  ARG A CG  1 
ATOM   22   C  CD  . ARG A 1 10  ? 16.990  3.809   4.513   1.00 35.57 ? 627  ARG A CD  1 
ATOM   23   N  NE  . ARG A 1 10  ? 17.524  4.231   3.199   1.00 44.56 ? 627  ARG A NE  1 
ATOM   24   C  CZ  . ARG A 1 10  ? 16.879  5.002   2.307   1.00 47.24 ? 627  ARG A CZ  1 
ATOM   25   N  NH1 . ARG A 1 10  ? 15.634  5.439   2.533   1.00 47.69 ? 627  ARG A NH1 1 
ATOM   26   N  NH2 . ARG A 1 10  ? 17.474  5.329   1.165   1.00 48.00 ? 627  ARG A NH2 1 
ATOM   27   N  N   . THR A 1 11  ? 12.668  1.599   3.427   1.00 27.64 ? 628  THR A N   1 
ATOM   28   C  CA  . THR A 1 11  ? 12.202  1.509   2.041   1.00 26.68 ? 628  THR A CA  1 
ATOM   29   C  C   . THR A 1 11  ? 13.103  2.364   1.187   1.00 26.85 ? 628  THR A C   1 
ATOM   30   O  O   . THR A 1 11  ? 13.291  3.547   1.477   1.00 26.80 ? 628  THR A O   1 
ATOM   31   C  CB  . THR A 1 11  ? 10.744  1.996   1.897   1.00 26.80 ? 628  THR A CB  1 
ATOM   32   O  OG1 . THR A 1 11  ? 9.920   1.250   2.802   1.00 25.91 ? 628  THR A OG1 1 
ATOM   33   C  CG2 . THR A 1 11  ? 10.237  1.792   0.461   1.00 25.76 ? 628  THR A CG2 1 
ATOM   34   N  N   . VAL A 1 12  ? 13.727  1.744   0.193   1.00 26.32 ? 629  VAL A N   1 
ATOM   35   C  CA  . VAL A 1 12  ? 14.538  2.514   -0.753  1.00 27.16 ? 629  VAL A CA  1 
ATOM   36   C  C   . VAL A 1 12  ? 13.795  2.780   -2.038  1.00 27.05 ? 629  VAL A C   1 
ATOM   37   O  O   . VAL A 1 12  ? 14.123  3.718   -2.761  1.00 26.77 ? 629  VAL A O   1 
ATOM   38   C  CB  . VAL A 1 12  ? 15.947  1.903   -1.051  1.00 27.27 ? 629  VAL A CB  1 
ATOM   39   C  CG1 . VAL A 1 12  ? 16.822  2.018   0.196   1.00 29.00 ? 629  VAL A CG1 1 
ATOM   40   C  CG2 . VAL A 1 12  ? 15.855  0.471   -1.617  1.00 27.45 ? 629  VAL A CG2 1 
ATOM   41   N  N   . LYS A 1 13  ? 12.800  1.941   -2.332  1.00 25.42 ? 630  LYS A N   1 
ATOM   42   C  CA  . LYS A 1 13  ? 12.001  2.128   -3.515  1.00 24.80 ? 630  LYS A CA  1 
ATOM   43   C  C   . LYS A 1 13  ? 10.582  1.590   -3.340  1.00 23.67 ? 630  LYS A C   1 
ATOM   44   O  O   . LYS A 1 13  ? 10.354  0.544   -2.708  1.00 22.73 ? 630  LYS A O   1 
ATOM   45   C  CB  . LYS A 1 13  ? 12.651  1.449   -4.719  1.00 24.18 ? 630  LYS A CB  1 
ATOM   46   C  CG  . LYS A 1 13  ? 11.824  1.610   -5.969  1.00 28.68 ? 630  LYS A CG  1 
ATOM   47   C  CD  . LYS A 1 13  ? 12.596  1.512   -7.261  1.00 36.30 ? 630  LYS A CD  1 
ATOM   48   C  CE  . LYS A 1 13  ? 11.707  2.069   -8.375  1.00 39.14 ? 630  LYS A CE  1 
ATOM   49   N  NZ  . LYS A 1 13  ? 12.153  1.594   -9.721  1.00 42.52 ? 630  LYS A NZ  1 
ATOM   50   N  N   . ILE A 1 14  ? 9.626   2.298   -3.935  1.00 22.64 ? 631  ILE A N   1 
ATOM   51   C  CA  . ILE A 1 14  ? 8.243   1.806   -3.931  1.00 21.63 ? 631  ILE A CA  1 
ATOM   52   C  C   . ILE A 1 14  ? 7.678   1.792   -5.349  1.00 21.32 ? 631  ILE A C   1 
ATOM   53   O  O   . ILE A 1 14  ? 7.894   2.733   -6.138  1.00 21.74 ? 631  ILE A O   1 
ATOM   54   C  CB  . ILE A 1 14  ? 7.402   2.644   -2.939  1.00 22.19 ? 631  ILE A CB  1 
ATOM   55   C  CG1 . ILE A 1 14  ? 5.986   2.103   -2.719  1.00 22.28 ? 631  ILE A CG1 1 
ATOM   56   C  CG2 . ILE A 1 14  ? 7.417   4.131   -3.307  1.00 22.77 ? 631  ILE A CG2 1 
ATOM   57   C  CD1 . ILE A 1 14  ? 5.402   2.763   -1.450  1.00 22.90 ? 631  ILE A CD1 1 
ATOM   58   N  N   . THR A 1 15  ? 7.006   0.709   -5.695  1.00 19.75 ? 632  THR A N   1 
ATOM   59   C  CA  . THR A 1 15  ? 6.403   0.604   -7.017  1.00 17.63 ? 632  THR A CA  1 
ATOM   60   C  C   . THR A 1 15  ? 4.919   0.244   -6.809  1.00 18.27 ? 632  THR A C   1 
ATOM   61   O  O   . THR A 1 15  ? 4.532   -0.207  -5.752  1.00 19.07 ? 632  THR A O   1 
ATOM   62   C  CB  . THR A 1 15  ? 7.162   -0.439  -7.859  1.00 18.37 ? 632  THR A CB  1 
ATOM   63   O  OG1 . THR A 1 15  ? 7.022   -1.725  -7.232  1.00 20.08 ? 632  THR A OG1 1 
ATOM   64   C  CG2 . THR A 1 15  ? 8.682   -0.022  -7.991  1.00 19.32 ? 632  THR A CG2 1 
ATOM   65   N  N   . ALA A 1 16  ? 4.099   0.521   -7.814  1.00 17.71 ? 633  ALA A N   1 
ATOM   66   C  CA  . ALA A 1 16  ? 2.653   0.299   -7.674  1.00 17.48 ? 633  ALA A CA  1 
ATOM   67   C  C   . ALA A 1 16  ? 2.079   -0.238  -8.971  1.00 16.52 ? 633  ALA A C   1 
ATOM   68   O  O   . ALA A 1 16  ? 2.675   -0.070  -10.053 1.00 16.86 ? 633  ALA A O   1 
ATOM   69   C  CB  . ALA A 1 16  ? 1.937   1.592   -7.306  1.00 17.47 ? 633  ALA A CB  1 
ATOM   70   N  N   . SER A 1 17  ? 0.894   -0.829  -8.859  1.00 16.86 ? 634  SER A N   1 
ATOM   71   C  CA  . SER A 1 17  ? 0.123   -1.231  -10.026 1.00 14.96 ? 634  SER A CA  1 
ATOM   72   C  C   . SER A 1 17  ? -0.085  -0.071  -11.004 1.00 15.37 ? 634  SER A C   1 
ATOM   73   O  O   . SER A 1 17  ? -0.072  -0.248  -12.232 1.00 15.83 ? 634  SER A O   1 
ATOM   74   C  CB  . SER A 1 17  ? -1.247  -1.764  -9.594  1.00 14.44 ? 634  SER A CB  1 
ATOM   75   O  OG  . SER A 1 17  ? -1.793  -0.905  -8.604  1.00 14.60 ? 634  SER A OG  1 
ATOM   76   N  N   . SER A 1 18  ? -0.307  1.098   -10.413 1.00 15.20 ? 635  SER A N   1 
ATOM   77   C  CA  . SER A 1 18  ? -0.554  2.345   -11.153 1.00 16.32 ? 635  SER A CA  1 
ATOM   78   C  C   . SER A 1 18  ? -0.383  3.502   -10.190 1.00 16.53 ? 635  SER A C   1 
ATOM   79   O  O   . SER A 1 18  ? -0.302  3.304   -9.001  1.00 15.17 ? 635  SER A O   1 
ATOM   80   C  CB  . SER A 1 18  ? -1.983  2.375   -11.740 1.00 16.24 ? 635  SER A CB  1 
ATOM   81   O  OG  . SER A 1 18  ? -3.011  2.650   -10.769 1.00 14.72 ? 635  SER A OG  1 
ATOM   82   N  N   . GLU A 1 19  ? -0.360  4.704   -10.736 1.00 16.05 ? 636  GLU A N   1 
ATOM   83   C  CA  . GLU A 1 19  ? -0.304  5.879   -9.903  1.00 16.37 ? 636  GLU A CA  1 
ATOM   84   C  C   . GLU A 1 19  ? -0.893  7.065   -10.680 1.00 15.92 ? 636  GLU A C   1 
ATOM   85   O  O   . GLU A 1 19  ? -0.901  7.077   -11.938 1.00 16.55 ? 636  GLU A O   1 
ATOM   86   C  CB  . GLU A 1 19  ? 1.153   6.134   -9.453  1.00 16.37 ? 636  GLU A CB  1 
ATOM   87   C  CG  . GLU A 1 19  ? 2.095   6.612   -10.573 1.00 16.77 ? 636  GLU A CG  1 
ATOM   88   C  CD  . GLU A 1 19  ? 3.521   6.826   -10.154 1.00 19.00 ? 636  GLU A CD  1 
ATOM   89   O  OE1 . GLU A 1 19  ? 4.263   7.361   -11.014 1.00 23.55 ? 636  GLU A OE1 1 
ATOM   90   O  OE2 . GLU A 1 19  ? 3.900   6.499   -9.006  1.00 19.37 ? 636  GLU A OE2 1 
ATOM   91   N  N   . GLU A 1 20  ? -1.348  8.074   -9.931  1.00 16.29 ? 637  GLU A N   1 
ATOM   92   C  CA  . GLU A 1 20  ? -1.985  9.229   -10.547 1.00 16.67 ? 637  GLU A CA  1 
ATOM   93   C  C   . GLU A 1 20  ? -0.988  10.385  -10.549 1.00 17.26 ? 637  GLU A C   1 
ATOM   94   O  O   . GLU A 1 20  ? -0.519  10.763  -9.482  1.00 16.69 ? 637  GLU A O   1 
ATOM   95   C  CB  . GLU A 1 20  ? -3.230  9.656   -9.736  1.00 17.70 ? 637  GLU A CB  1 
ATOM   96   C  CG  . GLU A 1 20  ? -3.936  10.826  -10.406 1.00 16.51 ? 637  GLU A CG  1 
ATOM   97   C  CD  . GLU A 1 20  ? -4.447  10.479  -11.824 1.00 16.46 ? 637  GLU A CD  1 
ATOM   98   O  OE1 . GLU A 1 20  ? -5.046  9.385   -12.015 1.00 17.74 ? 637  GLU A OE1 1 
ATOM   99   O  OE2 . GLU A 1 20  ? -4.211  11.315  -12.742 1.00 19.76 ? 637  GLU A OE2 1 
ATOM   100  N  N   . THR A 1 21  ? -0.720  10.975  -11.719 1.00 19.09 ? 638  THR A N   1 
ATOM   101  C  CA  . THR A 1 21  ? 0.164   12.149  -11.738 1.00 20.42 ? 638  THR A CA  1 
ATOM   102  C  C   . THR A 1 21  ? -0.370  13.232  -12.680 1.00 20.87 ? 638  THR A C   1 
ATOM   103  O  O   . THR A 1 21  ? 0.315   14.244  -12.899 1.00 21.84 ? 638  THR A O   1 
ATOM   104  C  CB  . THR A 1 21  ? 1.621   11.800  -12.118 1.00 20.17 ? 638  THR A CB  1 
ATOM   105  O  OG1 . THR A 1 21  ? 1.630   11.222  -13.425 1.00 21.24 ? 638  THR A OG1 1 
ATOM   106  C  CG2 . THR A 1 21  ? 2.245   10.835  -11.083 1.00 21.27 ? 638  THR A CG2 1 
ATOM   107  N  N   . SER A 1 22  ? -1.584  13.015  -13.214 1.00 21.11 ? 639  SER A N   1 
ATOM   108  C  CA  A SER A 1 22  ? -2.198  13.967  -14.155 0.50 21.35 ? 639  SER A CA  1 
ATOM   109  C  CA  B SER A 1 22  ? -2.208  13.955  -14.161 0.50 21.44 ? 639  SER A CA  1 
ATOM   110  C  C   . SER A 1 22  ? -3.336  14.755  -13.498 1.00 21.44 ? 639  SER A C   1 
ATOM   111  O  O   . SER A 1 22  ? -3.287  15.989  -13.449 1.00 22.12 ? 639  SER A O   1 
ATOM   112  C  CB  A SER A 1 22  ? -2.675  13.267  -15.433 0.50 21.54 ? 639  SER A CB  1 
ATOM   113  C  CB  B SER A 1 22  ? -2.732  13.219  -15.401 0.50 21.70 ? 639  SER A CB  1 
ATOM   114  O  OG  A SER A 1 22  ? -3.418  14.152  -16.261 0.50 21.80 ? 639  SER A OG  1 
ATOM   115  O  OG  B SER A 1 22  ? -1.678  12.662  -16.164 0.50 22.39 ? 639  SER A OG  1 
ATOM   116  N  N   . GLY A 1 23  ? -4.358  14.051  -12.998 1.00 20.36 ? 640  GLY A N   1 
ATOM   117  C  CA  . GLY A 1 23  ? -5.469  14.735  -12.304 1.00 20.12 ? 640  GLY A CA  1 
ATOM   118  C  C   . GLY A 1 23  ? -5.085  15.377  -10.965 1.00 20.28 ? 640  GLY A C   1 
ATOM   119  O  O   . GLY A 1 23  ? -5.724  16.341  -10.503 1.00 20.32 ? 640  GLY A O   1 
ATOM   120  N  N   . GLU A 1 24  ? -4.022  14.850  -10.347 1.00 18.06 ? 641  GLU A N   1 
ATOM   121  C  CA  . GLU A 1 24  ? -3.411  15.389  -9.139  1.00 19.00 ? 641  GLU A CA  1 
ATOM   122  C  C   . GLU A 1 24  ? -2.040  14.730  -9.062  1.00 18.37 ? 641  GLU A C   1 
ATOM   123  O  O   . GLU A 1 24  ? -1.768  13.797  -9.819  1.00 20.11 ? 641  GLU A O   1 
ATOM   124  C  CB  . GLU A 1 24  ? -4.243  15.093  -7.872  1.00 18.09 ? 641  GLU A CB  1 
ATOM   125  C  CG  . GLU A 1 24  ? -4.402  13.607  -7.509  1.00 18.64 ? 641  GLU A CG  1 
ATOM   126  C  CD  . GLU A 1 24  ? -5.462  13.370  -6.408  1.00 18.27 ? 641  GLU A CD  1 
ATOM   127  O  OE1 . GLU A 1 24  ? -5.569  14.235  -5.485  1.00 16.89 ? 641  GLU A OE1 1 
ATOM   128  O  OE2 . GLU A 1 24  ? -6.213  12.363  -6.520  1.00 16.51 ? 641  GLU A OE2 1 
ATOM   129  N  N   . ASN A 1 25  ? -1.207  15.179  -8.128  1.00 19.59 ? 642  ASN A N   1 
ATOM   130  C  CA  . ASN A 1 25  ? 0.108   14.592  -7.945  1.00 19.79 ? 642  ASN A CA  1 
ATOM   131  C  C   . ASN A 1 25  ? 0.055   13.541  -6.827  1.00 18.61 ? 642  ASN A C   1 
ATOM   132  O  O   . ASN A 1 25  ? 0.130   13.886  -5.644  1.00 18.91 ? 642  ASN A O   1 
ATOM   133  C  CB  . ASN A 1 25  ? 1.160   15.669  -7.643  1.00 20.62 ? 642  ASN A CB  1 
ATOM   134  C  CG  . ASN A 1 25  ? 2.571   15.140  -7.730  1.00 22.99 ? 642  ASN A CG  1 
ATOM   135  O  OD1 . ASN A 1 25  ? 2.901   14.351  -8.624  1.00 24.81 ? 642  ASN A OD1 1 
ATOM   136  N  ND2 . ASN A 1 25  ? 3.417   15.563  -6.804  1.00 27.50 ? 642  ASN A ND2 1 
ATOM   137  N  N   . ALA A 1 26  ? -0.151  12.275  -7.208  1.00 17.60 ? 643  ALA A N   1 
ATOM   138  C  CA  . ALA A 1 26  ? -0.287  11.219  -6.193  1.00 16.92 ? 643  ALA A CA  1 
ATOM   139  C  C   . ALA A 1 26  ? 0.552   9.966   -6.531  1.00 17.34 ? 643  ALA A C   1 
ATOM   140  O  O   . ALA A 1 26  ? 0.002   8.857   -6.599  1.00 17.73 ? 643  ALA A O   1 
ATOM   141  C  CB  . ALA A 1 26  ? -1.765  10.843  -6.007  1.00 16.69 ? 643  ALA A CB  1 
ATOM   142  N  N   . PRO A 1 27  ? 1.871   10.159  -6.772  1.00 17.59 ? 644  PRO A N   1 
ATOM   143  C  CA  . PRO A 1 27  ? 2.710   9.018   -7.162  1.00 16.52 ? 644  PRO A CA  1 
ATOM   144  C  C   . PRO A 1 27  ? 2.879   8.025   -6.003  1.00 16.32 ? 644  PRO A C   1 
ATOM   145  O  O   . PRO A 1 27  ? 2.661   8.372   -4.820  1.00 15.74 ? 644  PRO A O   1 
ATOM   146  C  CB  . PRO A 1 27  ? 4.071   9.664   -7.447  1.00 17.62 ? 644  PRO A CB  1 
ATOM   147  C  CG  . PRO A 1 27  ? 4.109   10.814  -6.526  1.00 18.36 ? 644  PRO A CG  1 
ATOM   148  C  CD  . PRO A 1 27  ? 2.682   11.385  -6.645  1.00 19.12 ? 644  PRO A CD  1 
ATOM   149  N  N   . ALA A 1 28  ? 3.314   6.801   -6.359  1.00 16.76 ? 645  ALA A N   1 
ATOM   150  C  CA  . ALA A 1 28  ? 3.576   5.748   -5.349  1.00 17.10 ? 645  ALA A CA  1 
ATOM   151  C  C   . ALA A 1 28  ? 4.552   6.235   -4.266  1.00 16.71 ? 645  ALA A C   1 
ATOM   152  O  O   . ALA A 1 28  ? 4.393   5.880   -3.095  1.00 18.21 ? 645  ALA A O   1 
ATOM   153  C  CB  . ALA A 1 28  ? 4.076   4.482   -6.016  1.00 16.75 ? 645  ALA A CB  1 
ATOM   154  N  N   . SER A 1 29  ? 5.531   7.074   -4.660  1.00 17.36 ? 646  SER A N   1 
ATOM   155  C  CA  . SER A 1 29  ? 6.569   7.552   -3.704  1.00 17.66 ? 646  SER A CA  1 
ATOM   156  C  C   . SER A 1 29  ? 5.911   8.325   -2.555  1.00 17.98 ? 646  SER A C   1 
ATOM   157  O  O   . SER A 1 29  ? 6.473   8.424   -1.469  1.00 18.72 ? 646  SER A O   1 
ATOM   158  C  CB  . SER A 1 29  ? 7.598   8.440   -4.415  1.00 18.10 ? 646  SER A CB  1 
ATOM   159  O  OG  . SER A 1 29  ? 6.991   9.608   -4.949  1.00 19.25 ? 646  SER A OG  1 
ATOM   160  N  N   . PHE A 1 30  ? 4.722   8.886   -2.800  1.00 17.38 ? 647  PHE A N   1 
ATOM   161  C  CA  . PHE A 1 30  ? 4.013   9.611   -1.745  1.00 17.24 ? 647  PHE A CA  1 
ATOM   162  C  C   . PHE A 1 30  ? 3.525   8.701   -0.597  1.00 17.82 ? 647  PHE A C   1 
ATOM   163  O  O   . PHE A 1 30  ? 3.169   9.212   0.458   1.00 17.66 ? 647  PHE A O   1 
ATOM   164  C  CB  . PHE A 1 30  ? 2.860   10.444  -2.335  1.00 17.71 ? 647  PHE A CB  1 
ATOM   165  C  CG  . PHE A 1 30  ? 3.281   11.818  -2.868  1.00 20.01 ? 647  PHE A CG  1 
ATOM   166  C  CD1 . PHE A 1 30  ? 4.639   12.141  -3.101  1.00 20.78 ? 647  PHE A CD1 1 
ATOM   167  C  CD2 . PHE A 1 30  ? 2.304   12.764  -3.185  1.00 22.43 ? 647  PHE A CD2 1 
ATOM   168  C  CE1 . PHE A 1 30  ? 5.013   13.401  -3.593  1.00 20.22 ? 647  PHE A CE1 1 
ATOM   169  C  CE2 . PHE A 1 30  ? 2.677   14.023  -3.698  1.00 22.48 ? 647  PHE A CE2 1 
ATOM   170  C  CZ  . PHE A 1 30  ? 4.032   14.330  -3.899  1.00 22.18 ? 647  PHE A CZ  1 
ATOM   171  N  N   . ALA A 1 31  ? 3.491   7.386   -0.811  1.00 17.25 ? 648  ALA A N   1 
ATOM   172  C  CA  . ALA A 1 31  ? 3.201   6.432   0.269   1.00 17.59 ? 648  ALA A CA  1 
ATOM   173  C  C   . ALA A 1 31  ? 4.404   6.108   1.183   1.00 19.05 ? 648  ALA A C   1 
ATOM   174  O  O   . ALA A 1 31  ? 4.250   5.379   2.162   1.00 17.54 ? 648  ALA A O   1 
ATOM   175  C  CB  . ALA A 1 31  ? 2.569   5.103   -0.301  1.00 15.81 ? 648  ALA A CB  1 
ATOM   176  N  N   . SER A 1 32  ? 5.567   6.671   0.850   1.00 19.95 ? 649  SER A N   1 
ATOM   177  C  CA  A SER A 1 32  ? 6.851   6.369   1.480   0.50 21.49 ? 649  SER A CA  1 
ATOM   178  C  CA  B SER A 1 32  ? 6.795   6.376   1.593   0.50 21.51 ? 649  SER A CA  1 
ATOM   179  C  C   . SER A 1 32  ? 7.626   7.622   1.912   1.00 22.72 ? 649  SER A C   1 
ATOM   180  O  O   . SER A 1 32  ? 8.840   7.538   2.153   1.00 22.98 ? 649  SER A O   1 
ATOM   181  C  CB  A SER A 1 32  ? 7.725   5.549   0.510   0.50 21.72 ? 649  SER A CB  1 
ATOM   182  C  CB  B SER A 1 32  ? 7.632   5.300   0.873   0.50 21.42 ? 649  SER A CB  1 
ATOM   183  O  OG  A SER A 1 32  ? 8.240   6.379   -0.540  0.50 22.04 ? 649  SER A OG  1 
ATOM   184  O  OG  B SER A 1 32  ? 8.727   4.914   1.680   0.50 22.39 ? 649  SER A OG  1 
ATOM   185  N  N   . ASP A 1 33  ? 6.949   8.778   1.992   1.00 23.21 ? 650  ASP A N   1 
ATOM   186  C  CA  . ASP A 1 33  ? 7.653   10.055  2.232   1.00 23.92 ? 650  ASP A CA  1 
ATOM   187  C  C   . ASP A 1 33  ? 7.509   10.601  3.664   1.00 25.05 ? 650  ASP A C   1 
ATOM   188  O  O   . ASP A 1 33  ? 7.829   11.776  3.937   1.00 27.81 ? 650  ASP A O   1 
ATOM   189  C  CB  . ASP A 1 33  ? 7.259   11.091  1.162   1.00 23.23 ? 650  ASP A CB  1 
ATOM   190  C  CG  . ASP A 1 33  ? 5.816   11.538  1.280   1.00 21.63 ? 650  ASP A CG  1 
ATOM   191  O  OD1 . ASP A 1 33  ? 5.377   12.375  0.463   1.00 23.52 ? 650  ASP A OD1 1 
ATOM   192  O  OD2 . ASP A 1 33  ? 5.129   11.084  2.201   1.00 18.90 ? 650  ASP A OD2 1 
ATOM   193  N  N   . GLY A 1 34  ? 7.012   9.771   4.576   1.00 24.71 ? 651  GLY A N   1 
ATOM   194  C  CA  . GLY A 1 34  ? 6.810   10.160  5.971   1.00 24.58 ? 651  GLY A CA  1 
ATOM   195  C  C   . GLY A 1 34  ? 5.816   11.289  6.259   1.00 24.22 ? 651  GLY A C   1 
ATOM   196  O  O   . GLY A 1 34  ? 5.692   11.741  7.405   1.00 26.23 ? 651  GLY A O   1 
ATOM   197  N  N   . ASP A 1 35  ? 5.069   11.709  5.238   1.00 22.31 ? 652  ASP A N   1 
ATOM   198  C  CA  . ASP A 1 35  ? 4.158   12.858  5.332   1.00 19.92 ? 652  ASP A CA  1 
ATOM   199  C  C   . ASP A 1 35  ? 2.697   12.401  5.212   1.00 19.74 ? 652  ASP A C   1 
ATOM   200  O  O   . ASP A 1 35  ? 2.292   11.894  4.170   1.00 18.28 ? 652  ASP A O   1 
ATOM   201  C  CB  . ASP A 1 35  ? 4.538   13.837  4.211   1.00 20.37 ? 652  ASP A CB  1 
ATOM   202  C  CG  . ASP A 1 35  ? 3.786   15.153  4.268   1.00 21.62 ? 652  ASP A CG  1 
ATOM   203  O  OD1 . ASP A 1 35  ? 2.775   15.275  4.990   1.00 22.07 ? 652  ASP A OD1 1 
ATOM   204  O  OD2 . ASP A 1 35  ? 4.244   16.091  3.552   1.00 22.79 ? 652  ASP A OD2 1 
ATOM   205  N  N   . MET A 1 36  ? 1.906   12.551  6.272   1.00 19.47 ? 653  MET A N   1 
ATOM   206  C  CA  . MET A 1 36  ? 0.492   12.103  6.233   1.00 20.38 ? 653  MET A CA  1 
ATOM   207  C  C   . MET A 1 36  ? -0.398  12.912  5.263   1.00 20.92 ? 653  MET A C   1 
ATOM   208  O  O   . MET A 1 36  ? -1.523  12.482  4.969   1.00 21.72 ? 653  MET A O   1 
ATOM   209  C  CB  . MET A 1 36  ? -0.170  12.108  7.611   1.00 20.22 ? 653  MET A CB  1 
ATOM   210  C  CG  . MET A 1 36  ? 0.229   10.926  8.480   1.00 19.35 ? 653  MET A CG  1 
ATOM   211  S  SD  . MET A 1 36  ? -0.383  9.328   7.785   1.00 19.29 ? 653  MET A SD  1 
ATOM   212  C  CE  . MET A 1 36  ? -2.186  9.561   7.754   1.00 20.74 ? 653  MET A CE  1 
ATOM   213  N  N   . ASN A 1 37  ? 0.096   14.074  4.807   1.00 21.29 ? 654  ASN A N   1 
ATOM   214  C  CA  . ASN A 1 37  ? -0.672  14.962  3.907   1.00 22.62 ? 654  ASN A CA  1 
ATOM   215  C  C   . ASN A 1 37  ? -0.502  14.645  2.428   1.00 21.88 ? 654  ASN A C   1 
ATOM   216  O  O   . ASN A 1 37  ? -1.093  15.304  1.568   1.00 22.25 ? 654  ASN A O   1 
ATOM   217  C  CB  . ASN A 1 37  ? -0.322  16.439  4.160   1.00 24.83 ? 654  ASN A CB  1 
ATOM   218  C  CG  . ASN A 1 37  ? -0.828  16.936  5.516   1.00 30.14 ? 654  ASN A CG  1 
ATOM   219  O  OD1 . ASN A 1 37  ? -1.869  16.482  6.016   1.00 35.67 ? 654  ASN A OD1 1 
ATOM   220  N  ND2 . ASN A 1 37  ? -0.109  17.902  6.095   1.00 36.62 ? 654  ASN A ND2 1 
ATOM   221  N  N   . THR A 1 38  ? 0.352   13.669  2.132   1.00 18.71 ? 655  THR A N   1 
ATOM   222  C  CA  . THR A 1 38  ? 0.596   13.226  0.774   1.00 18.52 ? 655  THR A CA  1 
ATOM   223  C  C   . THR A 1 38  ? 0.191   11.748  0.698   1.00 17.82 ? 655  THR A C   1 
ATOM   224  O  O   . THR A 1 38  ? 0.479   10.967  1.610   1.00 15.95 ? 655  THR A O   1 
ATOM   225  C  CB  . THR A 1 38  ? 2.073   13.387  0.319   1.00 17.71 ? 655  THR A CB  1 
ATOM   226  O  OG1 . THR A 1 38  ? 2.917   12.534  1.092   1.00 16.28 ? 655  THR A OG1 1 
ATOM   227  C  CG2 . THR A 1 38  ? 2.582   14.844  0.452   1.00 18.54 ? 655  THR A CG2 1 
ATOM   228  N  N   . PHE A 1 39  ? -0.500  11.393  -0.383  1.00 18.01 ? 656  PHE A N   1 
ATOM   229  C  CA  . PHE A 1 39  ? -0.948  10.027  -0.556  1.00 17.12 ? 656  PHE A CA  1 
ATOM   230  C  C   . PHE A 1 39  ? -0.636  9.556   -1.980  1.00 16.82 ? 656  PHE A C   1 
ATOM   231  O  O   . PHE A 1 39  ? -0.554  10.376  -2.941  1.00 15.24 ? 656  PHE A O   1 
ATOM   232  C  CB  . PHE A 1 39  ? -2.429  9.883   -0.235  1.00 18.18 ? 656  PHE A CB  1 
ATOM   233  C  CG  . PHE A 1 39  ? -3.307  10.818  -1.020  1.00 16.76 ? 656  PHE A CG  1 
ATOM   234  C  CD1 . PHE A 1 39  ? -3.766  10.442  -2.296  1.00 16.23 ? 656  PHE A CD1 1 
ATOM   235  C  CD2 . PHE A 1 39  ? -3.690  12.060  -0.497  1.00 17.18 ? 656  PHE A CD2 1 
ATOM   236  C  CE1 . PHE A 1 39  ? -4.588  11.281  -3.040  1.00 16.31 ? 656  PHE A CE1 1 
ATOM   237  C  CE2 . PHE A 1 39  ? -4.508  12.920  -1.246  1.00 17.68 ? 656  PHE A CE2 1 
ATOM   238  C  CZ  . PHE A 1 39  ? -4.957  12.511  -2.519  1.00 17.78 ? 656  PHE A CZ  1 
ATOM   239  N  N   . TRP A 1 40  ? -0.404  8.261   -2.092  1.00 15.53 ? 657  TRP A N   1 
ATOM   240  C  CA  . TRP A 1 40  ? -0.396  7.562   -3.368  1.00 15.40 ? 657  TRP A CA  1 
ATOM   241  C  C   . TRP A 1 40  ? -1.871  7.371   -3.740  1.00 15.17 ? 657  TRP A C   1 
ATOM   242  O  O   . TRP A 1 40  ? -2.713  7.063   -2.874  1.00 13.89 ? 657  TRP A O   1 
ATOM   243  C  CB  . TRP A 1 40  ? 0.282   6.193   -3.224  1.00 16.45 ? 657  TRP A CB  1 
ATOM   244  C  CG  . TRP A 1 40  ? -0.108  5.201   -4.317  1.00 17.68 ? 657  TRP A CG  1 
ATOM   245  C  CD1 . TRP A 1 40  ? 0.166   5.322   -5.659  1.00 18.91 ? 657  TRP A CD1 1 
ATOM   246  C  CD2 . TRP A 1 40  ? -0.817  3.967   -4.160  1.00 16.05 ? 657  TRP A CD2 1 
ATOM   247  N  NE1 . TRP A 1 40  ? -0.329  4.231   -6.355  1.00 18.50 ? 657  TRP A NE1 1 
ATOM   248  C  CE2 . TRP A 1 40  ? -0.937  3.377   -5.456  1.00 15.72 ? 657  TRP A CE2 1 
ATOM   249  C  CE3 . TRP A 1 40  ? -1.363  3.288   -3.054  1.00 15.83 ? 657  TRP A CE3 1 
ATOM   250  C  CZ2 . TRP A 1 40  ? -1.580  2.143   -5.677  1.00 19.00 ? 657  TRP A CZ2 1 
ATOM   251  C  CZ3 . TRP A 1 40  ? -2.035  2.042   -3.282  1.00 18.36 ? 657  TRP A CZ3 1 
ATOM   252  C  CH2 . TRP A 1 40  ? -2.121  1.496   -4.595  1.00 17.40 ? 657  TRP A CH2 1 
ATOM   253  N  N   . HIS A 1 41  ? -2.193  7.507   -5.031  1.00 13.97 ? 658  HIS A N   1 
ATOM   254  C  CA  . HIS A 1 41  ? -3.523  7.124   -5.522  1.00 14.32 ? 658  HIS A CA  1 
ATOM   255  C  C   . HIS A 1 41  ? -3.268  6.297   -6.779  1.00 14.56 ? 658  HIS A C   1 
ATOM   256  O  O   . HIS A 1 41  ? -2.414  6.672   -7.601  1.00 14.60 ? 658  HIS A O   1 
ATOM   257  C  CB  . HIS A 1 41  ? -4.330  8.402   -5.923  1.00 13.77 ? 658  HIS A CB  1 
ATOM   258  C  CG  . HIS A 1 41  ? -5.825  8.205   -5.980  1.00 14.40 ? 658  HIS A CG  1 
ATOM   259  N  ND1 . HIS A 1 41  ? -6.414  7.181   -6.689  1.00 17.16 ? 658  HIS A ND1 1 
ATOM   260  C  CD2 . HIS A 1 41  ? -6.844  8.910   -5.421  1.00 18.00 ? 658  HIS A CD2 1 
ATOM   261  C  CE1 . HIS A 1 41  ? -7.730  7.234   -6.527  1.00 16.71 ? 658  HIS A CE1 1 
ATOM   262  N  NE2 . HIS A 1 41  ? -8.017  8.293   -5.788  1.00 16.43 ? 658  HIS A NE2 1 
ATOM   263  N  N   . SER A 1 42  ? -3.938  5.152   -6.878  1.00 15.38 ? 659  SER A N   1 
ATOM   264  C  CA  . SER A 1 42  ? -4.086  4.430   -8.158  1.00 14.37 ? 659  SER A CA  1 
ATOM   265  C  C   . SER A 1 42  ? -4.514  5.433   -9.246  1.00 14.98 ? 659  SER A C   1 
ATOM   266  O  O   . SER A 1 42  ? -5.173  6.456   -8.950  1.00 14.42 ? 659  SER A O   1 
ATOM   267  C  CB  . SER A 1 42  ? -5.179  3.343   -8.029  1.00 15.63 ? 659  SER A CB  1 
ATOM   268  O  OG  . SER A 1 42  ? -6.417  3.922   -7.596  1.00 16.48 ? 659  SER A OG  1 
ATOM   269  N  N   . LYS A 1 43  ? -4.176  5.166   -10.505 1.00 15.48 ? 660  LYS A N   1 
ATOM   270  C  CA  . LYS A 1 43  ? -4.553  6.118   -11.569 1.00 16.79 ? 660  LYS A CA  1 
ATOM   271  C  C   . LYS A 1 43  ? -6.066  6.128   -11.717 1.00 15.86 ? 660  LYS A C   1 
ATOM   272  O  O   . LYS A 1 43  ? -6.678  5.087   -12.032 1.00 15.37 ? 660  LYS A O   1 
ATOM   273  C  CB  . LYS A 1 43  ? -3.907  5.730   -12.901 1.00 16.41 ? 660  LYS A CB  1 
ATOM   274  C  CG  . LYS A 1 43  ? -4.226  6.668   -14.042 1.00 19.67 ? 660  LYS A CG  1 
ATOM   275  C  CD  . LYS A 1 43  ? -3.331  6.346   -15.277 1.00 20.59 ? 660  LYS A CD  1 
ATOM   276  C  CE  . LYS A 1 43  ? -3.810  7.126   -16.512 1.00 24.36 ? 660  LYS A CE  1 
ATOM   277  N  NZ  . LYS A 1 43  ? -4.070  8.566   -16.262 1.00 26.53 ? 660  LYS A NZ  1 
ATOM   278  N  N   . TRP A 1 44  ? -6.651  7.301   -11.476 1.00 15.67 ? 661  TRP A N   1 
ATOM   279  C  CA  . TRP A 1 44  ? -8.087  7.512   -11.636 1.00 17.14 ? 661  TRP A CA  1 
ATOM   280  C  C   . TRP A 1 44  ? -8.446  8.380   -12.855 1.00 18.50 ? 661  TRP A C   1 
ATOM   281  O  O   . TRP A 1 44  ? -9.561  8.266   -13.367 1.00 18.92 ? 661  TRP A O   1 
ATOM   282  C  CB  . TRP A 1 44  ? -8.729  8.072   -10.344 1.00 17.75 ? 661  TRP A CB  1 
ATOM   283  C  CG  . TRP A 1 44  ? -8.188  9.441   -9.901  1.00 17.36 ? 661  TRP A CG  1 
ATOM   284  C  CD1 . TRP A 1 44  ? -7.246  9.704   -8.915  1.00 19.31 ? 661  TRP A CD1 1 
ATOM   285  C  CD2 . TRP A 1 44  ? -8.588  10.722  -10.421 1.00 18.39 ? 661  TRP A CD2 1 
ATOM   286  N  NE1 . TRP A 1 44  ? -7.037  11.072  -8.807  1.00 16.55 ? 661  TRP A NE1 1 
ATOM   287  C  CE2 . TRP A 1 44  ? -7.831  11.716  -9.732  1.00 17.02 ? 661  TRP A CE2 1 
ATOM   288  C  CE3 . TRP A 1 44  ? -9.487  11.123  -11.433 1.00 18.81 ? 661  TRP A CE3 1 
ATOM   289  C  CZ2 . TRP A 1 44  ? -7.969  13.100  -10.007 1.00 20.03 ? 661  TRP A CZ2 1 
ATOM   290  C  CZ3 . TRP A 1 44  ? -9.630  12.513  -11.709 1.00 19.69 ? 661  TRP A CZ3 1 
ATOM   291  C  CH2 . TRP A 1 44  ? -8.872  13.474  -10.996 1.00 19.82 ? 661  TRP A CH2 1 
ATOM   292  N  N   . SER A 1 45  ? -7.505  9.214   -13.317 1.00 19.72 ? 662  SER A N   1 
ATOM   293  C  CA  . SER A 1 45  ? -7.742  10.012  -14.532 1.00 23.29 ? 662  SER A CA  1 
ATOM   294  C  C   . SER A 1 45  ? -7.837  9.091   -15.754 1.00 24.10 ? 662  SER A C   1 
ATOM   295  O  O   . SER A 1 45  ? -7.190  8.053   -15.835 1.00 24.21 ? 662  SER A O   1 
ATOM   296  C  CB  . SER A 1 45  ? -6.672  11.094  -14.771 1.00 22.58 ? 662  SER A CB  1 
ATOM   297  O  OG  . SER A 1 45  ? -5.405  10.519  -14.969 1.00 25.56 ? 662  SER A OG  1 
ATOM   298  N  N   . SER A 1 46  ? -8.696  9.464   -16.690 1.00 26.49 ? 663  SER A N   1 
ATOM   299  C  CA  . SER A 1 46  ? -8.942  8.586   -17.836 1.00 28.39 ? 663  SER A CA  1 
ATOM   300  C  C   . SER A 1 46  ? -7.639  8.443   -18.658 1.00 28.65 ? 663  SER A C   1 
ATOM   301  O  O   . SER A 1 46  ? -6.963  9.440   -18.918 1.00 29.84 ? 663  SER A O   1 
ATOM   302  C  CB  . SER A 1 46  ? -10.118 9.128   -18.654 1.00 29.15 ? 663  SER A CB  1 
ATOM   303  O  OG  . SER A 1 46  ? -10.531 8.189   -19.640 1.00 32.70 ? 663  SER A OG  1 
ATOM   304  N  N   . PRO A 1 47  ? -7.242  7.202   -19.027 1.00 28.58 ? 664  PRO A N   1 
ATOM   305  C  CA  . PRO A 1 47  ? -7.879  5.905   -18.724 1.00 27.33 ? 664  PRO A CA  1 
ATOM   306  C  C   . PRO A 1 47  ? -7.511  5.393   -17.315 1.00 25.64 ? 664  PRO A C   1 
ATOM   307  O  O   . PRO A 1 47  ? -6.324  5.151   -17.032 1.00 25.63 ? 664  PRO A O   1 
ATOM   308  C  CB  . PRO A 1 47  ? -7.304  4.972   -19.804 1.00 27.48 ? 664  PRO A CB  1 
ATOM   309  C  CG  . PRO A 1 47  ? -5.913  5.524   -20.047 1.00 28.63 ? 664  PRO A CG  1 
ATOM   310  C  CD  . PRO A 1 47  ? -6.032  7.035   -19.861 1.00 29.22 ? 664  PRO A CD  1 
ATOM   311  N  N   . ALA A 1 48  ? -8.525  5.245   -16.463 1.00 24.53 ? 665  ALA A N   1 
ATOM   312  C  CA  . ALA A 1 48  ? -8.332  4.829   -15.063 1.00 22.48 ? 665  ALA A CA  1 
ATOM   313  C  C   . ALA A 1 48  ? -7.787  3.400   -14.991 1.00 22.49 ? 665  ALA A C   1 
ATOM   314  O  O   . ALA A 1 48  ? -8.137  2.554   -15.831 1.00 22.79 ? 665  ALA A O   1 
ATOM   315  C  CB  . ALA A 1 48  ? -9.647  4.945   -14.262 1.00 22.55 ? 665  ALA A CB  1 
ATOM   316  N  N   . HIS A 1 49  ? -6.926  3.140   -14.015 1.00 20.81 ? 666  HIS A N   1 
ATOM   317  C  CA  . HIS A 1 49  ? -6.513  1.768   -13.737 1.00 20.45 ? 666  HIS A CA  1 
ATOM   318  C  C   . HIS A 1 49  ? -7.373  1.257   -12.571 1.00 21.72 ? 666  HIS A C   1 
ATOM   319  O  O   . HIS A 1 49  ? -7.261  1.770   -11.439 1.00 22.03 ? 666  HIS A O   1 
ATOM   320  C  CB  . HIS A 1 49  ? -5.008  1.672   -13.422 1.00 20.44 ? 666  HIS A CB  1 
ATOM   321  C  CG  . HIS A 1 49  ? -4.507  0.263   -13.411 1.00 21.49 ? 666  HIS A CG  1 
ATOM   322  N  ND1 . HIS A 1 49  ? -4.675  -0.573  -12.326 1.00 20.84 ? 666  HIS A ND1 1 
ATOM   323  C  CD2 . HIS A 1 49  ? -3.872  -0.476  -14.357 1.00 25.16 ? 666  HIS A CD2 1 
ATOM   324  C  CE1 . HIS A 1 49  ? -4.155  -1.759  -12.593 1.00 20.67 ? 666  HIS A CE1 1 
ATOM   325  N  NE2 . HIS A 1 49  ? -3.674  -1.732  -13.826 1.00 23.69 ? 666  HIS A NE2 1 
ATOM   326  N  N   . GLU A 1 50  ? -8.257  0.288   -12.843 1.00 21.39 ? 667  GLU A N   1 
ATOM   327  C  CA  . GLU A 1 50  ? -9.279  -0.096  -11.855 1.00 22.68 ? 667  GLU A CA  1 
ATOM   328  C  C   . GLU A 1 50  ? -8.909  -1.343  -11.047 1.00 21.27 ? 667  GLU A C   1 
ATOM   329  O  O   . GLU A 1 50  ? -9.706  -1.880  -10.267 1.00 21.62 ? 667  GLU A O   1 
ATOM   330  C  CB  . GLU A 1 50  ? -10.683 -0.178  -12.476 1.00 23.11 ? 667  GLU A CB  1 
ATOM   331  C  CG  . GLU A 1 50  ? -11.220 1.234   -12.865 1.00 25.22 ? 667  GLU A CG  1 
ATOM   332  C  CD  . GLU A 1 50  ? -12.591 1.218   -13.527 1.00 27.27 ? 667  GLU A CD  1 
ATOM   333  O  OE1 . GLU A 1 50  ? -13.157 2.318   -13.722 1.00 32.52 ? 667  GLU A OE1 1 
ATOM   334  O  OE2 . GLU A 1 50  ? -13.098 0.122   -13.835 1.00 32.97 ? 667  GLU A OE2 1 
ATOM   335  N  N   . GLY A 1 51  ? -7.653  -1.738  -11.206 1.00 19.94 ? 668  GLY A N   1 
ATOM   336  C  CA  . GLY A 1 51  ? -7.110  -2.845  -10.484 1.00 20.30 ? 668  GLY A CA  1 
ATOM   337  C  C   . GLY A 1 51  ? -6.665  -3.988  -11.374 1.00 20.52 ? 668  GLY A C   1 
ATOM   338  O  O   . GLY A 1 51  ? -6.806  -3.919  -12.603 1.00 21.51 ? 668  GLY A O   1 
ATOM   339  N  N   . PRO A 1 52  ? -6.055  -5.018  -10.765 1.00 19.77 ? 669  PRO A N   1 
ATOM   340  C  CA  . PRO A 1 52  ? -5.856  -5.183  -9.319  1.00 19.74 ? 669  PRO A CA  1 
ATOM   341  C  C   . PRO A 1 52  ? -4.826  -4.150  -8.829  1.00 18.02 ? 669  PRO A C   1 
ATOM   342  O  O   . PRO A 1 52  ? -3.821  -3.875  -9.520  1.00 18.37 ? 669  PRO A O   1 
ATOM   343  C  CB  . PRO A 1 52  ? -5.235  -6.575  -9.218  1.00 20.39 ? 669  PRO A CB  1 
ATOM   344  C  CG  . PRO A 1 52  ? -4.539  -6.777  -10.504 1.00 20.99 ? 669  PRO A CG  1 
ATOM   345  C  CD  . PRO A 1 52  ? -5.393  -6.091  -11.531 1.00 21.23 ? 669  PRO A CD  1 
ATOM   346  N  N   . HIS A 1 53  ? -5.081  -3.581  -7.655  1.00 17.16 ? 670  HIS A N   1 
ATOM   347  C  CA  . HIS A 1 53  ? -4.191  -2.588  -7.063  1.00 16.44 ? 670  HIS A CA  1 
ATOM   348  C  C   . HIS A 1 53  ? -3.141  -3.236  -6.159  1.00 16.18 ? 670  HIS A C   1 
ATOM   349  O  O   . HIS A 1 53  ? -3.422  -4.187  -5.410  1.00 16.14 ? 670  HIS A O   1 
ATOM   350  C  CB  . HIS A 1 53  ? -5.028  -1.583  -6.241  1.00 16.63 ? 670  HIS A CB  1 
ATOM   351  C  CG  . HIS A 1 53  ? -6.078  -0.896  -7.051  1.00 13.49 ? 670  HIS A CG  1 
ATOM   352  N  ND1 . HIS A 1 53  ? -7.436  -1.048  -6.831  1.00 17.73 ? 670  HIS A ND1 1 
ATOM   353  C  CD2 . HIS A 1 53  ? -5.954  -0.104  -8.134  1.00 10.73 ? 670  HIS A CD2 1 
ATOM   354  C  CE1 . HIS A 1 53  ? -8.098  -0.330  -7.728  1.00 14.52 ? 670  HIS A CE1 1 
ATOM   355  N  NE2 . HIS A 1 53  ? -7.223  0.235   -8.533  1.00 18.42 ? 670  HIS A NE2 1 
ATOM   356  N  N   . HIS A 1 54  ? -1.915  -2.717  -6.222  1.00 15.65 ? 671  HIS A N   1 
ATOM   357  C  CA  . HIS A 1 54  ? -0.925  -3.167  -5.243  1.00 16.29 ? 671  HIS A CA  1 
ATOM   358  C  C   . HIS A 1 54  ? 0.167   -2.132  -5.057  1.00 16.05 ? 671  HIS A C   1 
ATOM   359  O  O   . HIS A 1 54  ? 0.376   -1.260  -5.920  1.00 16.26 ? 671  HIS A O   1 
ATOM   360  C  CB  . HIS A 1 54  ? -0.317  -4.505  -5.677  1.00 16.56 ? 671  HIS A CB  1 
ATOM   361  C  CG  . HIS A 1 54  ? 0.757   -4.371  -6.718  1.00 19.22 ? 671  HIS A CG  1 
ATOM   362  N  ND1 . HIS A 1 54  ? 0.523   -4.495  -8.072  1.00 21.51 ? 671  HIS A ND1 1 
ATOM   363  C  CD2 . HIS A 1 54  ? 2.079   -4.084  -6.593  1.00 22.27 ? 671  HIS A CD2 1 
ATOM   364  C  CE1 . HIS A 1 54  ? 1.650   -4.309  -8.736  1.00 23.40 ? 671  HIS A CE1 1 
ATOM   365  N  NE2 . HIS A 1 54  ? 2.610   -4.037  -7.861  1.00 24.12 ? 671  HIS A NE2 1 
ATOM   366  N  N   . LEU A 1 55  ? 0.893   -2.278  -3.961  1.00 16.65 ? 672  LEU A N   1 
ATOM   367  C  CA  . LEU A 1 55  ? 2.021   -1.429  -3.643  1.00 17.55 ? 672  LEU A CA  1 
ATOM   368  C  C   . LEU A 1 55  ? 3.122   -2.404  -3.200  1.00 17.67 ? 672  LEU A C   1 
ATOM   369  O  O   . LEU A 1 55  ? 2.881   -3.288  -2.353  1.00 18.27 ? 672  LEU A O   1 
ATOM   370  C  CB  . LEU A 1 55  ? 1.630   -0.511  -2.490  1.00 19.68 ? 672  LEU A CB  1 
ATOM   371  C  CG  . LEU A 1 55  ? 2.182   0.862   -2.199  1.00 22.80 ? 672  LEU A CG  1 
ATOM   372  C  CD1 . LEU A 1 55  ? 2.352   1.762   -3.457  1.00 22.11 ? 672  LEU A CD1 1 
ATOM   373  C  CD2 . LEU A 1 55  ? 1.204   1.484   -1.170  1.00 21.73 ? 672  LEU A CD2 1 
ATOM   374  N  N   . THR A 1 56  ? 4.312   -2.235  -3.748  1.00 18.05 ? 673  THR A N   1 
ATOM   375  C  CA  . THR A 1 56  ? 5.461   -3.079  -3.352  1.00 17.73 ? 673  THR A CA  1 
ATOM   376  C  C   . THR A 1 56  ? 6.615   -2.219  -2.851  1.00 18.27 ? 673  THR A C   1 
ATOM   377  O  O   . THR A 1 56  ? 7.117   -1.327  -3.563  1.00 16.50 ? 673  THR A O   1 
ATOM   378  C  CB  . THR A 1 56  ? 5.929   -3.948  -4.504  1.00 18.15 ? 673  THR A CB  1 
ATOM   379  O  OG1 . THR A 1 56  ? 4.859   -4.821  -4.894  1.00 17.31 ? 673  THR A OG1 1 
ATOM   380  C  CG2 . THR A 1 56  ? 7.197   -4.787  -4.105  1.00 18.94 ? 673  THR A CG2 1 
ATOM   381  N  N   . LEU A 1 57  ? 7.010   -2.491  -1.621  1.00 17.28 ? 674  LEU A N   1 
ATOM   382  C  CA  . LEU A 1 57  ? 8.123   -1.809  -0.997  1.00 18.66 ? 674  LEU A CA  1 
ATOM   383  C  C   . LEU A 1 57  ? 9.400   -2.653  -1.127  1.00 19.09 ? 674  LEU A C   1 
ATOM   384  O  O   . LEU A 1 57  ? 9.407   -3.830  -0.723  1.00 19.13 ? 674  LEU A O   1 
ATOM   385  C  CB  . LEU A 1 57  ? 7.827   -1.568  0.487   1.00 19.18 ? 674  LEU A CB  1 
ATOM   386  C  CG  . LEU A 1 57  ? 6.864   -0.455  0.927   1.00 21.41 ? 674  LEU A CG  1 
ATOM   387  C  CD1 . LEU A 1 57  ? 5.493   -0.624  0.266   1.00 21.51 ? 674  LEU A CD1 1 
ATOM   388  C  CD2 . LEU A 1 57  ? 6.746   -0.513  2.426   1.00 21.93 ? 674  LEU A CD2 1 
ATOM   389  N  N   . GLU A 1 58  ? 10.431  -2.046  -1.733  1.00 19.27 ? 675  GLU A N   1 
ATOM   390  C  CA  . GLU A 1 58  ? 11.796  -2.617  -1.767  1.00 20.35 ? 675  GLU A CA  1 
ATOM   391  C  C   . GLU A 1 58  ? 12.613  -2.001  -0.623  1.00 20.89 ? 675  GLU A C   1 
ATOM   392  O  O   . GLU A 1 58  ? 12.807  -0.751  -0.561  1.00 21.22 ? 675  GLU A O   1 
ATOM   393  C  CB  . GLU A 1 58  ? 12.491  -2.363  -3.104  1.00 20.64 ? 675  GLU A CB  1 
ATOM   394  C  CG  . GLU A 1 58  ? 13.894  -3.005  -3.182  1.00 21.42 ? 675  GLU A CG  1 
ATOM   395  C  CD  . GLU A 1 58  ? 14.640  -2.680  -4.474  1.00 21.98 ? 675  GLU A CD  1 
ATOM   396  O  OE1 . GLU A 1 58  ? 15.883  -2.773  -4.479  1.00 24.32 ? 675  GLU A OE1 1 
ATOM   397  O  OE2 . GLU A 1 58  ? 13.987  -2.334  -5.476  1.00 21.33 ? 675  GLU A OE2 1 
ATOM   398  N  N   . LEU A 1 59  ? 13.049  -2.880  0.296   1.00 20.30 ? 676  LEU A N   1 
ATOM   399  C  CA  . LEU A 1 59  ? 13.859  -2.476  1.455   1.00 19.57 ? 676  LEU A CA  1 
ATOM   400  C  C   . LEU A 1 59  ? 15.344  -2.470  1.098   1.00 21.21 ? 676  LEU A C   1 
ATOM   401  O  O   . LEU A 1 59  ? 15.743  -3.093  0.098   1.00 20.15 ? 676  LEU A O   1 
ATOM   402  C  CB  . LEU A 1 59  ? 13.592  -3.395  2.645   0.65 17.14 ? 676  LEU A CB  1 
ATOM   403  C  CG  . LEU A 1 59  ? 12.125  -3.627  3.026   0.65 16.97 ? 676  LEU A CG  1 
ATOM   404  C  CD1 . LEU A 1 59  ? 12.066  -4.631  4.131   0.65 14.24 ? 676  LEU A CD1 1 
ATOM   405  C  CD2 . LEU A 1 59  ? 11.486  -2.317  3.465   0.65 13.10 ? 676  LEU A CD2 1 
ATOM   406  N  N   . ASP A 1 60  ? 16.162  -1.780  1.900   1.00 22.24 ? 677  ASP A N   1 
ATOM   407  C  CA  . ASP A 1 60  ? 17.593  -1.683  1.539   1.00 24.29 ? 677  ASP A CA  1 
ATOM   408  C  C   . ASP A 1 60  ? 18.416  -2.936  1.896   1.00 25.16 ? 677  ASP A C   1 
ATOM   409  O  O   . ASP A 1 60  ? 19.632  -3.020  1.601   1.00 27.17 ? 677  ASP A O   1 
ATOM   410  C  CB  . ASP A 1 60  ? 18.242  -0.417  2.110   1.00 25.38 ? 677  ASP A CB  1 
ATOM   411  C  CG  . ASP A 1 60  ? 18.245  -0.380  3.626   1.00 26.60 ? 677  ASP A CG  1 
ATOM   412  O  OD1 . ASP A 1 60  ? 17.690  -1.280  4.293   1.00 25.99 ? 677  ASP A OD1 1 
ATOM   413  O  OD2 . ASP A 1 60  ? 18.822  0.585   4.172   1.00 32.24 ? 677  ASP A OD2 1 
ATOM   414  N  N   . ASN A 1 61  ? 17.750  -3.904  2.516   1.00 24.78 ? 678  ASN A N   1 
ATOM   415  C  CA  . ASN A 1 61  ? 18.376  -5.153  2.927   1.00 25.03 ? 678  ASN A CA  1 
ATOM   416  C  C   . ASN A 1 61  ? 17.285  -6.170  3.225   1.00 24.08 ? 678  ASN A C   1 
ATOM   417  O  O   . ASN A 1 61  ? 16.105  -5.856  3.181   1.00 22.35 ? 678  ASN A O   1 
ATOM   418  C  CB  . ASN A 1 61  ? 19.188  -4.912  4.208   1.00 26.33 ? 678  ASN A CB  1 
ATOM   419  C  CG  . ASN A 1 61  ? 20.493  -5.719  4.255   1.00 31.26 ? 678  ASN A CG  1 
ATOM   420  O  OD1 . ASN A 1 61  ? 20.547  -6.902  3.863   1.00 33.33 ? 678  ASN A OD1 1 
ATOM   421  N  ND2 . ASN A 1 61  ? 21.553  -5.073  4.744   1.00 33.10 ? 678  ASN A ND2 1 
ATOM   422  N  N   . VAL A 1 62  ? 17.682  -7.391  3.539   1.00 22.35 ? 679  VAL A N   1 
ATOM   423  C  CA  . VAL A 1 62  ? 16.729  -8.352  4.101   1.00 21.71 ? 679  VAL A CA  1 
ATOM   424  C  C   . VAL A 1 62  ? 16.564  -8.002  5.576   1.00 22.46 ? 679  VAL A C   1 
ATOM   425  O  O   . VAL A 1 62  ? 17.565  -7.840  6.302   1.00 22.32 ? 679  VAL A O   1 
ATOM   426  C  CB  . VAL A 1 62  ? 17.205  -9.819  3.925   1.00 21.85 ? 679  VAL A CB  1 
ATOM   427  C  CG1 . VAL A 1 62  ? 16.280  -10.795 4.640   1.00 22.38 ? 679  VAL A CG1 1 
ATOM   428  C  CG2 . VAL A 1 62  ? 17.333  -10.158 2.449   1.00 21.60 ? 679  VAL A CG2 1 
ATOM   429  N  N   . TYR A 1 63  ? 15.308  -7.871  5.984   1.00 22.25 ? 680  TYR A N   1 
ATOM   430  C  CA  . TYR A 1 63  ? 14.925  -7.649  7.366   1.00 20.67 ? 680  TYR A CA  1 
ATOM   431  C  C   . TYR A 1 63  ? 13.931  -8.683  7.847   1.00 22.03 ? 680  TYR A C   1 
ATOM   432  O  O   . TYR A 1 63  ? 13.064  -9.154  7.090   1.00 21.59 ? 680  TYR A O   1 
ATOM   433  C  CB  . TYR A 1 63  ? 14.271  -6.274  7.549   1.00 21.82 ? 680  TYR A CB  1 
ATOM   434  C  CG  . TYR A 1 63  ? 15.196  -5.127  7.337   1.00 21.85 ? 680  TYR A CG  1 
ATOM   435  C  CD1 . TYR A 1 63  ? 15.924  -4.578  8.413   1.00 21.67 ? 680  TYR A CD1 1 
ATOM   436  C  CD2 . TYR A 1 63  ? 15.347  -4.545  6.063   1.00 20.31 ? 680  TYR A CD2 1 
ATOM   437  C  CE1 . TYR A 1 63  ? 16.795  -3.501  8.206   1.00 21.59 ? 680  TYR A CE1 1 
ATOM   438  C  CE2 . TYR A 1 63  ? 16.192  -3.465  5.850   1.00 21.38 ? 680  TYR A CE2 1 
ATOM   439  C  CZ  . TYR A 1 63  ? 16.910  -2.940  6.929   1.00 22.98 ? 680  TYR A CZ  1 
ATOM   440  O  OH  . TYR A 1 63  ? 17.760  -1.880  6.738   1.00 25.44 ? 680  TYR A OH  1 
ATOM   441  N  N   . GLU A 1 64  ? 14.030  -9.006  9.132   1.00 20.94 ? 681  GLU A N   1 
ATOM   442  C  CA  . GLU A 1 64  ? 12.995  -9.771  9.755   1.00 22.29 ? 681  GLU A CA  1 
ATOM   443  C  C   . GLU A 1 64  ? 11.866  -8.799  10.098  1.00 22.00 ? 681  GLU A C   1 
ATOM   444  O  O   . GLU A 1 64  ? 12.076  -7.821  10.838  1.00 22.62 ? 681  GLU A O   1 
ATOM   445  C  CB  . GLU A 1 64  ? 13.505  -10.469 11.019  1.00 22.67 ? 681  GLU A CB  1 
ATOM   446  C  CG  . GLU A 1 64  ? 12.425  -11.267 11.672  1.00 25.01 ? 681  GLU A CG  1 
ATOM   447  C  CD  . GLU A 1 64  ? 12.901  -11.989 12.885  0.65 28.67 ? 681  GLU A CD  1 
ATOM   448  O  OE1 . GLU A 1 64  ? 12.500  -11.576 13.995  0.65 28.83 ? 681  GLU A OE1 1 
ATOM   449  O  OE2 . GLU A 1 64  ? 13.671  -12.950 12.712  0.65 26.38 ? 681  GLU A OE2 1 
ATOM   450  N  N   . ILE A 1 65  ? 10.688  -9.061  9.547   1.00 22.22 ? 682  ILE A N   1 
ATOM   451  C  CA  . ILE A 1 65  ? 9.551   -8.149  9.724   1.00 22.82 ? 682  ILE A CA  1 
ATOM   452  C  C   . ILE A 1 65  ? 8.324   -8.854  10.291  1.00 22.62 ? 682  ILE A C   1 
ATOM   453  O  O   . ILE A 1 65  ? 8.095   -10.045 10.026  1.00 23.17 ? 682  ILE A O   1 
ATOM   454  C  CB  . ILE A 1 65  ? 9.213   -7.420  8.384   1.00 22.24 ? 682  ILE A CB  1 
ATOM   455  C  CG1 . ILE A 1 65  ? 8.755   -8.438  7.328   1.00 23.99 ? 682  ILE A CG1 1 
ATOM   456  C  CG2 . ILE A 1 65  ? 10.423  -6.609  7.893   1.00 22.95 ? 682  ILE A CG2 1 
ATOM   457  C  CD1 . ILE A 1 65  ? 7.939   -7.808  6.135   1.00 24.79 ? 682  ILE A CD1 1 
ATOM   458  N  N   . ASN A 1 66  ? 7.523   -8.128  11.075  1.00 21.79 ? 683  ASN A N   1 
ATOM   459  C  CA  . ASN A 1 66  ? 6.306   -8.721  11.624  1.00 21.20 ? 683  ASN A CA  1 
ATOM   460  C  C   . ASN A 1 66  ? 5.080   -7.810  11.577  1.00 20.17 ? 683  ASN A C   1 
ATOM   461  O  O   . ASN A 1 66  ? 4.047   -8.150  12.142  1.00 19.94 ? 683  ASN A O   1 
ATOM   462  C  CB  . ASN A 1 66  ? 6.542   -9.195  13.060  1.00 22.40 ? 683  ASN A CB  1 
ATOM   463  C  CG  . ASN A 1 66  ? 6.935   -8.048  13.990  1.00 23.85 ? 683  ASN A CG  1 
ATOM   464  O  OD1 . ASN A 1 66  ? 7.009   -6.875  13.584  1.00 23.61 ? 683  ASN A OD1 1 
ATOM   465  N  ND2 . ASN A 1 66  ? 7.203   -8.390  15.250  1.00 29.53 ? 683  ASN A ND2 1 
ATOM   466  N  N   . LYS A 1 67  ? 5.215   -6.656  10.922  1.00 20.49 ? 684  LYS A N   1 
ATOM   467  C  CA  . LYS A 1 67  ? 4.124   -5.691  10.906  1.00 21.15 ? 684  LYS A CA  1 
ATOM   468  C  C   . LYS A 1 67  ? 4.211   -4.779  9.671   1.00 19.98 ? 684  LYS A C   1 
ATOM   469  O  O   . LYS A 1 67  ? 5.296   -4.366  9.271   1.00 19.72 ? 684  LYS A O   1 
ATOM   470  C  CB  . LYS A 1 67  ? 4.156   -4.849  12.207  1.00 20.55 ? 684  LYS A CB  1 
ATOM   471  C  CG  . LYS A 1 67  ? 3.006   -3.862  12.333  1.00 23.19 ? 684  LYS A CG  1 
ATOM   472  C  CD  . LYS A 1 67  ? 2.905   -3.254  13.742  1.00 23.78 ? 684  LYS A CD  1 
ATOM   473  C  CE  . LYS A 1 67  ? 4.212   -2.643  14.206  1.00 29.88 ? 684  LYS A CE  1 
ATOM   474  N  NZ  . LYS A 1 67  ? 4.037   -2.223  15.643  1.00 34.01 ? 684  LYS A NZ  1 
ATOM   475  N  N   . VAL A 1 68  ? 3.054   -4.474  9.085   1.00 19.34 ? 685  VAL A N   1 
ATOM   476  C  CA  . VAL A 1 68  ? 2.938   -3.431  8.047   1.00 18.81 ? 685  VAL A CA  1 
ATOM   477  C  C   . VAL A 1 68  ? 2.013   -2.371  8.616   1.00 18.89 ? 685  VAL A C   1 
ATOM   478  O  O   . VAL A 1 68  ? 0.954   -2.697  9.135   1.00 17.95 ? 685  VAL A O   1 
ATOM   479  C  CB  . VAL A 1 68  ? 2.276   -3.990  6.744   1.00 19.61 ? 685  VAL A CB  1 
ATOM   480  C  CG1 . VAL A 1 68  ? 1.978   -2.843  5.717   1.00 19.43 ? 685  VAL A CG1 1 
ATOM   481  C  CG2 . VAL A 1 68  ? 3.165   -5.089  6.106   1.00 18.86 ? 685  VAL A CG2 1 
ATOM   482  N  N   . LYS A 1 69  ? 2.410   -1.116  8.471   1.00 18.21 ? 686  LYS A N   1 
ATOM   483  C  CA  . LYS A 1 69  ? 1.571   0.008   8.894   1.00 17.11 ? 686  LYS A CA  1 
ATOM   484  C  C   . LYS A 1 69  ? 0.914   0.491   7.610   1.00 16.68 ? 686  LYS A C   1 
ATOM   485  O  O   . LYS A 1 69  ? 1.597   0.716   6.600   1.00 15.90 ? 686  LYS A O   1 
ATOM   486  C  CB  . LYS A 1 69  ? 2.427   1.115   9.533   1.00 18.01 ? 686  LYS A CB  1 
ATOM   487  C  CG  . LYS A 1 69  ? 1.655   2.400   9.859   1.00 18.36 ? 686  LYS A CG  1 
ATOM   488  C  CD  . LYS A 1 69  ? 2.552   3.553   10.343  1.00 16.49 ? 686  LYS A CD  1 
ATOM   489  C  CE  . LYS A 1 69  ? 3.135   4.451   9.205   1.00 16.94 ? 686  LYS A CE  1 
ATOM   490  N  NZ  . LYS A 1 69  ? 4.117   5.478   9.792   1.00 18.41 ? 686  LYS A NZ  1 
ATOM   491  N  N   . TYR A 1 70  ? -0.408  0.592   7.642   1.00 16.47 ? 687  TYR A N   1 
ATOM   492  C  CA  . TYR A 1 70  ? -1.141  1.165   6.534   1.00 15.72 ? 687  TYR A CA  1 
ATOM   493  C  C   . TYR A 1 70  ? -1.931  2.355   7.063   1.00 16.02 ? 687  TYR A C   1 
ATOM   494  O  O   . TYR A 1 70  ? -2.866  2.179   7.828   1.00 16.04 ? 687  TYR A O   1 
ATOM   495  C  CB  . TYR A 1 70  ? -2.025  0.125   5.827   1.00 16.08 ? 687  TYR A CB  1 
ATOM   496  C  CG  . TYR A 1 70  ? -3.082  0.803   4.964   1.00 13.86 ? 687  TYR A CG  1 
ATOM   497  C  CD1 . TYR A 1 70  ? -4.463  0.736   5.295   1.00 15.32 ? 687  TYR A CD1 1 
ATOM   498  C  CD2 . TYR A 1 70  ? -2.717  1.543   3.803   1.00 14.11 ? 687  TYR A CD2 1 
ATOM   499  C  CE1 . TYR A 1 70  ? -5.451  1.405   4.510   1.00 14.97 ? 687  TYR A CE1 1 
ATOM   500  C  CE2 . TYR A 1 70  ? -3.716  2.200   3.006   1.00 14.96 ? 687  TYR A CE2 1 
ATOM   501  C  CZ  . TYR A 1 70  ? -5.070  2.129   3.375   1.00 13.61 ? 687  TYR A CZ  1 
ATOM   502  O  OH  . TYR A 1 70  ? -6.002  2.773   2.563   1.00 17.50 ? 687  TYR A OH  1 
ATOM   503  N  N   . ALA A 1 71  ? -1.491  3.567   6.705   1.00 16.06 ? 688  ALA A N   1 
ATOM   504  C  CA  . ALA A 1 71  ? -2.168  4.794   7.102   1.00 15.73 ? 688  ALA A CA  1 
ATOM   505  C  C   . ALA A 1 71  ? -3.057  5.300   5.908   1.00 15.77 ? 688  ALA A C   1 
ATOM   506  O  O   . ALA A 1 71  ? -2.556  5.664   4.830   1.00 16.49 ? 688  ALA A O   1 
ATOM   507  C  CB  . ALA A 1 71  ? -1.155  5.844   7.524   1.00 15.84 ? 688  ALA A CB  1 
ATOM   508  N  N   . PRO A 1 72  ? -4.372  5.283   6.084   1.00 16.55 ? 689  PRO A N   1 
ATOM   509  C  CA  . PRO A 1 72  ? -5.251  5.730   4.990   1.00 16.98 ? 689  PRO A CA  1 
ATOM   510  C  C   . PRO A 1 72  ? -5.077  7.226   4.682   1.00 17.43 ? 689  PRO A C   1 
ATOM   511  O  O   . PRO A 1 72  ? -4.654  8.004   5.571   1.00 16.07 ? 689  PRO A O   1 
ATOM   512  C  CB  . PRO A 1 72  ? -6.672  5.486   5.536   1.00 17.85 ? 689  PRO A CB  1 
ATOM   513  C  CG  . PRO A 1 72  ? -6.509  4.539   6.726   1.00 18.29 ? 689  PRO A CG  1 
ATOM   514  C  CD  . PRO A 1 72  ? -5.122  4.790   7.262   1.00 17.09 ? 689  PRO A CD  1 
ATOM   515  N  N   . ARG A 1 73  ? -5.463  7.633   3.466   1.00 17.86 ? 690  ARG A N   1 
ATOM   516  C  CA  . ARG A 1 73  ? -5.556  9.073   3.192   1.00 17.69 ? 690  ARG A CA  1 
ATOM   517  C  C   . ARG A 1 73  ? -6.560  9.696   4.161   1.00 18.15 ? 690  ARG A C   1 
ATOM   518  O  O   . ARG A 1 73  ? -7.553  9.066   4.545   1.00 16.97 ? 690  ARG A O   1 
ATOM   519  C  CB  . ARG A 1 73  ? -5.866  9.437   1.720   1.00 18.67 ? 690  ARG A CB  1 
ATOM   520  C  CG  . ARG A 1 73  ? -7.252  9.321   1.347   1.00 20.27 ? 690  ARG A CG  1 
ATOM   521  C  CD  . ARG A 1 73  ? -7.427  9.601   -0.171  1.00 20.02 ? 690  ARG A CD  1 
ATOM   522  N  NE  . ARG A 1 73  ? -7.631  11.000  -0.526  1.00 20.66 ? 690  ARG A NE  1 
ATOM   523  C  CZ  . ARG A 1 73  ? -8.043  11.383  -1.748  1.00 18.87 ? 690  ARG A CZ  1 
ATOM   524  N  NH1 . ARG A 1 73  ? -8.222  10.451  -2.699  1.00 17.25 ? 690  ARG A NH1 1 
ATOM   525  N  NH2 . ARG A 1 73  ? -8.228  12.665  -2.049  1.00 19.83 ? 690  ARG A NH2 1 
ATOM   526  N  N   . GLN A 1 74  ? -6.289  10.932  4.574   1.00 19.40 ? 691  GLN A N   1 
ATOM   527  C  CA  . GLN A 1 74  ? -7.017  11.503  5.684   1.00 20.32 ? 691  GLN A CA  1 
ATOM   528  C  C   . GLN A 1 74  ? -8.182  12.403  5.238   1.00 21.20 ? 691  GLN A C   1 
ATOM   529  O  O   . GLN A 1 74  ? -9.034  12.785  6.055   1.00 21.38 ? 691  GLN A O   1 
ATOM   530  C  CB  . GLN A 1 74  ? -6.053  12.314  6.561   1.00 20.84 ? 691  GLN A CB  1 
ATOM   531  C  CG  . GLN A 1 74  ? -5.057  11.447  7.337   1.00 21.78 ? 691  GLN A CG  1 
ATOM   532  C  CD  . GLN A 1 74  ? -5.784  10.488  8.260   1.00 23.03 ? 691  GLN A CD  1 
ATOM   533  O  OE1 . GLN A 1 74  ? -6.428  10.906  9.240   1.00 21.50 ? 691  GLN A OE1 1 
ATOM   534  N  NE2 . GLN A 1 74  ? -5.677  9.186   7.960   1.00 17.59 ? 691  GLN A NE2 1 
ATOM   535  N  N   . ASP A 1 75  ? -8.195  12.775  3.956   1.00 20.28 ? 692  ASP A N   1 
ATOM   536  C  CA  . ASP A 1 75  ? -9.173  13.766  3.441   1.00 20.60 ? 692  ASP A CA  1 
ATOM   537  C  C   . ASP A 1 75  ? -10.384 13.150  2.716   1.00 20.88 ? 692  ASP A C   1 
ATOM   538  O  O   . ASP A 1 75  ? -11.330 13.880  2.366   1.00 21.66 ? 692  ASP A O   1 
ATOM   539  C  CB  . ASP A 1 75  ? -8.467  14.738  2.499   1.00 20.81 ? 692  ASP A CB  1 
ATOM   540  C  CG  . ASP A 1 75  ? -8.018  14.053  1.219   1.00 20.50 ? 692  ASP A CG  1 
ATOM   541  O  OD1 . ASP A 1 75  ? -7.220  13.082  1.304   1.00 19.39 ? 692  ASP A OD1 1 
ATOM   542  O  OD2 . ASP A 1 75  ? -8.500  14.452  0.131   1.00 20.11 ? 692  ASP A OD2 1 
ATOM   543  N  N   . SER A 1 76  ? -10.347 11.843  2.427   1.00 19.57 ? 693  SER A N   1 
ATOM   544  C  CA  . SER A 1 76  ? -11.407 11.180  1.633   1.00 19.79 ? 693  SER A CA  1 
ATOM   545  C  C   . SER A 1 76  ? -11.336 9.686   1.866   1.00 20.20 ? 693  SER A C   1 
ATOM   546  O  O   . SER A 1 76  ? -10.246 9.168   2.188   1.00 20.00 ? 693  SER A O   1 
ATOM   547  C  CB  . SER A 1 76  ? -11.193 11.465  0.132   1.00 20.28 ? 693  SER A CB  1 
ATOM   548  O  OG  . SER A 1 76  ? -11.919 10.574  -0.713  1.00 20.44 ? 693  SER A OG  1 
ATOM   549  N  N   . LYS A 1 77  ? -12.446 8.982   1.687   1.00 19.08 ? 694  LYS A N   1 
ATOM   550  C  CA  . LYS A 1 77  ? -12.385 7.526   1.790   1.00 19.99 ? 694  LYS A CA  1 
ATOM   551  C  C   . LYS A 1 77  ? -12.053 6.820   0.457   1.00 17.55 ? 694  LYS A C   1 
ATOM   552  O  O   . LYS A 1 77  ? -11.972 5.611   0.414   1.00 16.89 ? 694  LYS A O   1 
ATOM   553  C  CB  . LYS A 1 77  ? -13.652 6.950   2.454   1.00 20.75 ? 694  LYS A CB  1 
ATOM   554  C  CG  . LYS A 1 77  ? -14.817 6.800   1.582   1.00 21.82 ? 694  LYS A CG  1 
ATOM   555  C  CD  . LYS A 1 77  ? -16.153 6.619   2.412   1.00 24.69 ? 694  LYS A CD  1 
ATOM   556  C  CE  . LYS A 1 77  ? -15.949 5.754   3.663   1.00 28.66 ? 694  LYS A CE  1 
ATOM   557  N  NZ  . LYS A 1 77  ? -17.076 4.808   3.995   1.00 30.70 ? 694  LYS A NZ  1 
ATOM   558  N  N   . ASN A 1 78  ? -11.895 7.601   -0.618  1.00 16.67 ? 695  ASN A N   1 
ATOM   559  C  CA  . ASN A 1 78  ? -11.639 7.041   -1.943  1.00 16.76 ? 695  ASN A CA  1 
ATOM   560  C  C   . ASN A 1 78  ? -10.375 6.220   -1.898  1.00 15.78 ? 695  ASN A C   1 
ATOM   561  O  O   . ASN A 1 78  ? -9.312  6.745   -1.603  1.00 15.14 ? 695  ASN A O   1 
ATOM   562  C  CB  . ASN A 1 78  ? -11.430 8.159   -2.977  1.00 14.74 ? 695  ASN A CB  1 
ATOM   563  C  CG  . ASN A 1 78  ? -12.749 8.758   -3.475  1.00 17.37 ? 695  ASN A CG  1 
ATOM   564  O  OD1 . ASN A 1 78  ? -12.771 9.711   -4.268  1.00 19.80 ? 695  ASN A OD1 1 
ATOM   565  N  ND2 . ASN A 1 78  ? -13.854 8.206   -2.997  1.00 16.54 ? 695  ASN A ND2 1 
ATOM   566  N  N   . GLY A 1 79  ? -10.495 4.940   -2.181  1.00 15.64 ? 696  GLY A N   1 
ATOM   567  C  CA  . GLY A 1 79  ? -9.340  4.030   -2.209  1.00 15.52 ? 696  GLY A CA  1 
ATOM   568  C  C   . GLY A 1 79  ? -8.911  3.457   -0.865  1.00 15.32 ? 696  GLY A C   1 
ATOM   569  O  O   . GLY A 1 79  ? -7.920  2.739   -0.796  1.00 14.27 ? 696  GLY A O   1 
ATOM   570  N  N   . ARG A 1 80  ? -9.643  3.794   0.204   1.00 14.73 ? 697  ARG A N   1 
ATOM   571  C  CA  . ARG A 1 80  ? -9.300  3.248   1.519   1.00 15.22 ? 697  ARG A CA  1 
ATOM   572  C  C   . ARG A 1 80  ? -9.380  1.713   1.466   1.00 16.05 ? 697  ARG A C   1 
ATOM   573  O  O   . ARG A 1 80  ? -10.411 1.199   1.100   1.00 16.12 ? 697  ARG A O   1 
ATOM   574  C  CB  . ARG A 1 80  ? -10.262 3.808   2.591   1.00 14.06 ? 697  ARG A CB  1 
ATOM   575  C  CG  . ARG A 1 80  ? -10.084 3.183   3.982   1.00 16.63 ? 697  ARG A CG  1 
ATOM   576  C  CD  . ARG A 1 80  ? -11.076 3.796   4.953   1.00 16.58 ? 697  ARG A CD  1 
ATOM   577  N  NE  . ARG A 1 80  ? -10.947 5.245   5.020   1.00 19.91 ? 697  ARG A NE  1 
ATOM   578  C  CZ  . ARG A 1 80  ? -11.882 6.043   5.543   1.00 20.64 ? 697  ARG A CZ  1 
ATOM   579  N  NH1 . ARG A 1 80  ? -13.049 5.521   5.984   1.00 22.88 ? 697  ARG A NH1 1 
ATOM   580  N  NH2 . ARG A 1 80  ? -11.682 7.356   5.615   1.00 21.63 ? 697  ARG A NH2 1 
ATOM   581  N  N   . ILE A 1 81  ? -8.304  1.026   1.825   1.00 15.63 ? 698  ILE A N   1 
ATOM   582  C  CA  . ILE A 1 81  ? -8.200  -0.433  1.687   1.00 15.86 ? 698  ILE A CA  1 
ATOM   583  C  C   . ILE A 1 81  ? -8.966  -1.093  2.819   1.00 15.84 ? 698  ILE A C   1 
ATOM   584  O  O   . ILE A 1 81  ? -8.707  -0.846  4.021   1.00 15.84 ? 698  ILE A O   1 
ATOM   585  C  CB  . ILE A 1 81  ? -6.697  -0.893  1.662   1.00 14.83 ? 698  ILE A CB  1 
ATOM   586  C  CG1 . ILE A 1 81  ? -6.010  -0.277  0.421   1.00 15.70 ? 698  ILE A CG1 1 
ATOM   587  C  CG2 . ILE A 1 81  ? -6.541  -2.427  1.713   1.00 17.33 ? 698  ILE A CG2 1 
ATOM   588  C  CD1 . ILE A 1 81  ? -4.476  -0.392  0.453   1.00 18.35 ? 698  ILE A CD1 1 
ATOM   589  N  N   . THR A 1 82  ? -9.867  -2.005  2.437   1.00 16.28 ? 699  THR A N   1 
ATOM   590  C  CA  . THR A 1 82  ? -10.672 -2.766  3.408   1.00 16.44 ? 699  THR A CA  1 
ATOM   591  C  C   . THR A 1 82  ? -10.446 -4.288  3.313   1.00 15.88 ? 699  THR A C   1 
ATOM   592  O  O   . THR A 1 82  ? -10.972 -5.037  4.121   1.00 15.68 ? 699  THR A O   1 
ATOM   593  C  CB  . THR A 1 82  ? -12.178 -2.431  3.291   1.00 16.65 ? 699  THR A CB  1 
ATOM   594  O  OG1 . THR A 1 82  ? -12.617 -2.655  1.956   1.00 20.50 ? 699  THR A OG1 1 
ATOM   595  C  CG2 . THR A 1 82  ? -12.445 -0.971  3.702   1.00 18.07 ? 699  THR A CG2 1 
ATOM   596  N  N   . GLY A 1 83  ? -9.648  -4.718  2.341   1.00 15.12 ? 700  GLY A N   1 
ATOM   597  C  CA  . GLY A 1 83  ? -9.380  -6.128  2.076   1.00 14.88 ? 700  GLY A CA  1 
ATOM   598  C  C   . GLY A 1 83  ? -7.986  -6.164  1.490   1.00 15.24 ? 700  GLY A C   1 
ATOM   599  O  O   . GLY A 1 83  ? -7.668  -5.379  0.581   1.00 14.98 ? 700  GLY A O   1 
ATOM   600  N  N   . TYR A 1 84  ? -7.134  -7.023  2.043   1.00 14.94 ? 701  TYR A N   1 
ATOM   601  C  CA  . TYR A 1 84  ? -5.715  -7.018  1.637   1.00 16.17 ? 701  TYR A CA  1 
ATOM   602  C  C   . TYR A 1 84  ? -5.115  -8.431  1.665   1.00 17.89 ? 701  TYR A C   1 
ATOM   603  O  O   . TYR A 1 84  ? -5.662  -9.354  2.306   1.00 15.92 ? 701  TYR A O   1 
ATOM   604  C  CB  . TYR A 1 84  ? -4.872  -6.077  2.537   1.00 16.42 ? 701  TYR A CB  1 
ATOM   605  C  CG  . TYR A 1 84  ? -4.791  -6.638  3.943   1.00 17.08 ? 701  TYR A CG  1 
ATOM   606  C  CD1 . TYR A 1 84  ? -5.748  -6.265  4.909   1.00 16.97 ? 701  TYR A CD1 1 
ATOM   607  C  CD2 . TYR A 1 84  ? -3.836  -7.618  4.279   1.00 20.19 ? 701  TYR A CD2 1 
ATOM   608  C  CE1 . TYR A 1 84  ? -5.716  -6.851  6.207   1.00 19.61 ? 701  TYR A CE1 1 
ATOM   609  C  CE2 . TYR A 1 84  ? -3.786  -8.199  5.552   1.00 17.74 ? 701  TYR A CE2 1 
ATOM   610  C  CZ  . TYR A 1 84  ? -4.736  -7.812  6.511   1.00 19.45 ? 701  TYR A CZ  1 
ATOM   611  O  OH  . TYR A 1 84  ? -4.652  -8.405  7.758   1.00 19.90 ? 701  TYR A OH  1 
ATOM   612  N  N   . LYS A 1 85  ? -3.996  -8.582  0.976   1.00 17.71 ? 702  LYS A N   1 
ATOM   613  C  CA  . LYS A 1 85  ? -3.057  -9.697  1.166   1.00 19.57 ? 702  LYS A CA  1 
ATOM   614  C  C   . LYS A 1 85  ? -1.671  -9.042  1.305   1.00 19.35 ? 702  LYS A C   1 
ATOM   615  O  O   . LYS A 1 85  ? -1.365  -8.050  0.607   1.00 19.70 ? 702  LYS A O   1 
ATOM   616  C  CB  . LYS A 1 85  ? -3.129  -10.626 -0.052  1.00 19.75 ? 702  LYS A CB  1 
ATOM   617  C  CG  . LYS A 1 85  ? -2.234  -11.880 -0.050  1.00 22.89 ? 702  LYS A CG  1 
ATOM   618  C  CD  . LYS A 1 85  ? -2.610  -12.777 -1.261  1.00 24.70 ? 702  LYS A CD  1 
ATOM   619  C  CE  . LYS A 1 85  ? -1.712  -12.542 -2.458  1.00 31.89 ? 702  LYS A CE  1 
ATOM   620  N  NZ  . LYS A 1 85  ? -2.021  -13.515 -3.584  1.00 32.40 ? 702  LYS A NZ  1 
ATOM   621  N  N   . VAL A 1 86  ? -0.877  -9.536  2.253   1.00 17.85 ? 703  VAL A N   1 
ATOM   622  C  CA  . VAL A 1 86  ? 0.530   -9.155  2.401   1.00 17.04 ? 703  VAL A CA  1 
ATOM   623  C  C   . VAL A 1 86  ? 1.409   -10.359 2.062   1.00 17.81 ? 703  VAL A C   1 
ATOM   624  O  O   . VAL A 1 86  ? 1.169   -11.461 2.559   1.00 17.43 ? 703  VAL A O   1 
ATOM   625  C  CB  . VAL A 1 86  ? 0.867   -8.679  3.858   1.00 18.22 ? 703  VAL A CB  1 
ATOM   626  C  CG1 . VAL A 1 86  ? 2.369   -8.460  4.002   1.00 16.36 ? 703  VAL A CG1 1 
ATOM   627  C  CG2 . VAL A 1 86  ? 0.067   -7.385  4.231   1.00 18.73 ? 703  VAL A CG2 1 
ATOM   628  N  N   . SER A 1 87  ? 2.421   -10.114 1.231   1.00 16.97 ? 704  SER A N   1 
ATOM   629  C  CA  . SER A 1 87  ? 3.315   -11.163 0.712   1.00 16.16 ? 704  SER A CA  1 
ATOM   630  C  C   . SER A 1 87  ? 4.749   -10.654 0.806   1.00 16.34 ? 704  SER A C   1 
ATOM   631  O  O   . SER A 1 87  ? 5.001   -9.425  0.676   1.00 15.95 ? 704  SER A O   1 
ATOM   632  C  CB  . SER A 1 87  ? 2.974   -11.513 -0.724  1.00 16.30 ? 704  SER A CB  1 
ATOM   633  O  OG  . SER A 1 87  ? 1.619   -11.967 -0.817  1.00 16.58 ? 704  SER A OG  1 
ATOM   634  N  N   . VAL A 1 88  ? 5.698   -11.570 1.003   1.00 16.25 ? 705  VAL A N   1 
ATOM   635  C  CA  . VAL A 1 88  ? 7.094   -11.142 1.107   1.00 15.78 ? 705  VAL A CA  1 
ATOM   636  C  C   . VAL A 1 88  ? 7.915   -11.864 0.007   1.00 15.43 ? 705  VAL A C   1 
ATOM   637  O  O   . VAL A 1 88  ? 7.518   -12.913 -0.519  1.00 14.80 ? 705  VAL A O   1 
ATOM   638  C  CB  . VAL A 1 88  ? 7.688   -11.442 2.478   1.00 16.82 ? 705  VAL A CB  1 
ATOM   639  C  CG1 . VAL A 1 88  ? 6.984   -10.630 3.567   1.00 16.07 ? 705  VAL A CG1 1 
ATOM   640  C  CG2 . VAL A 1 88  ? 7.626   -12.961 2.728   1.00 14.34 ? 705  VAL A CG2 1 
ATOM   641  N  N   . SER A 1 89  ? 9.040   -11.251 -0.333  1.00 16.31 ? 706  SER A N   1 
ATOM   642  C  CA  . SER A 1 89  ? 9.939   -11.848 -1.307  1.00 15.61 ? 706  SER A CA  1 
ATOM   643  C  C   . SER A 1 89  ? 11.374  -11.479 -0.941  1.00 16.79 ? 706  SER A C   1 
ATOM   644  O  O   . SER A 1 89  ? 11.635  -10.415 -0.347  1.00 16.21 ? 706  SER A O   1 
ATOM   645  C  CB  . SER A 1 89  ? 9.617   -11.362 -2.747  1.00 15.68 ? 706  SER A CB  1 
ATOM   646  O  OG  . SER A 1 89  ? 10.515  -11.965 -3.692  1.00 15.28 ? 706  SER A OG  1 
ATOM   647  N  N   . LEU A 1 90  ? 12.296  -12.365 -1.323  1.00 16.47 ? 707  LEU A N   1 
ATOM   648  C  CA  . LEU A 1 90  ? 13.700  -12.006 -1.318  1.00 17.79 ? 707  LEU A CA  1 
ATOM   649  C  C   . LEU A 1 90  ? 14.219  -11.481 -2.653  1.00 18.67 ? 707  LEU A C   1 
ATOM   650  O  O   . LEU A 1 90  ? 15.218  -10.759 -2.678  1.00 21.25 ? 707  LEU A O   1 
ATOM   651  C  CB  . LEU A 1 90  ? 14.544  -13.217 -0.874  1.00 17.04 ? 707  LEU A CB  1 
ATOM   652  C  CG  . LEU A 1 90  ? 14.204  -13.822 0.495   1.00 19.34 ? 707  LEU A CG  1 
ATOM   653  C  CD1 . LEU A 1 90  ? 15.052  -15.097 0.743   1.00 19.26 ? 707  LEU A CD1 1 
ATOM   654  C  CD2 . LEU A 1 90  ? 14.386  -12.847 1.674   1.00 18.47 ? 707  LEU A CD2 1 
ATOM   655  N  N   . ASP A 1 91  ? 13.583  -11.867 -3.767  1.00 17.72 ? 708  ASP A N   1 
ATOM   656  C  CA  . ASP A 1 91  ? 14.118  -11.498 -5.083  1.00 18.35 ? 708  ASP A CA  1 
ATOM   657  C  C   . ASP A 1 91  ? 13.250  -10.480 -5.842  1.00 18.58 ? 708  ASP A C   1 
ATOM   658  O  O   . ASP A 1 91  ? 13.712  -9.900  -6.840  1.00 18.56 ? 708  ASP A O   1 
ATOM   659  C  CB  . ASP A 1 91  ? 14.387  -12.751 -5.951  1.00 17.69 ? 708  ASP A CB  1 
ATOM   660  C  CG  . ASP A 1 91  ? 13.163  -13.684 -6.066  1.00 17.63 ? 708  ASP A CG  1 
ATOM   661  O  OD1 . ASP A 1 91  ? 13.349  -14.920 -6.284  1.00 15.55 ? 708  ASP A OD1 1 
ATOM   662  O  OD2 . ASP A 1 91  ? 12.007  -13.186 -5.982  1.00 19.79 ? 708  ASP A OD2 1 
ATOM   663  N  N   . GLY A 1 92  ? 12.017  -10.256 -5.381  1.00 18.52 ? 709  GLY A N   1 
ATOM   664  C  CA  . GLY A 1 92  ? 11.136  -9.321  -6.086  1.00 18.71 ? 709  GLY A CA  1 
ATOM   665  C  C   . GLY A 1 92  ? 10.209  -9.914  -7.143  1.00 18.54 ? 709  GLY A C   1 
ATOM   666  O  O   . GLY A 1 92  ? 9.415   -9.177  -7.736  1.00 19.15 ? 709  GLY A O   1 
ATOM   667  N  N   . GLU A 1 93  ? 10.312  -11.226 -7.382  1.00 17.16 ? 710  GLU A N   1 
ATOM   668  C  CA  . GLU A 1 93  ? 9.461   -11.948 -8.312  1.00 18.52 ? 710  GLU A CA  1 
ATOM   669  C  C   . GLU A 1 93  ? 8.686   -13.085 -7.635  1.00 18.39 ? 710  GLU A C   1 
ATOM   670  O  O   . GLU A 1 93  ? 7.490   -13.308 -7.898  1.00 19.58 ? 710  GLU A O   1 
ATOM   671  C  CB  . GLU A 1 93  ? 10.318  -12.560 -9.435  1.00 18.37 ? 710  GLU A CB  1 
ATOM   672  C  CG  . GLU A 1 93  ? 10.838  -11.560 -10.448 1.00 22.38 ? 710  GLU A CG  1 
ATOM   673  C  CD  . GLU A 1 93  ? 9.688   -10.936 -11.273 1.00 27.92 ? 710  GLU A CD  1 
ATOM   674  O  OE1 . GLU A 1 93  ? 8.645   -11.619 -11.492 1.00 28.99 ? 710  GLU A OE1 1 
ATOM   675  O  OE2 . GLU A 1 93  ? 9.830   -9.761  -11.666 1.00 30.54 ? 710  GLU A OE2 1 
ATOM   676  N  N   . ASN A 1 94  ? 9.377   -13.841 -6.784  1.00 17.63 ? 711  ASN A N   1 
ATOM   677  C  CA  . ASN A 1 94  ? 8.774   -14.988 -6.133  1.00 18.22 ? 711  ASN A CA  1 
ATOM   678  C  C   . ASN A 1 94  ? 8.311   -14.557 -4.748  1.00 18.49 ? 711  ASN A C   1 
ATOM   679  O  O   . ASN A 1 94  ? 9.138   -14.250 -3.865  1.00 17.50 ? 711  ASN A O   1 
ATOM   680  C  CB  . ASN A 1 94  ? 9.798   -16.116 -6.054  1.00 19.30 ? 711  ASN A CB  1 
ATOM   681  C  CG  . ASN A 1 94  ? 10.203  -16.583 -7.432  1.00 20.46 ? 711  ASN A CG  1 
ATOM   682  O  OD1 . ASN A 1 94  ? 9.375   -17.174 -8.116  1.00 20.89 ? 711  ASN A OD1 1 
ATOM   683  N  ND2 . ASN A 1 94  ? 11.434  -16.274 -7.858  1.00 17.28 ? 711  ASN A ND2 1 
ATOM   684  N  N   . PHE A 1 95  ? 6.990   -14.442 -4.609  1.00 17.86 ? 712  PHE A N   1 
ATOM   685  C  CA  . PHE A 1 95  ? 6.397   -13.999 -3.336  1.00 18.59 ? 712  PHE A CA  1 
ATOM   686  C  C   . PHE A 1 95  ? 5.749   -15.120 -2.547  1.00 19.29 ? 712  PHE A C   1 
ATOM   687  O  O   . PHE A 1 95  ? 5.246   -16.096 -3.131  1.00 20.79 ? 712  PHE A O   1 
ATOM   688  C  CB  . PHE A 1 95  ? 5.377   -12.886 -3.536  1.00 18.78 ? 712  PHE A CB  1 
ATOM   689  C  CG  . PHE A 1 95  ? 6.002   -11.569 -3.836  1.00 17.70 ? 712  PHE A CG  1 
ATOM   690  C  CD1 . PHE A 1 95  ? 6.158   -10.605 -2.822  1.00 18.67 ? 712  PHE A CD1 1 
ATOM   691  C  CD2 . PHE A 1 95  ? 6.486   -11.285 -5.124  1.00 17.78 ? 712  PHE A CD2 1 
ATOM   692  C  CE1 . PHE A 1 95  ? 6.786   -9.351  -3.109  1.00 19.39 ? 712  PHE A CE1 1 
ATOM   693  C  CE2 . PHE A 1 95  ? 7.115   -10.022 -5.396  1.00 18.75 ? 712  PHE A CE2 1 
ATOM   694  C  CZ  . PHE A 1 95  ? 7.257   -9.067  -4.381  1.00 18.67 ? 712  PHE A CZ  1 
ATOM   695  N  N   . THR A 1 96  ? 5.713   -14.945 -1.229  1.00 18.70 ? 713  THR A N   1 
ATOM   696  C  CA  . THR A 1 96  ? 5.022   -15.861 -0.339  1.00 19.32 ? 713  THR A CA  1 
ATOM   697  C  C   . THR A 1 96  ? 4.002   -15.080 0.513   1.00 18.78 ? 713  THR A C   1 
ATOM   698  O  O   . THR A 1 96  ? 4.358   -14.112 1.173   1.00 17.98 ? 713  THR A O   1 
ATOM   699  C  CB  . THR A 1 96  ? 6.017   -16.581 0.575   1.00 19.34 ? 713  THR A CB  1 
ATOM   700  O  OG1 . THR A 1 96  ? 6.912   -17.330 -0.254  1.00 19.93 ? 713  THR A OG1 1 
ATOM   701  C  CG2 . THR A 1 96  ? 5.303   -17.550 1.567   1.00 22.17 ? 713  THR A CG2 1 
ATOM   702  N  N   . GLU A 1 97  ? 2.737   -15.491 0.450   1.00 20.07 ? 714  GLU A N   1 
ATOM   703  C  CA  . GLU A 1 97  ? 1.710   -14.830 1.225   1.00 21.19 ? 714  GLU A CA  1 
ATOM   704  C  C   . GLU A 1 97  ? 1.971   -15.053 2.729   1.00 21.21 ? 714  GLU A C   1 
ATOM   705  O  O   . GLU A 1 97  ? 2.316   -16.165 3.143   1.00 21.63 ? 714  GLU A O   1 
ATOM   706  C  CB  . GLU A 1 97  ? 0.348   -15.391 0.816   1.00 22.02 ? 714  GLU A CB  1 
ATOM   707  C  CG  . GLU A 1 97  ? -0.818  -14.724 1.504   1.00 26.23 ? 714  GLU A CG  1 
ATOM   708  C  CD  . GLU A 1 97  ? -2.106  -15.494 1.305   1.00 34.69 ? 714  GLU A CD  1 
ATOM   709  O  OE1 . GLU A 1 97  ? -2.507  -15.707 0.130   1.00 36.37 ? 714  GLU A OE1 1 
ATOM   710  O  OE2 . GLU A 1 97  ? -2.697  -15.912 2.339   1.00 35.51 ? 714  GLU A OE2 1 
ATOM   711  N  N   . VAL A 1 98  ? 1.820   -14.007 3.541   1.00 20.97 ? 715  VAL A N   1 
ATOM   712  C  CA  . VAL A 1 98  ? 2.031   -14.142 5.006   1.00 20.72 ? 715  VAL A CA  1 
ATOM   713  C  C   . VAL A 1 98  ? 0.784   -13.760 5.811   1.00 21.83 ? 715  VAL A C   1 
ATOM   714  O  O   . VAL A 1 98  ? 0.667   -14.127 6.987   1.00 21.63 ? 715  VAL A O   1 
ATOM   715  C  CB  . VAL A 1 98  ? 3.296   -13.387 5.514   1.00 21.51 ? 715  VAL A CB  1 
ATOM   716  C  CG1 . VAL A 1 98  ? 4.559   -14.025 4.919   1.00 20.32 ? 715  VAL A CG1 1 
ATOM   717  C  CG2 . VAL A 1 98  ? 3.196   -11.882 5.204   1.00 19.86 ? 715  VAL A CG2 1 
ATOM   718  N  N   . LYS A 1 99  ? -0.142  -13.031 5.170   1.00 20.59 ? 716  LYS A N   1 
ATOM   719  C  CA  . LYS A 1 99  ? -1.334  -12.556 5.880   1.00 21.30 ? 716  LYS A CA  1 
ATOM   720  C  C   . LYS A 1 99  ? -2.399  -12.131 4.870   1.00 20.48 ? 716  LYS A C   1 
ATOM   721  O  O   . LYS A 1 99  ? -2.078  -11.491 3.857   1.00 19.06 ? 716  LYS A O   1 
ATOM   722  C  CB  . LYS A 1 99  ? -0.923  -11.401 6.816   1.00 21.22 ? 716  LYS A CB  1 
ATOM   723  C  CG  . LYS A 1 99  ? -2.022  -10.794 7.696   1.00 24.59 ? 716  LYS A CG  1 
ATOM   724  C  CD  . LYS A 1 99  ? -2.278  -11.576 8.960   1.00 24.28 ? 716  LYS A CD  1 
ATOM   725  C  CE  . LYS A 1 99  ? -3.371  -10.901 9.785   1.00 29.78 ? 716  LYS A CE  1 
ATOM   726  N  NZ  . LYS A 1 99  ? -4.143  -11.956 10.506  1.00 31.85 ? 716  LYS A NZ  1 
ATOM   727  N  N   . THR A 1 100 ? -3.661  -12.491 5.132   1.00 19.80 ? 717  THR A N   1 
ATOM   728  C  CA  . THR A 1 100 ? -4.798  -11.995 4.375   1.00 20.76 ? 717  THR A CA  1 
ATOM   729  C  C   . THR A 1 100 ? -5.840  -11.611 5.405   1.00 20.73 ? 717  THR A C   1 
ATOM   730  O  O   . THR A 1 100 ? -6.003  -12.324 6.394   1.00 19.88 ? 717  THR A O   1 
ATOM   731  C  CB  . THR A 1 100 ? -5.386  -13.078 3.435   1.00 22.09 ? 717  THR A CB  1 
ATOM   732  O  OG1 . THR A 1 100 ? -4.377  -13.537 2.526   1.00 25.72 ? 717  THR A OG1 1 
ATOM   733  C  CG2 . THR A 1 100 ? -6.497  -12.512 2.603   1.00 21.97 ? 717  THR A CG2 1 
ATOM   734  N  N   . GLY A 1 101 ? -6.538  -10.500 5.183   1.00 19.27 ? 718  GLY A N   1 
ATOM   735  C  CA  . GLY A 1 101 ? -7.584  -10.066 6.099   1.00 19.18 ? 718  GLY A CA  1 
ATOM   736  C  C   . GLY A 1 101 ? -8.386  -8.886  5.598   1.00 20.03 ? 718  GLY A C   1 
ATOM   737  O  O   . GLY A 1 101 ? -8.283  -8.486  4.420   1.00 18.42 ? 718  GLY A O   1 
ATOM   738  N  N   . THR A 1 102 ? -9.212  -8.350  6.494   1.00 19.55 ? 719  THR A N   1 
ATOM   739  C  CA  . THR A 1 102 ? -10.010 -7.179  6.214   1.00 19.76 ? 719  THR A CA  1 
ATOM   740  C  C   . THR A 1 102 ? -9.587  -6.070  7.185   1.00 19.20 ? 719  THR A C   1 
ATOM   741  O  O   . THR A 1 102 ? -8.939  -6.335  8.234   1.00 17.94 ? 719  THR A O   1 
ATOM   742  C  CB  . THR A 1 102 ? -11.538 -7.456  6.346   1.00 20.93 ? 719  THR A CB  1 
ATOM   743  O  OG1 . THR A 1 102 ? -11.815 -7.943  7.661   1.00 21.98 ? 719  THR A OG1 1 
ATOM   744  C  CG2 . THR A 1 102 ? -11.979 -8.502  5.311   1.00 22.51 ? 719  THR A CG2 1 
ATOM   745  N  N   . LEU A 1 103 ? -9.931  -4.839  6.833   1.00 18.94 ? 720  LEU A N   1 
ATOM   746  C  CA  . LEU A 1 103 ? -9.620  -3.681  7.660   1.00 18.55 ? 720  LEU A CA  1 
ATOM   747  C  C   . LEU A 1 103 ? -10.892 -2.870  7.810   1.00 19.23 ? 720  LEU A C   1 
ATOM   748  O  O   . LEU A 1 103 ? -11.685 -2.772  6.863   1.00 18.89 ? 720  LEU A O   1 
ATOM   749  C  CB  . LEU A 1 103 ? -8.530  -2.803  7.003   1.00 18.19 ? 720  LEU A CB  1 
ATOM   750  C  CG  . LEU A 1 103 ? -7.173  -3.482  6.747   1.00 17.60 ? 720  LEU A CG  1 
ATOM   751  C  CD1 . LEU A 1 103 ? -6.256  -2.623  5.869   1.00 18.00 ? 720  LEU A CD1 1 
ATOM   752  C  CD2 . LEU A 1 103 ? -6.502  -3.889  8.060   1.00 19.33 ? 720  LEU A CD2 1 
ATOM   753  N  N   . GLU A 1 104 ? -11.076 -2.276  8.991   1.00 19.53 ? 721  GLU A N   1 
ATOM   754  C  CA  . GLU A 1 104 ? -12.245 -1.440  9.271   1.00 20.31 ? 721  GLU A CA  1 
ATOM   755  C  C   . GLU A 1 104 ? -12.270 -0.234  8.344   1.00 19.53 ? 721  GLU A C   1 
ATOM   756  O  O   . GLU A 1 104 ? -11.202 0.314   7.961   1.00 17.55 ? 721  GLU A O   1 
ATOM   757  C  CB  . GLU A 1 104 ? -12.247 -0.946  10.726  1.00 21.22 ? 721  GLU A CB  1 
ATOM   758  C  CG  . GLU A 1 104 ? -12.198 -2.072  11.760  1.00 26.62 ? 721  GLU A CG  1 
ATOM   759  C  CD  . GLU A 1 104 ? -12.832 -1.674  13.093  1.00 35.40 ? 721  GLU A CD  1 
ATOM   760  O  OE1 . GLU A 1 104 ? -12.635 -0.513  13.549  1.00 37.70 ? 721  GLU A OE1 1 
ATOM   761  O  OE2 . GLU A 1 104 ? -13.532 -2.542  13.680  1.00 39.98 ? 721  GLU A OE2 1 
ATOM   762  N  N   . ASP A 1 105 ? -13.494 0.141   7.973   1.00 19.55 ? 722  ASP A N   1 
ATOM   763  C  CA  . ASP A 1 105 ? -13.749 1.304   7.131   1.00 20.03 ? 722  ASP A CA  1 
ATOM   764  C  C   . ASP A 1 105 ? -13.741 2.554   8.017   1.00 19.94 ? 722  ASP A C   1 
ATOM   765  O  O   . ASP A 1 105 ? -14.799 3.079   8.369   1.00 19.75 ? 722  ASP A O   1 
ATOM   766  C  CB  . ASP A 1 105 ? -15.117 1.192   6.441   1.00 20.92 ? 722  ASP A CB  1 
ATOM   767  C  CG  . ASP A 1 105 ? -15.368 2.307   5.442   1.00 23.66 ? 722  ASP A CG  1 
ATOM   768  O  OD1 . ASP A 1 105 ? -14.481 3.162   5.206   1.00 24.70 ? 722  ASP A OD1 1 
ATOM   769  O  OD2 . ASP A 1 105 ? -16.473 2.312   4.849   1.00 28.09 ? 722  ASP A OD2 1 
ATOM   770  N  N   . ASN A 1 106 ? -12.542 2.975   8.410   1.00 19.09 ? 723  ASN A N   1 
ATOM   771  C  CA  . ASN A 1 106 ? -12.360 4.253   9.084   1.00 18.74 ? 723  ASN A CA  1 
ATOM   772  C  C   . ASN A 1 106 ? -10.971 4.823   8.718   1.00 18.29 ? 723  ASN A C   1 
ATOM   773  O  O   . ASN A 1 106 ? -10.148 4.119   8.102   1.00 18.12 ? 723  ASN A O   1 
ATOM   774  C  CB  . ASN A 1 106 ? -12.541 4.055   10.595  1.00 18.92 ? 723  ASN A CB  1 
ATOM   775  C  CG  . ASN A 1 106 ? -11.473 3.143   11.206  1.00 18.88 ? 723  ASN A CG  1 
ATOM   776  O  OD1 . ASN A 1 106 ? -10.282 3.276   10.903  1.00 21.07 ? 723  ASN A OD1 1 
ATOM   777  N  ND2 . ASN A 1 106 ? -11.883 2.250   12.133  1.00 23.34 ? 723  ASN A ND2 1 
ATOM   778  N  N   . ALA A 1 107 ? -10.700 6.059   9.127   1.00 17.76 ? 724  ALA A N   1 
ATOM   779  C  CA  . ALA A 1 107 ? -9.433  6.717   8.791   1.00 18.31 ? 724  ALA A CA  1 
ATOM   780  C  C   . ALA A 1 107 ? -8.245  6.369   9.712   1.00 18.72 ? 724  ALA A C   1 
ATOM   781  O  O   . ALA A 1 107 ? -7.150  6.901   9.515   1.00 18.81 ? 724  ALA A O   1 
ATOM   782  C  CB  . ALA A 1 107 ? -9.625  8.236   8.716   1.00 19.64 ? 724  ALA A CB  1 
ATOM   783  N  N   . ALA A 1 108 ? -8.441  5.447   10.675  1.00 18.00 ? 725  ALA A N   1 
ATOM   784  C  CA  . ALA A 1 108 ? -7.363  5.154   11.656  1.00 17.45 ? 725  ALA A CA  1 
ATOM   785  C  C   . ALA A 1 108 ? -6.187  4.447   10.952  1.00 17.30 ? 725  ALA A C   1 
ATOM   786  O  O   . ALA A 1 108 ? -6.385  3.707   9.987   1.00 16.81 ? 725  ALA A O   1 
ATOM   787  C  CB  . ALA A 1 108 ? -7.892  4.313   12.836  1.00 18.22 ? 725  ALA A CB  1 
ATOM   788  N  N   . ILE A 1 109 ? -4.975  4.725   11.408  1.00 16.88 ? 726  ILE A N   1 
ATOM   789  C  CA  . ILE A 1 109 ? -3.817  3.946   10.972  1.00 17.14 ? 726  ILE A CA  1 
ATOM   790  C  C   . ILE A 1 109 ? -4.075  2.472   11.316  1.00 18.07 ? 726  ILE A C   1 
ATOM   791  O  O   . ILE A 1 109 ? -4.536  2.177   12.417  1.00 16.83 ? 726  ILE A O   1 
ATOM   792  C  CB  . ILE A 1 109 ? -2.490  4.465   11.569  1.00 17.66 ? 726  ILE A CB  1 
ATOM   793  C  CG1 . ILE A 1 109 ? -2.300  5.946   11.181  1.00 17.72 ? 726  ILE A CG1 1 
ATOM   794  C  CG2 . ILE A 1 109 ? -1.302  3.601   11.112  1.00 18.44 ? 726  ILE A CG2 1 
ATOM   795  C  CD1 . ILE A 1 109 ? -0.917  6.510   11.494  1.00 16.45 ? 726  ILE A CD1 1 
ATOM   796  N  N   . LYS A 1 110 ? -3.843  1.580   10.344  1.00 17.24 ? 727  LYS A N   1 
ATOM   797  C  CA  . LYS A 1 110 ? -4.000  0.131   10.554  1.00 18.43 ? 727  LYS A CA  1 
ATOM   798  C  C   . LYS A 1 110 ? -2.633  -0.555  10.691  1.00 18.65 ? 727  LYS A C   1 
ATOM   799  O  O   . LYS A 1 110 ? -1.674  -0.175  9.994   1.00 17.89 ? 727  LYS A O   1 
ATOM   800  C  CB  . LYS A 1 110 ? -4.814  -0.511  9.413   1.00 17.52 ? 727  LYS A CB  1 
ATOM   801  C  CG  . LYS A 1 110 ? -6.085  0.256   8.986   1.00 18.38 ? 727  LYS A CG  1 
ATOM   802  C  CD  . LYS A 1 110 ? -7.029  0.396   10.254  1.00 17.97 ? 727  LYS A CD  1 
ATOM   803  C  CE  . LYS A 1 110 ? -8.450  0.909   9.934   1.00 17.15 ? 727  LYS A CE  1 
ATOM   804  N  NZ  . LYS A 1 110 ? -8.484  2.038   8.949   1.00 13.72 ? 727  LYS A NZ  1 
ATOM   805  N  N   . PHE A 1 111 ? -2.565  -1.566  11.563  1.00 19.41 ? 728  PHE A N   1 
ATOM   806  C  CA  . PHE A 1 111 ? -1.340  -2.308  11.793  1.00 20.64 ? 728  PHE A CA  1 
ATOM   807  C  C   . PHE A 1 111 ? -1.645  -3.768  11.534  1.00 21.47 ? 728  PHE A C   1 
ATOM   808  O  O   . PHE A 1 111 ? -2.392  -4.405  12.283  1.00 20.98 ? 728  PHE A O   1 
ATOM   809  C  CB  . PHE A 1 111 ? -0.778  -2.088  13.201  1.00 21.88 ? 728  PHE A CB  1 
ATOM   810  C  CG  . PHE A 1 111 ? -0.454  -0.658  13.494  1.00 20.56 ? 728  PHE A CG  1 
ATOM   811  C  CD1 . PHE A 1 111 ? 0.757   -0.086  13.057  1.00 22.68 ? 728  PHE A CD1 1 
ATOM   812  C  CD2 . PHE A 1 111 ? -1.373  0.142   14.187  1.00 21.85 ? 728  PHE A CD2 1 
ATOM   813  C  CE1 . PHE A 1 111 ? 1.030   1.256   13.326  1.00 22.95 ? 728  PHE A CE1 1 
ATOM   814  C  CE2 . PHE A 1 111 ? -1.095  1.492   14.433  1.00 22.76 ? 728  PHE A CE2 1 
ATOM   815  C  CZ  . PHE A 1 111 ? 0.092   2.045   14.015  1.00 22.15 ? 728  PHE A CZ  1 
ATOM   816  N  N   . ILE A 1 112 ? -1.086  -4.271  10.441  1.00 20.25 ? 729  ILE A N   1 
ATOM   817  C  CA  . ILE A 1 112 ? -1.267  -5.647  9.996   1.00 20.41 ? 729  ILE A CA  1 
ATOM   818  C  C   . ILE A 1 112 ? -0.083  -6.445  10.552  1.00 20.45 ? 729  ILE A C   1 
ATOM   819  O  O   . ILE A 1 112 ? 1.079   -6.154  10.243  1.00 19.55 ? 729  ILE A O   1 
ATOM   820  C  CB  . ILE A 1 112 ? -1.292  -5.697  8.472   1.00 19.96 ? 729  ILE A CB  1 
ATOM   821  C  CG1 . ILE A 1 112 ? -2.454  -4.834  7.956   1.00 20.47 ? 729  ILE A CG1 1 
ATOM   822  C  CG2 . ILE A 1 112 ? -1.389  -7.116  7.998   1.00 19.22 ? 729  ILE A CG2 1 
ATOM   823  C  CD1 . ILE A 1 112 ? -2.430  -4.547  6.433   1.00 20.51 ? 729  ILE A CD1 1 
ATOM   824  N  N   . GLU A 1 113 ? -0.406  -7.422  11.413  1.00 21.14 ? 730  GLU A N   1 
ATOM   825  C  CA  . GLU A 1 113 ? 0.601   -8.143  12.184  1.00 22.76 ? 730  GLU A CA  1 
ATOM   826  C  C   . GLU A 1 113 ? 0.620   -9.610  11.799  1.00 21.54 ? 730  GLU A C   1 
ATOM   827  O  O   . GLU A 1 113 ? -0.432  -10.201 11.555  1.00 22.64 ? 730  GLU A O   1 
ATOM   828  C  CB  . GLU A 1 113 ? 0.350   -7.947  13.687  1.00 22.01 ? 730  GLU A CB  1 
ATOM   829  C  CG  . GLU A 1 113 ? 0.599   -6.465  14.069  1.00 24.61 ? 730  GLU A CG  1 
ATOM   830  C  CD  . GLU A 1 113 ? 0.499   -6.186  15.562  1.00 27.77 ? 730  GLU A CD  1 
ATOM   831  O  OE1 . GLU A 1 113 ? -0.597  -6.356  16.136  1.00 32.56 ? 730  GLU A OE1 1 
ATOM   832  O  OE2 . GLU A 1 113 ? 1.530   -5.790  16.157  1.00 35.83 ? 730  GLU A OE2 1 
ATOM   833  N  N   . PHE A 1 114 ? 1.820   -10.174 11.730  1.00 21.76 ? 731  PHE A N   1 
ATOM   834  C  CA  . PHE A 1 114 ? 2.035   -11.594 11.375  1.00 21.75 ? 731  PHE A CA  1 
ATOM   835  C  C   . PHE A 1 114 ? 3.341   -12.090 12.018  1.00 21.89 ? 731  PHE A C   1 
ATOM   836  O  O   . PHE A 1 114 ? 4.160   -11.291 12.478  1.00 22.23 ? 731  PHE A O   1 
ATOM   837  C  CB  . PHE A 1 114 ? 2.050   -11.792 9.840   1.00 21.93 ? 731  PHE A CB  1 
ATOM   838  C  CG  . PHE A 1 114 ? 2.811   -10.719 9.098   1.00 21.89 ? 731  PHE A CG  1 
ATOM   839  C  CD1 . PHE A 1 114 ? 4.185   -10.826 8.874   1.00 22.38 ? 731  PHE A CD1 1 
ATOM   840  C  CD2 . PHE A 1 114 ? 2.139   -9.583  8.623   1.00 21.83 ? 731  PHE A CD2 1 
ATOM   841  C  CE1 . PHE A 1 114 ? 4.900   -9.812  8.200   1.00 22.75 ? 731  PHE A CE1 1 
ATOM   842  C  CE2 . PHE A 1 114 ? 2.837   -8.554  7.936   1.00 22.03 ? 731  PHE A CE2 1 
ATOM   843  C  CZ  . PHE A 1 114 ? 4.212   -8.664  7.733   1.00 23.95 ? 731  PHE A CZ  1 
ATOM   844  N  N   . ASP A 1 115 ? 3.525   -13.418 12.049  1.00 21.01 ? 732  ASP A N   1 
ATOM   845  C  CA  . ASP A 1 115 ? 4.768   -13.993 12.559  1.00 21.67 ? 732  ASP A CA  1 
ATOM   846  C  C   . ASP A 1 115 ? 5.989   -13.407 11.835  1.00 20.88 ? 732  ASP A C   1 
ATOM   847  O  O   . ASP A 1 115 ? 5.968   -13.207 10.608  1.00 20.91 ? 732  ASP A O   1 
ATOM   848  C  CB  . ASP A 1 115 ? 4.783   -15.526 12.362  1.00 21.94 ? 732  ASP A CB  1 
ATOM   849  C  CG  . ASP A 1 115 ? 3.659   -16.240 13.107  1.00 26.10 ? 732  ASP A CG  1 
ATOM   850  O  OD1 . ASP A 1 115 ? 3.329   -17.389 12.709  1.00 29.62 ? 732  ASP A OD1 1 
ATOM   851  O  OD2 . ASP A 1 115 ? 3.104   -15.676 14.067  1.00 26.51 ? 732  ASP A OD2 1 
ATOM   852  N  N   . SER A 1 116 ? 7.046   -13.149 12.587  1.00 21.54 ? 733  SER A N   1 
ATOM   853  C  CA  . SER A 1 116 ? 8.318   -12.697 12.032  1.00 21.81 ? 733  SER A CA  1 
ATOM   854  C  C   . SER A 1 116 ? 8.741   -13.547 10.841  1.00 21.81 ? 733  SER A C   1 
ATOM   855  O  O   . SER A 1 116 ? 8.675   -14.788 10.874  1.00 21.14 ? 733  SER A O   1 
ATOM   856  C  CB  . SER A 1 116 ? 9.437   -12.763 13.085  1.00 23.37 ? 733  SER A CB  1 
ATOM   857  O  OG  . SER A 1 116 ? 9.205   -11.828 14.117  1.00 24.56 ? 733  SER A OG  1 
ATOM   858  N  N   . VAL A 1 117 ? 9.205   -12.856 9.806   1.00 20.88 ? 734  VAL A N   1 
ATOM   859  C  CA  . VAL A 1 117 ? 9.552   -13.468 8.535   1.00 19.80 ? 734  VAL A CA  1 
ATOM   860  C  C   . VAL A 1 117 ? 10.569  -12.564 7.818   1.00 20.47 ? 734  VAL A C   1 
ATOM   861  O  O   . VAL A 1 117 ? 10.487  -11.322 7.899   1.00 21.83 ? 734  VAL A O   1 
ATOM   862  C  CB  . VAL A 1 117 ? 8.257   -13.732 7.677   1.00 19.84 ? 734  VAL A CB  1 
ATOM   863  C  CG1 . VAL A 1 117 ? 7.490   -12.379 7.345   1.00 18.63 ? 734  VAL A CG1 1 
ATOM   864  C  CG2 . VAL A 1 117 ? 8.555   -14.581 6.407   1.00 19.67 ? 734  VAL A CG2 1 
ATOM   865  N  N   . ASP A 1 118 ? 11.549  -13.168 7.154   1.00 19.97 ? 735  ASP A N   1 
ATOM   866  C  CA  . ASP A 1 118 ? 12.525  -12.383 6.396   1.00 19.71 ? 735  ASP A CA  1 
ATOM   867  C  C   . ASP A 1 118 ? 11.888  -11.818 5.114   1.00 19.97 ? 735  ASP A C   1 
ATOM   868  O  O   . ASP A 1 118 ? 11.140  -12.492 4.422   1.00 19.10 ? 735  ASP A O   1 
ATOM   869  C  CB  . ASP A 1 118 ? 13.726  -13.236 5.996   1.00 21.31 ? 735  ASP A CB  1 
ATOM   870  C  CG  . ASP A 1 118 ? 14.630  -13.583 7.183   1.00 23.56 ? 735  ASP A CG  1 
ATOM   871  O  OD1 . ASP A 1 118 ? 14.554  -12.894 8.236   1.00 24.94 ? 735  ASP A OD1 1 
ATOM   872  O  OD2 . ASP A 1 118 ? 15.422  -14.547 7.035   1.00 24.05 ? 735  ASP A OD2 1 
ATOM   873  N  N   . ALA A 1 119 ? 12.238  -10.590 4.780   1.00 18.77 ? 736  ALA A N   1 
ATOM   874  C  CA  . ALA A 1 119 ? 11.789  -9.994  3.514   1.00 18.53 ? 736  ALA A CA  1 
ATOM   875  C  C   . ALA A 1 119 ? 12.783  -8.934  3.050   1.00 17.53 ? 736  ALA A C   1 
ATOM   876  O  O   . ALA A 1 119 ? 13.312  -8.161  3.865   1.00 16.24 ? 736  ALA A O   1 
ATOM   877  C  CB  . ALA A 1 119 ? 10.383  -9.355  3.695   1.00 19.07 ? 736  ALA A CB  1 
ATOM   878  N  N   . LYS A 1 120 ? 12.988  -8.910  1.726   1.00 17.64 ? 737  LYS A N   1 
ATOM   879  C  CA  . LYS A 1 120 ? 13.564  -7.764  1.047   1.00 18.04 ? 737  LYS A CA  1 
ATOM   880  C  C   . LYS A 1 120 ? 12.468  -6.871  0.365   1.00 18.24 ? 737  LYS A C   1 
ATOM   881  O  O   . LYS A 1 120 ? 12.624  -5.643  0.290   1.00 20.10 ? 737  LYS A O   1 
ATOM   882  C  CB  . LYS A 1 120 ? 14.572  -8.179  -0.016  1.00 19.09 ? 737  LYS A CB  1 
ATOM   883  C  CG  . LYS A 1 120 ? 15.237  -6.946  -0.536  1.00 20.76 ? 737  LYS A CG  1 
ATOM   884  C  CD  . LYS A 1 120 ? 16.418  -7.209  -1.395  1.00 27.40 ? 737  LYS A CD  1 
ATOM   885  C  CE  . LYS A 1 120 ? 16.898  -5.915  -2.027  1.00 29.13 ? 737  LYS A CE  1 
ATOM   886  N  NZ  . LYS A 1 120 ? 17.501  -4.957  -1.027  1.00 28.08 ? 737  LYS A NZ  1 
ATOM   887  N  N   . TYR A 1 121 ? 11.417  -7.534  -0.133  1.00 17.15 ? 738  TYR A N   1 
ATOM   888  C  CA  . TYR A 1 121 ? 10.249  -6.881  -0.751  1.00 18.05 ? 738  TYR A CA  1 
ATOM   889  C  C   . TYR A 1 121 ? 8.996   -7.243  0.001   1.00 17.43 ? 738  TYR A C   1 
ATOM   890  O  O   . TYR A 1 121 ? 8.813   -8.390  0.404   1.00 17.31 ? 738  TYR A O   1 
ATOM   891  C  CB  . TYR A 1 121 ? 10.062  -7.293  -2.220  1.00 18.21 ? 738  TYR A CB  1 
ATOM   892  C  CG  . TYR A 1 121 ? 11.264  -7.010  -3.068  1.00 19.52 ? 738  TYR A CG  1 
ATOM   893  C  CD1 . TYR A 1 121 ? 11.328  -5.862  -3.860  1.00 18.37 ? 738  TYR A CD1 1 
ATOM   894  C  CD2 . TYR A 1 121 ? 12.338  -7.903  -3.093  1.00 18.07 ? 738  TYR A CD2 1 
ATOM   895  C  CE1 . TYR A 1 121 ? 12.434  -5.588  -4.656  1.00 19.75 ? 738  TYR A CE1 1 
ATOM   896  C  CE2 . TYR A 1 121 ? 13.471  -7.639  -3.900  1.00 19.88 ? 738  TYR A CE2 1 
ATOM   897  C  CZ  . TYR A 1 121 ? 13.507  -6.479  -4.664  1.00 22.03 ? 738  TYR A CZ  1 
ATOM   898  O  OH  . TYR A 1 121 ? 14.614  -6.224  -5.450  1.00 25.11 ? 738  TYR A OH  1 
ATOM   899  N  N   . VAL A 1 122 ? 8.123   -6.254  0.181   1.00 16.01 ? 739  VAL A N   1 
ATOM   900  C  CA  . VAL A 1 122 ? 6.874   -6.508  0.906   1.00 16.51 ? 739  VAL A CA  1 
ATOM   901  C  C   . VAL A 1 122 ? 5.778   -5.975  -0.024  1.00 16.52 ? 739  VAL A C   1 
ATOM   902  O  O   . VAL A 1 122 ? 5.786   -4.770  -0.334  1.00 17.85 ? 739  VAL A O   1 
ATOM   903  C  CB  . VAL A 1 122 ? 6.825   -5.792  2.278   1.00 17.19 ? 739  VAL A CB  1 
ATOM   904  C  CG1 . VAL A 1 122 ? 5.493   -6.105  2.961   1.00 17.92 ? 739  VAL A CG1 1 
ATOM   905  C  CG2 . VAL A 1 122 ? 8.011   -6.263  3.112   1.00 18.15 ? 739  VAL A CG2 1 
ATOM   906  N  N   . ARG A 1 123 ? 4.884   -6.859  -0.467  1.00 16.90 ? 740  ARG A N   1 
ATOM   907  C  CA  . ARG A 1 123 ? 3.817   -6.434  -1.373  1.00 16.76 ? 740  ARG A CA  1 
ATOM   908  C  C   . ARG A 1 123 ? 2.457   -6.445  -0.672  1.00 16.98 ? 740  ARG A C   1 
ATOM   909  O  O   . ARG A 1 123 ? 2.069   -7.444  -0.046  1.00 15.98 ? 740  ARG A O   1 
ATOM   910  C  CB  . ARG A 1 123 ? 3.783   -7.321  -2.624  1.00 16.68 ? 740  ARG A CB  1 
ATOM   911  C  CG  . ARG A 1 123 ? 2.637   -7.052  -3.562  1.00 19.11 ? 740  ARG A CG  1 
ATOM   912  C  CD  . ARG A 1 123 ? 2.923   -7.728  -4.914  1.00 21.10 ? 740  ARG A CD  1 
ATOM   913  N  NE  . ARG A 1 123 ? 1.697   -8.009  -5.657  1.00 26.98 ? 740  ARG A NE  1 
ATOM   914  C  CZ  . ARG A 1 123 ? 1.602   -8.014  -6.998  1.00 30.06 ? 740  ARG A CZ  1 
ATOM   915  N  NH1 . ARG A 1 123 ? 2.678   -7.739  -7.750  1.00 28.41 ? 740  ARG A NH1 1 
ATOM   916  N  NH2 . ARG A 1 123 ? 0.437   -8.307  -7.587  1.00 28.17 ? 740  ARG A NH2 1 
ATOM   917  N  N   . LEU A 1 124 ? 1.752   -5.316  -0.781  1.00 16.82 ? 741  LEU A N   1 
ATOM   918  C  CA  . LEU A 1 124 ? 0.412   -5.170  -0.234  1.00 17.80 ? 741  LEU A CA  1 
ATOM   919  C  C   . LEU A 1 124 ? -0.545  -5.233  -1.420  1.00 17.56 ? 741  LEU A C   1 
ATOM   920  O  O   . LEU A 1 124 ? -0.585  -4.291  -2.221  1.00 17.16 ? 741  LEU A O   1 
ATOM   921  C  CB  . LEU A 1 124 ? 0.276   -3.811  0.463   1.00 17.54 ? 741  LEU A CB  1 
ATOM   922  C  CG  . LEU A 1 124 ? -1.077  -3.457  1.070   1.00 19.21 ? 741  LEU A CG  1 
ATOM   923  C  CD1 . LEU A 1 124 ? -1.415  -4.409  2.215   1.00 19.52 ? 741  LEU A CD1 1 
ATOM   924  C  CD2 . LEU A 1 124 ? -1.157  -1.970  1.527   1.00 18.03 ? 741  LEU A CD2 1 
ATOM   925  N  N   . ASP A 1 125 ? -1.230  -6.353  -1.598  1.00 16.67 ? 742  ASP A N   1 
ATOM   926  C  CA  . ASP A 1 125 ? -2.238  -6.484  -2.635  1.00 16.38 ? 742  ASP A CA  1 
ATOM   927  C  C   . ASP A 1 125 ? -3.584  -6.078  -2.053  1.00 17.16 ? 742  ASP A C   1 
ATOM   928  O  O   . ASP A 1 125 ? -3.961  -6.512  -0.946  1.00 17.17 ? 742  ASP A O   1 
ATOM   929  C  CB  . ASP A 1 125 ? -2.317  -7.943  -3.127  1.00 16.20 ? 742  ASP A CB  1 
ATOM   930  C  CG  . ASP A 1 125 ? -1.152  -8.306  -4.085  1.00 19.32 ? 742  ASP A CG  1 
ATOM   931  O  OD1 . ASP A 1 125 ? -1.114  -7.777  -5.215  1.00 22.29 ? 742  ASP A OD1 1 
ATOM   932  O  OD2 . ASP A 1 125 ? -0.300  -9.118  -3.713  1.00 18.42 ? 742  ASP A OD2 1 
ATOM   933  N  N   . VAL A 1 126 ? -4.323  -5.281  -2.823  1.00 16.44 ? 743  VAL A N   1 
ATOM   934  C  CA  . VAL A 1 126 ? -5.663  -4.858  -2.419  1.00 16.01 ? 743  VAL A CA  1 
ATOM   935  C  C   . VAL A 1 126 ? -6.679  -5.877  -2.941  1.00 16.27 ? 743  VAL A C   1 
ATOM   936  O  O   . VAL A 1 126 ? -6.709  -6.154  -4.165  1.00 15.84 ? 743  VAL A O   1 
ATOM   937  C  CB  . VAL A 1 126 ? -5.996  -3.432  -2.965  1.00 15.63 ? 743  VAL A CB  1 
ATOM   938  C  CG1 . VAL A 1 126 ? -7.458  -3.002  -2.612  1.00 17.07 ? 743  VAL A CG1 1 
ATOM   939  C  CG2 . VAL A 1 126 ? -4.933  -2.414  -2.517  1.00 14.52 ? 743  VAL A CG2 1 
ATOM   940  N  N   . THR A 1 127 ? -7.495  -6.434  -2.034  1.00 15.72 ? 744  THR A N   1 
ATOM   941  C  CA  . THR A 1 127 ? -8.616  -7.294  -2.475  1.00 15.85 ? 744  THR A CA  1 
ATOM   942  C  C   . THR A 1 127 ? -9.962  -6.542  -2.381  1.00 16.74 ? 744  THR A C   1 
ATOM   943  O  O   . THR A 1 127 ? -10.983 -6.971  -2.939  1.00 15.69 ? 744  THR A O   1 
ATOM   944  C  CB  . THR A 1 127 ? -8.703  -8.588  -1.647  1.00 16.68 ? 744  THR A CB  1 
ATOM   945  O  OG1 . THR A 1 127 ? -9.070  -8.232  -0.305  1.00 17.91 ? 744  THR A OG1 1 
ATOM   946  C  CG2 . THR A 1 127 ? -7.365  -9.343  -1.663  1.00 16.64 ? 744  THR A CG2 1 
ATOM   947  N  N   . ASP A 1 128 ? -9.965  -5.409  -1.684  1.00 15.70 ? 745  ASP A N   1 
ATOM   948  C  CA  . ASP A 1 128 ? -11.187 -4.621  -1.537  1.00 15.64 ? 745  ASP A CA  1 
ATOM   949  C  C   . ASP A 1 128 ? -10.883 -3.216  -1.093  1.00 15.57 ? 745  ASP A C   1 
ATOM   950  O  O   . ASP A 1 128 ? -9.924  -2.980  -0.365  1.00 15.35 ? 745  ASP A O   1 
ATOM   951  C  CB  . ASP A 1 128 ? -12.131 -5.252  -0.499  1.00 15.35 ? 745  ASP A CB  1 
ATOM   952  C  CG  . ASP A 1 128 ? -13.617 -4.892  -0.735  1.00 14.71 ? 745  ASP A CG  1 
ATOM   953  O  OD1 . ASP A 1 128 ? -14.000 -4.211  -1.731  1.00 15.71 ? 745  ASP A OD1 1 
ATOM   954  O  OD2 . ASP A 1 128 ? -14.439 -5.400  0.078   1.00 20.47 ? 745  ASP A OD2 1 
ATOM   955  N  N   . SER A 1 129 ? -11.719 -2.292  -1.521  1.00 15.00 ? 746  SER A N   1 
ATOM   956  C  CA  . SER A 1 129 ? -11.555 -0.928  -1.074  1.00 14.96 ? 746  SER A CA  1 
ATOM   957  C  C   . SER A 1 129 ? -12.898 -0.221  -1.199  1.00 15.79 ? 746  SER A C   1 
ATOM   958  O  O   . SER A 1 129 ? -13.813 -0.664  -1.945  1.00 16.49 ? 746  SER A O   1 
ATOM   959  C  CB  . SER A 1 129 ? -10.524 -0.265  -2.002  1.00 14.76 ? 746  SER A CB  1 
ATOM   960  O  OG  . SER A 1 129 ? -11.053 0.010   -3.299  1.00 16.03 ? 746  SER A OG  1 
ATOM   961  N  N   . VAL A 1 130 ? -12.988 0.915   -0.510  1.00 16.93 ? 747  VAL A N   1 
ATOM   962  C  CA  . VAL A 1 130 ? -14.221 1.714   -0.484  1.00 18.22 ? 747  VAL A CA  1 
ATOM   963  C  C   . VAL A 1 130 ? -14.009 3.092   -1.139  1.00 18.93 ? 747  VAL A C   1 
ATOM   964  O  O   . VAL A 1 130 ? -12.874 3.469   -1.478  1.00 17.34 ? 747  VAL A O   1 
ATOM   965  C  CB  . VAL A 1 130 ? -14.785 1.872   0.963   1.00 18.51 ? 747  VAL A CB  1 
ATOM   966  C  CG1 . VAL A 1 130 ? -15.163 0.482   1.572   1.00 19.43 ? 747  VAL A CG1 1 
ATOM   967  C  CG2 . VAL A 1 130 ? -13.803 2.620   1.830   1.00 16.81 ? 747  VAL A CG2 1 
ATOM   968  N  N   . SER A 1 131 ? -15.094 3.861   -1.259  1.00 20.72 ? 748  SER A N   1 
ATOM   969  C  CA  . SER A 1 131 ? -15.016 5.180   -1.874  1.00 23.43 ? 748  SER A CA  1 
ATOM   970  C  C   . SER A 1 131 ? -16.125 6.053   -1.289  1.00 25.31 ? 748  SER A C   1 
ATOM   971  O  O   . SER A 1 131 ? -17.049 5.530   -0.673  1.00 24.94 ? 748  SER A O   1 
ATOM   972  C  CB  . SER A 1 131 ? -15.162 5.079   -3.399  1.00 23.22 ? 748  SER A CB  1 
ATOM   973  O  OG  . SER A 1 131 ? -16.417 4.476   -3.708  1.00 28.42 ? 748  SER A OG  1 
ATOM   974  N  N   . ASP A 1 132 ? -16.025 7.363   -1.485  1.00 26.55 ? 749  ASP A N   1 
ATOM   975  C  CA  . ASP A 1 132 ? -17.059 8.287   -1.037  1.00 30.40 ? 749  ASP A CA  1 
ATOM   976  C  C   . ASP A 1 132 ? -18.389 8.002   -1.727  1.00 32.47 ? 749  ASP A C   1 
ATOM   977  O  O   . ASP A 1 132 ? -19.454 8.157   -1.131  1.00 34.29 ? 749  ASP A O   1 
ATOM   978  C  CB  . ASP A 1 132 ? -16.634 9.735   -1.293  1.00 29.87 ? 749  ASP A CB  1 
ATOM   979  C  CG  . ASP A 1 132 ? -15.362 10.106  -0.558  1.00 30.85 ? 749  ASP A CG  1 
ATOM   980  O  OD1 . ASP A 1 132 ? -15.162 9.617   0.574   1.00 28.81 ? 749  ASP A OD1 1 
ATOM   981  O  OD2 . ASP A 1 132 ? -14.502 10.879  -1.032  1.00 29.79 ? 749  ASP A OD2 1 
ATOM   982  N  N   . GLN A 1 133 ? -18.319 7.585   -2.987  1.00 35.08 ? 750  GLN A N   1 
ATOM   983  C  CA  . GLN A 1 133 ? -19.503 7.496   -3.832  1.00 37.80 ? 750  GLN A CA  1 
ATOM   984  C  C   . GLN A 1 133 ? -20.325 6.255   -3.501  1.00 38.17 ? 750  GLN A C   1 
ATOM   985  O  O   . GLN A 1 133 ? -19.779 5.167   -3.319  1.00 38.08 ? 750  GLN A O   1 
ATOM   986  C  CB  . GLN A 1 133 ? -19.108 7.485   -5.310  1.00 38.01 ? 750  GLN A CB  1 
ATOM   987  C  CG  . GLN A 1 133 ? -17.802 6.762   -5.598  1.00 40.04 ? 750  GLN A CG  1 
ATOM   988  C  CD  . GLN A 1 133 ? -17.510 6.656   -7.081  1.00 40.06 ? 750  GLN A CD  1 
ATOM   989  O  OE1 . GLN A 1 133 ? -18.093 5.823   -7.776  1.00 44.82 ? 750  GLN A OE1 1 
ATOM   990  N  NE2 . GLN A 1 133 ? -16.608 7.497   -7.571  1.00 41.30 ? 750  GLN A NE2 1 
ATOM   991  N  N   . GLY A 1 136 ? -18.251 1.907   -6.910  1.00 32.18 ? 753  GLY A N   1 
ATOM   992  C  CA  . GLY A 1 136 ? -17.210 2.539   -6.121  1.00 30.86 ? 753  GLY A CA  1 
ATOM   993  C  C   . GLY A 1 136 ? -16.248 1.535   -5.517  1.00 29.97 ? 753  GLY A C   1 
ATOM   994  O  O   . GLY A 1 136 ? -15.032 1.718   -5.567  1.00 29.45 ? 753  GLY A O   1 
ATOM   995  N  N   . ARG A 1 137 ? -16.797 0.468   -4.945  1.00 28.68 ? 754  ARG A N   1 
ATOM   996  C  CA  . ARG A 1 137 ? -15.985 -0.569  -4.320  1.00 27.25 ? 754  ARG A CA  1 
ATOM   997  C  C   . ARG A 1 137 ? -14.870 -1.033  -5.252  1.00 24.75 ? 754  ARG A C   1 
ATOM   998  O  O   . ARG A 1 137 ? -15.100 -1.283  -6.435  1.00 23.85 ? 754  ARG A O   1 
ATOM   999  C  CB  . ARG A 1 137 ? -16.856 -1.758  -3.911  1.00 28.38 ? 754  ARG A CB  1 
ATOM   1000 C  CG  . ARG A 1 137 ? -17.435 -1.649  -2.510  1.00 31.74 ? 754  ARG A CG  1 
ATOM   1001 C  CD  . ARG A 1 137 ? -17.399 -2.946  -1.720  1.00 38.46 ? 754  ARG A CD  1 
ATOM   1002 N  NE  . ARG A 1 137 ? -17.080 -2.723  -0.313  1.00 40.12 ? 754  ARG A NE  1 
ATOM   1003 C  CZ  . ARG A 1 137 ? -17.907 -2.163  0.559   1.00 40.91 ? 754  ARG A CZ  1 
ATOM   1004 N  NH1 . ARG A 1 137 ? -17.532 -1.999  1.820   1.00 38.58 ? 754  ARG A NH1 1 
ATOM   1005 N  NH2 . ARG A 1 137 ? -19.112 -1.766  0.173   1.00 42.67 ? 754  ARG A NH2 1 
ATOM   1006 N  N   . GLY A 1 138 ? -13.661 -1.143  -4.711  1.00 22.06 ? 755  GLY A N   1 
ATOM   1007 C  CA  . GLY A 1 138 ? -12.545 -1.710  -5.446  1.00 20.25 ? 755  GLY A CA  1 
ATOM   1008 C  C   . GLY A 1 138 ? -11.904 -0.882  -6.565  1.00 18.88 ? 755  GLY A C   1 
ATOM   1009 O  O   . GLY A 1 138 ? -10.806 -1.226  -7.001  1.00 18.33 ? 755  GLY A O   1 
ATOM   1010 N  N   . LYS A 1 139 ? -12.572 0.177   -7.043  1.00 18.64 ? 756  LYS A N   1 
ATOM   1011 C  CA  . LYS A 1 139 ? -12.104 0.930   -8.207  1.00 19.37 ? 756  LYS A CA  1 
ATOM   1012 C  C   . LYS A 1 139 ? -10.797 1.679   -7.942  1.00 18.48 ? 756  LYS A C   1 
ATOM   1013 O  O   . LYS A 1 139 ? -9.999  1.873   -8.864  1.00 18.27 ? 756  LYS A O   1 
ATOM   1014 C  CB  . LYS A 1 139 ? -13.171 1.914   -8.722  1.00 20.21 ? 756  LYS A CB  1 
ATOM   1015 C  CG  . LYS A 1 139 ? -14.520 1.250   -8.991  1.00 26.70 ? 756  LYS A CG  1 
ATOM   1016 C  CD  . LYS A 1 139 ? -14.436 0.258   -10.145 1.00 33.11 ? 756  LYS A CD  1 
ATOM   1017 C  CE  . LYS A 1 139 ? -15.834 -0.204  -10.608 1.00 37.29 ? 756  LYS A CE  1 
ATOM   1018 N  NZ  . LYS A 1 139 ? -16.669 0.948   -11.043 1.00 39.66 ? 756  LYS A NZ  1 
ATOM   1019 N  N   . PHE A 1 140 ? -10.634 2.155   -6.701  1.00 17.41 ? 757  PHE A N   1 
ATOM   1020 C  CA  . PHE A 1 140 ? -9.488  2.963   -6.351  1.00 16.16 ? 757  PHE A CA  1 
ATOM   1021 C  C   . PHE A 1 140 ? -8.655  2.312   -5.245  1.00 15.88 ? 757  PHE A C   1 
ATOM   1022 O  O   . PHE A 1 140 ? -9.156  1.472   -4.463  1.00 15.72 ? 757  PHE A O   1 
ATOM   1023 C  CB  . PHE A 1 140 ? -9.956  4.299   -5.755  1.00 18.07 ? 757  PHE A CB  1 
ATOM   1024 C  CG  . PHE A 1 140 ? -10.929 5.050   -6.610  1.00 17.53 ? 757  PHE A CG  1 
ATOM   1025 C  CD1 . PHE A 1 140 ? -12.144 5.499   -6.062  1.00 18.97 ? 757  PHE A CD1 1 
ATOM   1026 C  CD2 . PHE A 1 140 ? -10.629 5.319   -7.956  1.00 18.13 ? 757  PHE A CD2 1 
ATOM   1027 C  CE1 . PHE A 1 140 ? -13.059 6.219   -6.863  1.00 21.46 ? 757  PHE A CE1 1 
ATOM   1028 C  CE2 . PHE A 1 140 ? -11.527 6.021   -8.764  1.00 20.01 ? 757  PHE A CE2 1 
ATOM   1029 C  CZ  . PHE A 1 140 ? -12.743 6.485   -8.212  1.00 19.68 ? 757  PHE A CZ  1 
ATOM   1030 N  N   . ALA A 1 141 ? -7.410  2.767   -5.133  1.00 14.57 ? 758  ALA A N   1 
ATOM   1031 C  CA  . ALA A 1 141 ? -6.604  2.454   -3.940  1.00 14.00 ? 758  ALA A CA  1 
ATOM   1032 C  C   . ALA A 1 141 ? -5.739  3.637   -3.597  1.00 13.66 ? 758  ALA A C   1 
ATOM   1033 O  O   . ALA A 1 141 ? -5.172  4.269   -4.479  1.00 12.93 ? 758  ALA A O   1 
ATOM   1034 C  CB  . ALA A 1 141 ? -5.741  1.231   -4.137  1.00 13.91 ? 758  ALA A CB  1 
ATOM   1035 N  N   . THR A 1 142 ? -5.770  3.977   -2.317  1.00 13.98 ? 759  THR A N   1 
ATOM   1036 C  CA  . THR A 1 142 ? -4.912  5.054   -1.811  1.00 13.77 ? 759  THR A CA  1 
ATOM   1037 C  C   . THR A 1 142 ? -4.210  4.685   -0.493  1.00 14.96 ? 759  THR A C   1 
ATOM   1038 O  O   . THR A 1 142 ? -4.680  3.813   0.287   1.00 14.52 ? 759  THR A O   1 
ATOM   1039 C  CB  . THR A 1 142 ? -5.739  6.348   -1.575  1.00 14.95 ? 759  THR A CB  1 
ATOM   1040 O  OG1 . THR A 1 142 ? -6.836  6.031   -0.697  1.00 16.34 ? 759  THR A OG1 1 
ATOM   1041 C  CG2 . THR A 1 142 ? -6.299  6.878   -2.936  1.00 12.13 ? 759  THR A CG2 1 
ATOM   1042 N  N   . ALA A 1 143 ? -3.076  5.343   -0.252  1.00 14.25 ? 760  ALA A N   1 
ATOM   1043 C  CA  . ALA A 1 143 ? -2.377  5.193   1.007   1.00 14.93 ? 760  ALA A CA  1 
ATOM   1044 C  C   . ALA A 1 143 ? -1.621  6.487   1.295   1.00 15.48 ? 760  ALA A C   1 
ATOM   1045 O  O   . ALA A 1 143 ? -0.848  6.953   0.450   1.00 15.45 ? 760  ALA A O   1 
ATOM   1046 C  CB  . ALA A 1 143 ? -1.384  4.036   0.919   1.00 13.33 ? 760  ALA A CB  1 
ATOM   1047 N  N   . ALA A 1 144 ? -1.818  7.039   2.491   1.00 14.96 ? 761  ALA A N   1 
ATOM   1048 C  CA  . ALA A 1 144 ? -1.032  8.195   2.955   1.00 15.67 ? 761  ALA A CA  1 
ATOM   1049 C  C   . ALA A 1 144 ? 0.384   7.734   3.291   1.00 15.46 ? 761  ALA A C   1 
ATOM   1050 O  O   . ALA A 1 144 ? 1.348   8.357   2.871   1.00 15.34 ? 761  ALA A O   1 
ATOM   1051 C  CB  . ALA A 1 144 ? -1.667  8.889   4.173   1.00 15.53 ? 761  ALA A CB  1 
ATOM   1052 N  N   . GLU A 1 145 ? 0.509   6.619   4.012   1.00 14.73 ? 762  GLU A N   1 
ATOM   1053 C  CA  . GLU A 1 145 ? 1.822   6.060   4.323   1.00 16.60 ? 762  GLU A CA  1 
ATOM   1054 C  C   . GLU A 1 145 ? 1.722   4.549   4.421   1.00 17.55 ? 762  GLU A C   1 
ATOM   1055 O  O   . GLU A 1 145 ? 0.703   4.015   4.895   1.00 17.61 ? 762  GLU A O   1 
ATOM   1056 C  CB  . GLU A 1 145 ? 2.316   6.585   5.683   1.00 17.16 ? 762  GLU A CB  1 
ATOM   1057 C  CG  . GLU A 1 145 ? 2.747   8.059   5.665   1.00 17.76 ? 762  GLU A CG  1 
ATOM   1058 C  CD  . GLU A 1 145 ? 3.985   8.263   4.875   1.00 21.09 ? 762  GLU A CD  1 
ATOM   1059 O  OE1 . GLU A 1 145 ? 3.988   9.058   3.943   1.00 22.77 ? 762  GLU A OE1 1 
ATOM   1060 O  OE2 . GLU A 1 145 ? 4.988   7.602   5.161   1.00 20.09 ? 762  GLU A OE2 1 
ATOM   1061 N  N   . VAL A 1 146 ? 2.798   3.869   4.025   1.00 18.15 ? 763  VAL A N   1 
ATOM   1062 C  CA  . VAL A 1 146 ? 2.887   2.418   4.216   1.00 18.82 ? 763  VAL A CA  1 
ATOM   1063 C  C   . VAL A 1 146 ? 4.350   2.185   4.526   1.00 19.27 ? 763  VAL A C   1 
ATOM   1064 O  O   . VAL A 1 146 ? 5.240   2.704   3.821   1.00 19.69 ? 763  VAL A O   1 
ATOM   1065 C  CB  . VAL A 1 146 ? 2.517   1.590   2.946   1.00 19.68 ? 763  VAL A CB  1 
ATOM   1066 C  CG1 . VAL A 1 146 ? 2.733   0.051   3.180   1.00 20.85 ? 763  VAL A CG1 1 
ATOM   1067 C  CG2 . VAL A 1 146 ? 1.105   1.854   2.532   1.00 18.24 ? 763  VAL A CG2 1 
ATOM   1068 N  N   . ASN A 1 147 ? 4.596   1.440   5.595   1.00 19.11 ? 764  ASN A N   1 
ATOM   1069 C  CA  . ASN A 1 147 ? 5.979   0.991   5.877   1.00 19.34 ? 764  ASN A CA  1 
ATOM   1070 C  C   . ASN A 1 147 ? 5.957   -0.285  6.723   1.00 18.24 ? 764  ASN A C   1 
ATOM   1071 O  O   . ASN A 1 147 ? 4.897   -0.757  7.127   1.00 17.65 ? 764  ASN A O   1 
ATOM   1072 C  CB  . ASN A 1 147 ? 6.840   2.118   6.473   1.00 20.55 ? 764  ASN A CB  1 
ATOM   1073 C  CG  . ASN A 1 147 ? 6.483   2.437   7.904   1.00 20.25 ? 764  ASN A CG  1 
ATOM   1074 O  OD1 . ASN A 1 147 ? 5.496   1.964   8.438   1.00 24.70 ? 764  ASN A OD1 1 
ATOM   1075 N  ND2 . ASN A 1 147 ? 7.310   3.258   8.544   1.00 27.40 ? 764  ASN A ND2 1 
ATOM   1076 N  N   . VAL A 1 148 ? 7.134   -0.843  6.961   1.00 18.18 ? 765  VAL A N   1 
ATOM   1077 C  CA  . VAL A 1 148 ? 7.183   -2.146  7.615   1.00 18.87 ? 765  VAL A CA  1 
ATOM   1078 C  C   . VAL A 1 148 ? 8.108   -2.051  8.820   1.00 19.75 ? 765  VAL A C   1 
ATOM   1079 O  O   . VAL A 1 148 ? 9.016   -1.220  8.869   1.00 18.16 ? 765  VAL A O   1 
ATOM   1080 C  CB  . VAL A 1 148 ? 7.640   -3.256  6.647   1.00 20.63 ? 765  VAL A CB  1 
ATOM   1081 C  CG1 . VAL A 1 148 ? 6.730   -3.277  5.398   1.00 21.75 ? 765  VAL A CG1 1 
ATOM   1082 C  CG2 . VAL A 1 148 ? 9.078   -3.026  6.239   1.00 21.18 ? 765  VAL A CG2 1 
ATOM   1083 N  N   . HIS A 1 149 ? 7.839   -2.922  9.778   1.00 21.02 ? 766  HIS A N   1 
ATOM   1084 C  CA  . HIS A 1 149 ? 8.477   -2.917  11.083  1.00 22.99 ? 766  HIS A CA  1 
ATOM   1085 C  C   . HIS A 1 149 ? 8.818   -4.356  11.483  1.00 23.62 ? 766  HIS A C   1 
ATOM   1086 O  O   . HIS A 1 149 ? 8.199   -5.299  10.997  1.00 21.90 ? 766  HIS A O   1 
ATOM   1087 C  CB  . HIS A 1 149 ? 7.511   -2.304  12.092  1.00 23.99 ? 766  HIS A CB  1 
ATOM   1088 C  CG  . HIS A 1 149 ? 6.961   -0.975  11.654  1.00 28.60 ? 766  HIS A CG  1 
ATOM   1089 N  ND1 . HIS A 1 149 ? 7.624   0.213   11.879  1.00 33.60 ? 766  HIS A ND1 1 
ATOM   1090 C  CD2 . HIS A 1 149 ? 5.849   -0.653  10.945  1.00 30.90 ? 766  HIS A CD2 1 
ATOM   1091 C  CE1 . HIS A 1 149 ? 6.934   1.213   11.353  1.00 31.97 ? 766  HIS A CE1 1 
ATOM   1092 N  NE2 . HIS A 1 149 ? 5.845   0.716   10.793  1.00 30.01 ? 766  HIS A NE2 1 
ATOM   1093 N  N   . GLY A 1 150 ? 9.795   -4.504  12.379  1.00 25.72 ? 767  GLY A N   1 
ATOM   1094 C  CA  . GLY A 1 150 ? 10.265  -5.833  12.821  1.00 26.65 ? 767  GLY A CA  1 
ATOM   1095 C  C   A GLY A 1 150 ? 10.089  -6.133  14.304  0.50 29.43 ? 767  GLY A C   1 
ATOM   1096 O  O   A GLY A 1 150 ? 9.771   -5.225  15.079  0.50 30.43 ? 767  GLY A O   1 
HETATM 1097 C  C1  . GAL B 2 .   ? -11.728 13.022  -6.068  1.00 15.19 ? 1768 GAL A C1  1 
HETATM 1098 C  C2  . GAL B 2 .   ? -10.541 13.073  -5.072  1.00 16.31 ? 1768 GAL A C2  1 
HETATM 1099 C  C3  . GAL B 2 .   ? -9.347  12.417  -5.792  1.00 15.83 ? 1768 GAL A C3  1 
HETATM 1100 C  C4  . GAL B 2 .   ? -9.686  11.024  -6.379  1.00 16.18 ? 1768 GAL A C4  1 
HETATM 1101 C  C5  . GAL B 2 .   ? -10.940 11.104  -7.271  1.00 18.18 ? 1768 GAL A C5  1 
HETATM 1102 C  C6  . GAL B 2 .   ? -11.353 9.759   -7.893  1.00 17.58 ? 1768 GAL A C6  1 
HETATM 1103 O  O1  . GAL B 2 .   ? -12.865 13.635  -5.514  1.00 18.38 ? 1768 GAL A O1  1 
HETATM 1104 O  O2  . GAL B 2 .   ? -10.175 14.398  -4.766  1.00 16.89 ? 1768 GAL A O2  1 
HETATM 1105 O  O3  . GAL B 2 .   ? -8.262  12.351  -4.871  1.00 16.11 ? 1768 GAL A O3  1 
HETATM 1106 O  O4  . GAL B 2 .   ? -9.946  10.110  -5.310  1.00 12.28 ? 1768 GAL A O4  1 
HETATM 1107 O  O5  . GAL B 2 .   ? -11.997 11.668  -6.515  1.00 15.63 ? 1768 GAL A O5  1 
HETATM 1108 O  O6  . GAL B 2 .   ? -12.545 9.919   -8.652  1.00 18.20 ? 1768 GAL A O6  1 
HETATM 1109 CA CA  . CA  C 3 .   ? 2.678   10.354  2.442   1.00 17.95 ? 1769 CA  A CA  1 
HETATM 1110 O  O   . HOH D 4 .   ? 7.315   3.647   -10.020 1.00 37.99 ? 2001 HOH A O   1 
HETATM 1111 O  O   . HOH D 4 .   ? 2.568   3.557   -13.592 1.00 27.89 ? 2002 HOH A O   1 
HETATM 1112 O  O   . HOH D 4 .   ? -0.661  -1.158  -16.718 1.00 41.18 ? 2003 HOH A O   1 
HETATM 1113 O  O   . HOH D 4 .   ? -1.847  2.948   -15.430 1.00 23.40 ? 2004 HOH A O   1 
HETATM 1114 O  O   . HOH D 4 .   ? 4.654   4.942   -14.525 1.00 39.68 ? 2005 HOH A O   1 
HETATM 1115 O  O   . HOH D 4 .   ? 6.649   11.088  -9.696  1.00 40.64 ? 2006 HOH A O   1 
HETATM 1116 O  O   . HOH D 4 .   ? -5.006  15.335  4.489   1.00 31.93 ? 2007 HOH A O   1 
HETATM 1117 O  O   . HOH D 4 .   ? -2.981  14.179  8.724   1.00 24.37 ? 2008 HOH A O   1 
HETATM 1118 O  O   . HOH D 4 .   ? 18.424  -6.274  10.059  1.00 43.22 ? 2009 HOH A O   1 
HETATM 1119 O  O   . HOH D 4 .   ? -0.548  -1.775  17.104  1.00 42.40 ? 2010 HOH A O   1 
HETATM 1120 O  O   . HOH D 4 .   ? 2.420   1.956   16.506  1.00 25.02 ? 2011 HOH A O   1 
HETATM 1121 O  O   . HOH D 4 .   ? 10.688  -15.430 0.416   1.00 37.90 ? 2012 HOH A O   1 
HETATM 1122 O  O   . HOH D 4 .   ? 10.168  -5.071  -7.934  1.00 46.19 ? 2013 HOH A O   1 
HETATM 1123 O  O   . HOH D 4 .   ? 3.665   -12.512 -7.341  1.00 40.94 ? 2014 HOH A O   1 
HETATM 1124 O  O   . HOH D 4 .   ? 8.888   -16.951 3.841   1.00 37.37 ? 2015 HOH A O   1 
HETATM 1125 O  O   . HOH D 4 .   ? -6.172  -3.763  11.814  1.00 36.38 ? 2016 HOH A O   1 
HETATM 1126 O  O   . HOH D 4 .   ? 0.525   -19.846 14.592  1.00 40.10 ? 2017 HOH A O   1 
HETATM 1127 O  O   . HOH D 4 .   ? 19.503  -0.446  -1.599  1.00 33.99 ? 2018 HOH A O   1 
HETATM 1128 O  O   . HOH D 4 .   ? -7.427  -12.898 0.014   1.00 34.94 ? 2019 HOH A O   1 
HETATM 1129 O  O   . HOH D 4 .   ? 12.782  0.467   13.640  1.00 43.21 ? 2020 HOH A O   1 
HETATM 1130 O  O   . HOH D 4 .   ? 15.664  3.334   11.034  1.00 39.40 ? 2021 HOH A O   1 
HETATM 1131 O  O   . HOH D 4 .   ? 11.319  3.483   5.463   1.00 31.01 ? 2022 HOH A O   1 
HETATM 1132 O  O   . HOH D 4 .   ? 7.828   2.763   3.131   1.00 25.88 ? 2023 HOH A O   1 
HETATM 1133 O  O   . HOH D 4 .   ? 9.521   0.538   5.543   1.00 24.14 ? 2024 HOH A O   1 
HETATM 1134 O  O   . HOH D 4 .   ? 12.107  -1.134  -9.135  1.00 45.15 ? 2025 HOH A O   1 
HETATM 1135 O  O   . HOH D 4 .   ? 8.351   5.112   -7.206  1.00 37.25 ? 2026 HOH A O   1 
HETATM 1136 O  O   . HOH D 4 .   ? 10.338  5.458   -4.499  1.00 27.87 ? 2027 HOH A O   1 
HETATM 1137 O  O   . HOH D 4 .   ? 5.475   -3.661  -8.526  1.00 26.55 ? 2028 HOH A O   1 
HETATM 1138 O  O   . HOH D 4 .   ? 2.997   2.630   -11.044 1.00 27.48 ? 2029 HOH A O   1 
HETATM 1139 O  O   . HOH D 4 .   ? 5.548   1.803   -10.021 1.00 27.63 ? 2030 HOH A O   1 
HETATM 1140 O  O   . HOH D 4 .   ? -0.190  -2.697  -13.114 1.00 36.33 ? 2031 HOH A O   1 
HETATM 1141 O  O   . HOH D 4 .   ? -0.421  0.704   -14.740 1.00 25.96 ? 2032 HOH A O   1 
HETATM 1142 O  O   . HOH D 4 .   ? -3.918  0.308   -9.800  1.00 14.97 ? 2033 HOH A O   1 
HETATM 1143 O  O   . HOH D 4 .   ? 3.537   7.719   -13.433 1.00 35.04 ? 2034 HOH A O   1 
HETATM 1144 O  O   . HOH D 4 .   ? 6.461   6.985   -7.535  1.00 24.74 ? 2035 HOH A O   1 
HETATM 1145 O  O   . HOH D 4 .   ? 6.482   8.711   -10.377 1.00 37.25 ? 2036 HOH A O   1 
HETATM 1146 O  O   . HOH D 4 .   ? 0.443   7.264   -14.581 1.00 26.57 ? 2037 HOH A O   1 
HETATM 1147 O  O   . HOH D 4 .   ? -0.076  4.504   -13.756 1.00 16.71 ? 2038 HOH A O   1 
HETATM 1148 O  O   . HOH D 4 .   ? -1.539  9.823   -14.349 1.00 25.64 ? 2039 HOH A O   1 
HETATM 1149 O  O   . HOH D 4 .   ? 1.998   15.250  -11.345 1.00 35.97 ? 2040 HOH A O   1 
HETATM 1150 O  O   . HOH D 4 .   ? -1.660  17.637  -11.467 1.00 32.28 ? 2041 HOH A O   1 
HETATM 1151 O  O   . HOH D 4 .   ? -3.403  15.241  -4.031  1.00 20.55 ? 2042 HOH A O   1 
HETATM 1152 O  O   . HOH D 4 .   ? -1.611  18.415  -7.149  0.50 27.06 ? 2043 HOH A O   1 
HETATM 1153 O  O   . HOH D 4 .   ? -1.779  17.082  -5.916  0.50 21.86 ? 2044 HOH A O   1 
HETATM 1154 O  O   . HOH D 4 .   ? 4.957   13.235  -9.661  1.00 42.85 ? 2045 HOH A O   1 
HETATM 1155 O  O   . HOH D 4 .   ? 6.341   14.541  -7.212  1.00 35.56 ? 2046 HOH A O   1 
HETATM 1156 O  O   . HOH D 4 .   ? 8.324   11.861  -3.242  1.00 29.51 ? 2047 HOH A O   1 
HETATM 1157 O  O   . HOH D 4 .   ? 7.595   9.557   -7.694  1.00 27.28 ? 2048 HOH A O   1 
HETATM 1158 O  O   . HOH D 4 .   ? 9.010   8.931   -0.913  1.00 30.13 ? 2049 HOH A O   1 
HETATM 1159 O  O   . HOH D 4 .   ? 9.091   4.704   4.177   1.00 37.05 ? 2050 HOH A O   1 
HETATM 1160 O  O   . HOH D 4 .   ? 10.909  5.774   -1.541  1.00 51.88 ? 2051 HOH A O   1 
HETATM 1161 O  O   . HOH D 4 .   ? 6.238   13.840  9.031   1.00 36.17 ? 2052 HOH A O   1 
HETATM 1162 O  O   . HOH D 4 .   ? 9.696   8.094   6.451   1.00 41.91 ? 2053 HOH A O   1 
HETATM 1163 O  O   . HOH D 4 .   ? -3.682  11.843  3.503   1.00 20.78 ? 2054 HOH A O   1 
HETATM 1164 O  O   . HOH D 4 .   ? -3.450  15.865  0.720   1.00 32.30 ? 2055 HOH A O   1 
HETATM 1165 O  O   . HOH D 4 .   ? -3.520  14.671  6.233   1.00 41.48 ? 2056 HOH A O   1 
HETATM 1166 O  O   . HOH D 4 .   ? -1.294  13.299  -3.007  1.00 26.13 ? 2057 HOH A O   1 
HETATM 1167 O  O   . HOH D 4 .   ? -7.924  3.978   -9.753  1.00 17.80 ? 2058 HOH A O   1 
HETATM 1168 O  O   . HOH D 4 .   ? -11.634 6.977   -12.363 1.00 20.79 ? 2059 HOH A O   1 
HETATM 1169 O  O   . HOH D 4 .   ? -10.266 7.747   -21.874 1.00 42.92 ? 2060 HOH A O   1 
HETATM 1170 O  O   . HOH D 4 .   ? -12.497 7.162   -19.945 1.00 46.65 ? 2061 HOH A O   1 
HETATM 1171 O  O   . HOH D 4 .   ? -4.697  9.614   -18.728 1.00 41.36 ? 2062 HOH A O   1 
HETATM 1172 O  O   . HOH D 4 .   ? -4.859  2.816   -16.843 1.00 30.16 ? 2063 HOH A O   1 
HETATM 1173 O  O   . HOH D 4 .   ? -6.410  0.472   -17.259 1.00 48.19 ? 2064 HOH A O   1 
HETATM 1174 O  O   . HOH D 4 .   ? -11.202 6.033   -17.289 1.00 27.62 ? 2065 HOH A O   1 
HETATM 1175 O  O   . HOH D 4 .   ? -12.385 -2.375  -10.026 1.00 39.75 ? 2066 HOH A O   1 
HETATM 1176 O  O   . HOH D 4 .   ? -8.515  -0.925  -15.412 1.00 25.53 ? 2067 HOH A O   1 
HETATM 1177 O  O   . HOH D 4 .   ? -12.782 4.365   -11.932 1.00 38.11 ? 2068 HOH A O   1 
HETATM 1178 O  O   . HOH D 4 .   ? -7.010  -3.289  -15.260 1.00 34.88 ? 2069 HOH A O   1 
HETATM 1179 O  O   . HOH D 4 .   ? -2.223  -4.599  -11.680 1.00 34.95 ? 2070 HOH A O   1 
HETATM 1180 O  O   . HOH D 4 .   ? -7.294  -4.497  -6.311  1.00 18.08 ? 2071 HOH A O   1 
HETATM 1181 O  O   . HOH D 4 .   ? 4.013   -2.913  -7.006  1.00 41.84 ? 2072 HOH A O   1 
HETATM 1182 O  O   . HOH D 4 .   ? -1.370  -5.541  -8.965  1.00 27.82 ? 2073 HOH A O   1 
HETATM 1183 O  O   . HOH D 4 .   ? 9.177   -2.086  -5.369  1.00 23.79 ? 2074 HOH A O   1 
HETATM 1184 O  O   . HOH D 4 .   ? 5.580   -6.535  -6.893  1.00 24.45 ? 2075 HOH A O   1 
HETATM 1185 O  O   . HOH D 4 .   ? 11.557  -1.853  -6.438  1.00 31.22 ? 2076 HOH A O   1 
HETATM 1186 O  O   . HOH D 4 .   ? 15.016  -3.078  -7.797  1.00 27.46 ? 2077 HOH A O   1 
HETATM 1187 O  O   . HOH D 4 .   ? 17.793  -4.928  -5.794  1.00 32.34 ? 2078 HOH A O   1 
HETATM 1188 O  O   . HOH D 4 .   ? 17.418  -1.229  -6.168  1.00 30.82 ? 2079 HOH A O   1 
HETATM 1189 O  O   . HOH D 4 .   ? 19.468  -6.039  7.673   1.00 36.96 ? 2080 HOH A O   1 
HETATM 1190 O  O   . HOH D 4 .   ? 13.478  -14.393 15.165  1.00 31.23 ? 2081 HOH A O   1 
HETATM 1191 O  O   . HOH D 4 .   ? 12.593  -14.849 10.626  1.00 48.27 ? 2082 HOH A O   1 
HETATM 1192 O  O   . HOH D 4 .   ? 11.562  -12.894 16.258  1.00 40.35 ? 2083 HOH A O   1 
HETATM 1193 O  O   . HOH D 4 .   ? 15.149  -13.859 10.677  1.00 39.69 ? 2084 HOH A O   1 
HETATM 1194 O  O   . HOH D 4 .   ? 16.238  -7.833  10.760  1.00 25.90 ? 2085 HOH A O   1 
HETATM 1195 O  O   . HOH D 4 .   ? 6.772   -4.558  15.033  1.00 33.41 ? 2086 HOH A O   1 
HETATM 1196 O  O   . HOH D 4 .   ? 3.534   -8.167  14.827  1.00 39.24 ? 2087 HOH A O   1 
HETATM 1197 O  O   . HOH D 4 .   ? 1.743   -0.666  16.293  1.00 31.23 ? 2088 HOH A O   1 
HETATM 1198 O  O   . HOH D 4 .   ? -10.087 9.742   5.470   1.00 29.43 ? 2089 HOH A O   1 
HETATM 1199 O  O   . HOH D 4 .   ? -7.189  15.415  5.788   1.00 39.47 ? 2090 HOH A O   1 
HETATM 1200 O  O   . HOH D 4 .   ? -6.345  13.684  10.007  1.00 31.99 ? 2091 HOH A O   1 
HETATM 1201 O  O   . HOH D 4 .   ? -13.412 13.913  -0.034  1.00 38.64 ? 2092 HOH A O   1 
HETATM 1202 O  O   . HOH D 4 .   ? -4.611  14.088  2.185   1.00 21.93 ? 2093 HOH A O   1 
HETATM 1203 O  O   . HOH D 4 .   ? -10.935 15.593  -0.508  1.00 21.83 ? 2094 HOH A O   1 
HETATM 1204 O  O   . HOH D 4 .   ? -7.224  16.184  -1.654  1.00 18.52 ? 2095 HOH A O   1 
HETATM 1205 O  O   . HOH D 4 .   ? -9.217  7.092   3.572   1.00 18.02 ? 2096 HOH A O   1 
HETATM 1206 O  O   . HOH D 4 .   ? -13.502 -5.848  3.576   1.00 40.17 ? 2097 HOH A O   1 
HETATM 1207 O  O   . HOH D 4 .   ? -6.730  -7.696  9.260   1.00 23.59 ? 2098 HOH A O   1 
HETATM 1208 O  O   . HOH D 4 .   ? 0.352   -9.656  -1.176  1.00 19.85 ? 2099 HOH A O   1 
HETATM 1209 O  O   . HOH D 4 .   ? 1.263   -13.761 -2.938  1.00 33.25 ? 2100 HOH A O   1 
HETATM 1210 O  O   . HOH D 4 .   ? 11.804  -14.663 -2.696  1.00 26.96 ? 2101 HOH A O   1 
HETATM 1211 O  O   . HOH D 4 .   ? 12.515  -16.929 -4.174  1.00 34.71 ? 2102 HOH A O   1 
HETATM 1212 O  O   . HOH D 4 .   ? 12.928  -7.893  -8.473  1.00 27.09 ? 2103 HOH A O   1 
HETATM 1213 O  O   . HOH D 4 .   ? 6.821   -8.921  -9.398  1.00 37.14 ? 2104 HOH A O   1 
HETATM 1214 O  O   . HOH D 4 .   ? 8.481   -6.768  -6.852  1.00 21.94 ? 2105 HOH A O   1 
HETATM 1215 O  O   . HOH D 4 .   ? 11.567  -8.268  -10.971 1.00 36.33 ? 2106 HOH A O   1 
HETATM 1216 O  O   . HOH D 4 .   ? 5.676   -11.302 -8.723  1.00 45.03 ? 2107 HOH A O   1 
HETATM 1217 O  O   . HOH D 4 .   ? 8.870   -16.551 -10.733 1.00 32.10 ? 2108 HOH A O   1 
HETATM 1218 O  O   . HOH D 4 .   ? 7.243   -18.299 -7.203  1.00 37.74 ? 2109 HOH A O   1 
HETATM 1219 O  O   . HOH D 4 .   ? 7.103   -18.175 -4.342  1.00 31.66 ? 2110 HOH A O   1 
HETATM 1220 O  O   . HOH D 4 .   ? 5.127   -15.201 -6.578  1.00 26.23 ? 2111 HOH A O   1 
HETATM 1221 O  O   . HOH D 4 .   ? 8.946   -15.895 -1.414  1.00 34.06 ? 2112 HOH A O   1 
HETATM 1222 O  O   . HOH D 4 .   ? 8.741   -18.811 1.960   1.00 43.61 ? 2113 HOH A O   1 
HETATM 1223 O  O   . HOH D 4 .   ? 2.078   -18.043 -0.968  1.00 25.57 ? 2114 HOH A O   1 
HETATM 1224 O  O   . HOH D 4 .   ? 3.563   -17.856 4.807   1.00 39.72 ? 2115 HOH A O   1 
HETATM 1225 O  O   . HOH D 4 .   ? 2.240   -15.619 8.507   1.00 22.21 ? 2116 HOH A O   1 
HETATM 1226 O  O   . HOH D 4 .   ? -6.891  -12.077 8.937   1.00 27.96 ? 2117 HOH A O   1 
HETATM 1227 O  O   . HOH D 4 .   ? -3.810  -14.847 7.068   1.00 25.64 ? 2118 HOH A O   1 
HETATM 1228 O  O   . HOH D 4 .   ? -10.072 -11.029 3.437   1.00 39.19 ? 2119 HOH A O   1 
HETATM 1229 O  O   . HOH D 4 .   ? -9.315  -9.930  8.884   1.00 26.91 ? 2120 HOH A O   1 
HETATM 1230 O  O   . HOH D 4 .   ? -14.414 -3.137  6.423   1.00 28.41 ? 2121 HOH A O   1 
HETATM 1231 O  O   . HOH D 4 .   ? -8.906  -2.707  11.276  1.00 14.63 ? 2122 HOH A O   1 
HETATM 1232 O  O   . HOH D 4 .   ? -8.976  0.804   6.316   1.00 18.21 ? 2123 HOH A O   1 
HETATM 1233 O  O   . HOH D 4 .   ? -15.021 1.410   12.435  1.00 43.56 ? 2124 HOH A O   1 
HETATM 1234 O  O   . HOH D 4 .   ? -9.362  -0.218  13.071  1.00 35.91 ? 2125 HOH A O   1 
HETATM 1235 O  O   . HOH D 4 .   ? -15.702 -1.301  8.948   1.00 32.89 ? 2126 HOH A O   1 
HETATM 1236 O  O   . HOH D 4 .   ? -12.970 7.607   10.216  1.00 28.23 ? 2127 HOH A O   1 
HETATM 1237 O  O   . HOH D 4 .   ? -6.239  0.236   14.012  1.00 31.75 ? 2128 HOH A O   1 
HETATM 1238 O  O   . HOH D 4 .   ? -5.066  2.806   14.990  1.00 25.86 ? 2129 HOH A O   1 
HETATM 1239 O  O   . HOH D 4 .   ? -5.072  -5.973  11.086  1.00 30.64 ? 2130 HOH A O   1 
HETATM 1240 O  O   . HOH D 4 .   ? -4.751  -1.915  13.413  1.00 24.76 ? 2131 HOH A O   1 
HETATM 1241 O  O   . HOH D 4 .   ? -3.246  -7.880  12.280  1.00 24.57 ? 2132 HOH A O   1 
HETATM 1242 O  O   . HOH D 4 .   ? -1.422  -13.203 11.988  1.00 45.13 ? 2133 HOH A O   1 
HETATM 1243 O  O   . HOH D 4 .   ? 4.822   -11.645 15.466  1.00 43.45 ? 2134 HOH A O   1 
HETATM 1244 O  O   . HOH D 4 .   ? 1.400   -15.073 11.090  1.00 28.79 ? 2135 HOH A O   1 
HETATM 1245 O  O   . HOH D 4 .   ? 2.644   -19.485 14.023  1.00 31.61 ? 2136 HOH A O   1 
HETATM 1246 O  O   . HOH D 4 .   ? 4.765   -18.266 10.718  0.50 38.98 ? 2137 HOH A O   1 
HETATM 1247 O  O   . HOH D 4 .   ? 4.814   -14.728 8.570   1.00 24.35 ? 2138 HOH A O   1 
HETATM 1248 O  O   . HOH D 4 .   ? 6.497   -18.706 13.482  1.00 34.99 ? 2139 HOH A O   1 
HETATM 1249 O  O   . HOH D 4 .   ? 6.741   -14.178 15.326  1.00 31.09 ? 2140 HOH A O   1 
HETATM 1250 O  O   . HOH D 4 .   ? 8.816   -16.712 12.778  1.00 31.05 ? 2141 HOH A O   1 
HETATM 1251 O  O   . HOH D 4 .   ? 10.192  -9.393  13.493  1.00 42.98 ? 2142 HOH A O   1 
HETATM 1252 O  O   . HOH D 4 .   ? 15.816  -15.259 4.585   1.00 36.50 ? 2143 HOH A O   1 
HETATM 1253 O  O   . HOH D 4 .   ? 11.922  -16.075 7.740   1.00 32.61 ? 2144 HOH A O   1 
HETATM 1254 O  O   . HOH D 4 .   ? 11.041  -15.072 3.411   1.00 24.21 ? 2145 HOH A O   1 
HETATM 1255 O  O   . HOH D 4 .   ? 16.726  -15.631 9.051   1.00 37.03 ? 2146 HOH A O   1 
HETATM 1256 O  O   . HOH D 4 .   ? 19.992  -6.541  0.130   1.00 34.96 ? 2147 HOH A O   1 
HETATM 1257 O  O   . HOH D 4 .   ? 17.444  -2.637  -2.253  1.00 26.85 ? 2148 HOH A O   1 
HETATM 1258 O  O   . HOH D 4 .   ? 16.965  -6.826  -7.996  1.00 31.41 ? 2149 HOH A O   1 
HETATM 1259 O  O   . HOH D 4 .   ? 14.699  -5.812  -9.056  1.00 38.58 ? 2150 HOH A O   1 
HETATM 1260 O  O   . HOH D 4 .   ? 16.812  -8.117  -4.571  1.00 37.65 ? 2151 HOH A O   1 
HETATM 1261 O  O   . HOH D 4 .   ? -1.743  -8.297  -9.792  1.00 33.14 ? 2152 HOH A O   1 
HETATM 1262 O  O   . HOH D 4 .   ? 1.733   -7.618  -10.718 1.00 36.02 ? 2153 HOH A O   1 
HETATM 1263 O  O   . HOH D 4 .   ? 2.558   -11.133 -5.044  1.00 47.32 ? 2154 HOH A O   1 
HETATM 1264 O  O   . HOH D 4 .   ? -0.764  -11.397 -7.815  1.00 37.04 ? 2155 HOH A O   1 
HETATM 1265 O  O   . HOH D 4 .   ? -3.346  -6.880  -6.341  1.00 24.88 ? 2156 HOH A O   1 
HETATM 1266 O  O   . HOH D 4 .   ? -0.496  -11.561 -5.190  1.00 40.70 ? 2157 HOH A O   1 
HETATM 1267 O  O   . HOH D 4 .   ? -6.077  -8.650  -5.357  1.00 33.43 ? 2158 HOH A O   1 
HETATM 1268 O  O   . HOH D 4 .   ? -8.338  -10.300 1.447   1.00 31.47 ? 2159 HOH A O   1 
HETATM 1269 O  O   . HOH D 4 .   ? -13.609 -7.540  1.829   1.00 34.09 ? 2160 HOH A O   1 
HETATM 1270 O  O   . HOH D 4 .   ? -17.554 1.798   -1.460  1.00 26.69 ? 2161 HOH A O   1 
HETATM 1271 O  O   . HOH D 4 .   ? -18.323 4.055   1.420   1.00 36.56 ? 2162 HOH A O   1 
HETATM 1272 O  O   . HOH D 4 .   ? -14.716 11.073  2.582   1.00 43.91 ? 2163 HOH A O   1 
HETATM 1273 O  O   . HOH D 4 .   ? -15.566 7.722   -10.006 1.00 33.14 ? 2164 HOH A O   1 
HETATM 1274 O  O   . HOH D 4 .   ? -12.532 2.342   -4.493  1.00 22.80 ? 2165 HOH A O   1 
HETATM 1275 O  O   . HOH D 4 .   ? -15.289 -3.157  1.890   1.00 26.29 ? 2166 HOH A O   1 
HETATM 1276 O  O   . HOH D 4 .   ? -16.087 -2.229  4.427   1.00 34.17 ? 2167 HOH A O   1 
HETATM 1277 O  O   . HOH D 4 .   ? -9.763  -3.495  -5.825  1.00 17.61 ? 2168 HOH A O   1 
HETATM 1278 O  O   . HOH D 4 .   ? -6.795  5.574   2.070   1.00 17.01 ? 2169 HOH A O   1 
HETATM 1279 O  O   . HOH D 4 .   ? 5.402   6.759   7.665   1.00 22.42 ? 2170 HOH A O   1 
HETATM 1280 O  O   . HOH D 4 .   ? 6.289   5.330   4.774   1.00 25.90 ? 2171 HOH A O   1 
HETATM 1281 O  O   . HOH D 4 .   ? 10.365  1.036   9.102   1.00 44.82 ? 2172 HOH A O   1 
HETATM 1282 O  O   . HOH D 4 .   ? 4.643   0.782   13.225  1.00 38.03 ? 2173 HOH A O   1 
HETATM 1283 O  O   . HOH D 4 .   ? 10.077  0.048   13.266  1.00 39.50 ? 2174 HOH A O   1 
HETATM 1284 O  O   . HOH D 4 .   ? 11.347  -2.250  13.204  1.00 36.53 ? 2175 HOH A O   1 
HETATM 1285 O  O   . HOH D 4 .   ? -12.983 9.175   -11.228 1.00 23.31 ? 2176 HOH A O   1 
HETATM 1286 O  O   . HOH D 4 .   ? -7.761  15.341  -4.217  1.00 20.49 ? 2177 HOH A O   1 
HETATM 1287 O  O   . HOH D 4 .   ? -14.240 12.366  -3.669  1.00 24.59 ? 2178 HOH A O   1 
HETATM 1288 O  O   . HOH D 4 .   ? -15.048 9.765   -7.687  1.00 20.62 ? 2179 HOH A O   1 
# 
